data_1LID
# 
_entry.id   1LID 
# 
_audit_conform.dict_name       mmcif_pdbx.dic 
_audit_conform.dict_version    5.386 
_audit_conform.dict_location   http://mmcif.pdb.org/dictionaries/ascii/mmcif_pdbx.dic 
# 
loop_
_database_2.database_id 
_database_2.database_code 
_database_2.pdbx_database_accession 
_database_2.pdbx_DOI 
PDB   1LID         pdb_00001lid 10.2210/pdb1lid/pdb 
WWPDB D_1000174731 ?            ?                   
# 
loop_
_pdbx_audit_revision_history.ordinal 
_pdbx_audit_revision_history.data_content_type 
_pdbx_audit_revision_history.major_revision 
_pdbx_audit_revision_history.minor_revision 
_pdbx_audit_revision_history.revision_date 
1 'Structure model' 1 0 1994-04-30 
2 'Structure model' 1 1 2008-03-24 
3 'Structure model' 1 2 2011-07-13 
4 'Structure model' 1 3 2017-11-29 
5 'Structure model' 1 4 2019-07-17 
6 'Structure model' 1 5 2019-08-14 
7 'Structure model' 1 6 2024-02-14 
# 
_pdbx_audit_revision_details.ordinal             1 
_pdbx_audit_revision_details.revision_ordinal    1 
_pdbx_audit_revision_details.data_content_type   'Structure model' 
_pdbx_audit_revision_details.provider            repository 
_pdbx_audit_revision_details.type                'Initial release' 
_pdbx_audit_revision_details.description         ? 
_pdbx_audit_revision_details.details             ? 
# 
loop_
_pdbx_audit_revision_group.ordinal 
_pdbx_audit_revision_group.revision_ordinal 
_pdbx_audit_revision_group.data_content_type 
_pdbx_audit_revision_group.group 
1  2 'Structure model' 'Version format compliance' 
2  3 'Structure model' 'Version format compliance' 
3  4 'Structure model' Advisory                    
4  4 'Structure model' 'Derived calculations'      
5  4 'Structure model' Other                       
6  4 'Structure model' 'Structure summary'         
7  5 'Structure model' 'Data collection'           
8  5 'Structure model' 'Refinement description'    
9  6 'Structure model' 'Data collection'           
10 6 'Structure model' 'Refinement description'    
11 7 'Structure model' Advisory                    
12 7 'Structure model' 'Data collection'           
13 7 'Structure model' 'Database references'       
14 7 'Structure model' 'Derived calculations'      
# 
loop_
_pdbx_audit_revision_category.ordinal 
_pdbx_audit_revision_category.revision_ordinal 
_pdbx_audit_revision_category.data_content_type 
_pdbx_audit_revision_category.category 
1  4 'Structure model' pdbx_database_status         
2  4 'Structure model' pdbx_unobs_or_zero_occ_atoms 
3  4 'Structure model' struct_conf                  
4  4 'Structure model' struct_conf_type             
5  4 'Structure model' struct_keywords              
6  5 'Structure model' software                     
7  6 'Structure model' software                     
8  7 'Structure model' chem_comp_atom               
9  7 'Structure model' chem_comp_bond               
10 7 'Structure model' database_2                   
11 7 'Structure model' pdbx_unobs_or_zero_occ_atoms 
12 7 'Structure model' struct_site                  
# 
loop_
_pdbx_audit_revision_item.ordinal 
_pdbx_audit_revision_item.revision_ordinal 
_pdbx_audit_revision_item.data_content_type 
_pdbx_audit_revision_item.item 
1 4 'Structure model' '_pdbx_database_status.process_site'  
2 4 'Structure model' '_struct_keywords.text'               
3 5 'Structure model' '_software.classification'            
4 6 'Structure model' '_software.classification'            
5 7 'Structure model' '_database_2.pdbx_DOI'                
6 7 'Structure model' '_database_2.pdbx_database_accession' 
7 7 'Structure model' '_struct_site.pdbx_auth_asym_id'      
8 7 'Structure model' '_struct_site.pdbx_auth_comp_id'      
9 7 'Structure model' '_struct_site.pdbx_auth_seq_id'       
# 
_pdbx_database_status.status_code                     REL 
_pdbx_database_status.entry_id                        1LID 
_pdbx_database_status.recvd_initial_deposition_date   1993-12-21 
_pdbx_database_status.deposit_site                    ? 
_pdbx_database_status.process_site                    BNL 
_pdbx_database_status.SG_entry                        . 
_pdbx_database_status.pdb_format_compatible           Y 
_pdbx_database_status.status_code_mr                  ? 
_pdbx_database_status.status_code_sf                  ? 
_pdbx_database_status.status_code_cs                  ? 
_pdbx_database_status.methods_development_category    ? 
_pdbx_database_status.status_code_nmr_data            ? 
# 
loop_
_audit_author.name 
_audit_author.pdbx_ordinal 
'Zu, Z.'         1 
'Bernlohr, D.A.' 2 
'Banaszak, L.J.' 3 
# 
loop_
_citation.id 
_citation.title 
_citation.journal_abbrev 
_citation.journal_volume 
_citation.page_first 
_citation.page_last 
_citation.year 
_citation.journal_id_ASTM 
_citation.country 
_citation.journal_id_ISSN 
_citation.journal_id_CSD 
_citation.book_publisher 
_citation.pdbx_database_id_PubMed 
_citation.pdbx_database_id_DOI 
primary 
;The adipocyte lipid-binding protein at 1.6-A resolution. Crystal structures of the apoprotein and with bound saturated and unsaturated fatty acids.
;
J.Biol.Chem. 268 7874 7884 1993 JBCHA3 US 0021-9258 0071 ? 8463311 ? 
1       'Crystal Structure of Recombinant Murine Adipocyte Lipid-Binding Protein' Biochemistry 31  6    ?    1992 BICHAW US 
0006-2960 0033 ? ?       ? 
# 
loop_
_citation_author.citation_id 
_citation_author.name 
_citation_author.ordinal 
_citation_author.identifier_ORCID 
primary 'Xu, Z.'         1 ? 
primary 'Bernlohr, D.A.' 2 ? 
primary 'Banaszak, L.J.' 3 ? 
1       'Xu, Z.'         4 ? 
1       'Bernlohr, D.A.' 5 ? 
1       'Banaszak, L.J.' 6 ? 
# 
loop_
_entity.id 
_entity.type 
_entity.src_method 
_entity.pdbx_description 
_entity.formula_weight 
_entity.pdbx_number_of_molecules 
_entity.pdbx_ec 
_entity.pdbx_mutation 
_entity.pdbx_fragment 
_entity.details 
1 polymer     man 'ADIPOCYTE LIPID-BINDING PROTEIN' 14539.688 1  ? ? ? ? 
2 non-polymer syn 'OLEIC ACID'                      282.461   1  ? ? ? ? 
3 water       nat water                             18.015    92 ? ? ? ? 
# 
_entity_poly.entity_id                      1 
_entity_poly.type                           'polypeptide(L)' 
_entity_poly.nstd_linkage                   no 
_entity_poly.nstd_monomer                   no 
_entity_poly.pdbx_seq_one_letter_code       
;CDAFVGTWKLVSSENFDDYMKEVGVGFATRKVAGMAKPNMIISVNGDLVTIRSESTFKNTEISFKLGVEFDEITADDRKV
KSIITLDGGALVQVQKWDGKSTTIKRKRDGDKLVVECVMKGVTSTRVYERA
;
_entity_poly.pdbx_seq_one_letter_code_can   
;CDAFVGTWKLVSSENFDDYMKEVGVGFATRKVAGMAKPNMIISVNGDLVTIRSESTFKNTEISFKLGVEFDEITADDRKV
KSIITLDGGALVQVQKWDGKSTTIKRKRDGDKLVVECVMKGVTSTRVYERA
;
_entity_poly.pdbx_strand_id                 A 
_entity_poly.pdbx_target_identifier         ? 
# 
loop_
_pdbx_entity_nonpoly.entity_id 
_pdbx_entity_nonpoly.name 
_pdbx_entity_nonpoly.comp_id 
2 'OLEIC ACID' OLA 
3 water        HOH 
# 
loop_
_entity_poly_seq.entity_id 
_entity_poly_seq.num 
_entity_poly_seq.mon_id 
_entity_poly_seq.hetero 
1 1   CYS n 
1 2   ASP n 
1 3   ALA n 
1 4   PHE n 
1 5   VAL n 
1 6   GLY n 
1 7   THR n 
1 8   TRP n 
1 9   LYS n 
1 10  LEU n 
1 11  VAL n 
1 12  SER n 
1 13  SER n 
1 14  GLU n 
1 15  ASN n 
1 16  PHE n 
1 17  ASP n 
1 18  ASP n 
1 19  TYR n 
1 20  MET n 
1 21  LYS n 
1 22  GLU n 
1 23  VAL n 
1 24  GLY n 
1 25  VAL n 
1 26  GLY n 
1 27  PHE n 
1 28  ALA n 
1 29  THR n 
1 30  ARG n 
1 31  LYS n 
1 32  VAL n 
1 33  ALA n 
1 34  GLY n 
1 35  MET n 
1 36  ALA n 
1 37  LYS n 
1 38  PRO n 
1 39  ASN n 
1 40  MET n 
1 41  ILE n 
1 42  ILE n 
1 43  SER n 
1 44  VAL n 
1 45  ASN n 
1 46  GLY n 
1 47  ASP n 
1 48  LEU n 
1 49  VAL n 
1 50  THR n 
1 51  ILE n 
1 52  ARG n 
1 53  SER n 
1 54  GLU n 
1 55  SER n 
1 56  THR n 
1 57  PHE n 
1 58  LYS n 
1 59  ASN n 
1 60  THR n 
1 61  GLU n 
1 62  ILE n 
1 63  SER n 
1 64  PHE n 
1 65  LYS n 
1 66  LEU n 
1 67  GLY n 
1 68  VAL n 
1 69  GLU n 
1 70  PHE n 
1 71  ASP n 
1 72  GLU n 
1 73  ILE n 
1 74  THR n 
1 75  ALA n 
1 76  ASP n 
1 77  ASP n 
1 78  ARG n 
1 79  LYS n 
1 80  VAL n 
1 81  LYS n 
1 82  SER n 
1 83  ILE n 
1 84  ILE n 
1 85  THR n 
1 86  LEU n 
1 87  ASP n 
1 88  GLY n 
1 89  GLY n 
1 90  ALA n 
1 91  LEU n 
1 92  VAL n 
1 93  GLN n 
1 94  VAL n 
1 95  GLN n 
1 96  LYS n 
1 97  TRP n 
1 98  ASP n 
1 99  GLY n 
1 100 LYS n 
1 101 SER n 
1 102 THR n 
1 103 THR n 
1 104 ILE n 
1 105 LYS n 
1 106 ARG n 
1 107 LYS n 
1 108 ARG n 
1 109 ASP n 
1 110 GLY n 
1 111 ASP n 
1 112 LYS n 
1 113 LEU n 
1 114 VAL n 
1 115 VAL n 
1 116 GLU n 
1 117 CYS n 
1 118 VAL n 
1 119 MET n 
1 120 LYS n 
1 121 GLY n 
1 122 VAL n 
1 123 THR n 
1 124 SER n 
1 125 THR n 
1 126 ARG n 
1 127 VAL n 
1 128 TYR n 
1 129 GLU n 
1 130 ARG n 
1 131 ALA n 
# 
_entity_src_gen.entity_id                          1 
_entity_src_gen.pdbx_src_id                        1 
_entity_src_gen.pdbx_alt_source_flag               sample 
_entity_src_gen.pdbx_seq_type                      ? 
_entity_src_gen.pdbx_beg_seq_num                   ? 
_entity_src_gen.pdbx_end_seq_num                   ? 
_entity_src_gen.gene_src_common_name               'house mouse' 
_entity_src_gen.gene_src_genus                     Mus 
_entity_src_gen.pdbx_gene_src_gene                 ? 
_entity_src_gen.gene_src_species                   ? 
_entity_src_gen.gene_src_strain                    ? 
_entity_src_gen.gene_src_tissue                    ? 
_entity_src_gen.gene_src_tissue_fraction           ? 
_entity_src_gen.gene_src_details                   ? 
_entity_src_gen.pdbx_gene_src_fragment             ? 
_entity_src_gen.pdbx_gene_src_scientific_name      'Mus musculus' 
_entity_src_gen.pdbx_gene_src_ncbi_taxonomy_id     10090 
_entity_src_gen.pdbx_gene_src_variant              ? 
_entity_src_gen.pdbx_gene_src_cell_line            ? 
_entity_src_gen.pdbx_gene_src_atcc                 ? 
_entity_src_gen.pdbx_gene_src_organ                ? 
_entity_src_gen.pdbx_gene_src_organelle            ? 
_entity_src_gen.pdbx_gene_src_cell                 ? 
_entity_src_gen.pdbx_gene_src_cellular_location    ? 
_entity_src_gen.host_org_common_name               ? 
_entity_src_gen.pdbx_host_org_scientific_name      'Escherichia coli' 
_entity_src_gen.pdbx_host_org_ncbi_taxonomy_id     562 
_entity_src_gen.host_org_genus                     Escherichia 
_entity_src_gen.pdbx_host_org_gene                 ? 
_entity_src_gen.pdbx_host_org_organ                ? 
_entity_src_gen.host_org_species                   ? 
_entity_src_gen.pdbx_host_org_tissue               ? 
_entity_src_gen.pdbx_host_org_tissue_fraction      ? 
_entity_src_gen.pdbx_host_org_strain               ? 
_entity_src_gen.pdbx_host_org_variant              ? 
_entity_src_gen.pdbx_host_org_cell_line            ? 
_entity_src_gen.pdbx_host_org_atcc                 ? 
_entity_src_gen.pdbx_host_org_culture_collection   ? 
_entity_src_gen.pdbx_host_org_cell                 ? 
_entity_src_gen.pdbx_host_org_organelle            ? 
_entity_src_gen.pdbx_host_org_cellular_location    ? 
_entity_src_gen.pdbx_host_org_vector_type          ? 
_entity_src_gen.pdbx_host_org_vector               ? 
_entity_src_gen.host_org_details                   ? 
_entity_src_gen.expression_system_id               ? 
_entity_src_gen.plasmid_name                       ? 
_entity_src_gen.plasmid_details                    ? 
_entity_src_gen.pdbx_description                   ? 
# 
loop_
_chem_comp.id 
_chem_comp.type 
_chem_comp.mon_nstd_flag 
_chem_comp.name 
_chem_comp.pdbx_synonyms 
_chem_comp.formula 
_chem_comp.formula_weight 
ALA 'L-peptide linking' y ALANINE         ? 'C3 H7 N O2'     89.093  
ARG 'L-peptide linking' y ARGININE        ? 'C6 H15 N4 O2 1' 175.209 
ASN 'L-peptide linking' y ASPARAGINE      ? 'C4 H8 N2 O3'    132.118 
ASP 'L-peptide linking' y 'ASPARTIC ACID' ? 'C4 H7 N O4'     133.103 
CYS 'L-peptide linking' y CYSTEINE        ? 'C3 H7 N O2 S'   121.158 
GLN 'L-peptide linking' y GLUTAMINE       ? 'C5 H10 N2 O3'   146.144 
GLU 'L-peptide linking' y 'GLUTAMIC ACID' ? 'C5 H9 N O4'     147.129 
GLY 'peptide linking'   y GLYCINE         ? 'C2 H5 N O2'     75.067  
HOH non-polymer         . WATER           ? 'H2 O'           18.015  
ILE 'L-peptide linking' y ISOLEUCINE      ? 'C6 H13 N O2'    131.173 
LEU 'L-peptide linking' y LEUCINE         ? 'C6 H13 N O2'    131.173 
LYS 'L-peptide linking' y LYSINE          ? 'C6 H15 N2 O2 1' 147.195 
MET 'L-peptide linking' y METHIONINE      ? 'C5 H11 N O2 S'  149.211 
OLA non-polymer         . 'OLEIC ACID'    ? 'C18 H34 O2'     282.461 
PHE 'L-peptide linking' y PHENYLALANINE   ? 'C9 H11 N O2'    165.189 
PRO 'L-peptide linking' y PROLINE         ? 'C5 H9 N O2'     115.130 
SER 'L-peptide linking' y SERINE          ? 'C3 H7 N O3'     105.093 
THR 'L-peptide linking' y THREONINE       ? 'C4 H9 N O3'     119.119 
TRP 'L-peptide linking' y TRYPTOPHAN      ? 'C11 H12 N2 O2'  204.225 
TYR 'L-peptide linking' y TYROSINE        ? 'C9 H11 N O3'    181.189 
VAL 'L-peptide linking' y VALINE          ? 'C5 H11 N O2'    117.146 
# 
loop_
_pdbx_poly_seq_scheme.asym_id 
_pdbx_poly_seq_scheme.entity_id 
_pdbx_poly_seq_scheme.seq_id 
_pdbx_poly_seq_scheme.mon_id 
_pdbx_poly_seq_scheme.ndb_seq_num 
_pdbx_poly_seq_scheme.pdb_seq_num 
_pdbx_poly_seq_scheme.auth_seq_num 
_pdbx_poly_seq_scheme.pdb_mon_id 
_pdbx_poly_seq_scheme.auth_mon_id 
_pdbx_poly_seq_scheme.pdb_strand_id 
_pdbx_poly_seq_scheme.pdb_ins_code 
_pdbx_poly_seq_scheme.hetero 
A 1 1   CYS 1   1   1   CYS CYS A . n 
A 1 2   ASP 2   2   2   ASP ASP A . n 
A 1 3   ALA 3   3   3   ALA ALA A . n 
A 1 4   PHE 4   4   4   PHE PHE A . n 
A 1 5   VAL 5   5   5   VAL VAL A . n 
A 1 6   GLY 6   6   6   GLY GLY A . n 
A 1 7   THR 7   7   7   THR THR A . n 
A 1 8   TRP 8   8   8   TRP TRP A . n 
A 1 9   LYS 9   9   9   LYS LYS A . n 
A 1 10  LEU 10  10  10  LEU LEU A . n 
A 1 11  VAL 11  11  11  VAL VAL A . n 
A 1 12  SER 12  12  12  SER SER A . n 
A 1 13  SER 13  13  13  SER SER A . n 
A 1 14  GLU 14  14  14  GLU GLU A . n 
A 1 15  ASN 15  15  15  ASN ASN A . n 
A 1 16  PHE 16  16  16  PHE PHE A . n 
A 1 17  ASP 17  17  17  ASP ASP A . n 
A 1 18  ASP 18  18  18  ASP ASP A . n 
A 1 19  TYR 19  19  19  TYR TYR A . n 
A 1 20  MET 20  20  20  MET MET A . n 
A 1 21  LYS 21  21  21  LYS LYS A . n 
A 1 22  GLU 22  22  22  GLU GLU A . n 
A 1 23  VAL 23  23  23  VAL VAL A . n 
A 1 24  GLY 24  24  24  GLY GLY A . n 
A 1 25  VAL 25  25  25  VAL VAL A . n 
A 1 26  GLY 26  26  26  GLY GLY A . n 
A 1 27  PHE 27  27  27  PHE PHE A . n 
A 1 28  ALA 28  28  28  ALA ALA A . n 
A 1 29  THR 29  29  29  THR THR A . n 
A 1 30  ARG 30  30  30  ARG ARG A . n 
A 1 31  LYS 31  31  31  LYS LYS A . n 
A 1 32  VAL 32  32  32  VAL VAL A . n 
A 1 33  ALA 33  33  33  ALA ALA A . n 
A 1 34  GLY 34  34  34  GLY GLY A . n 
A 1 35  MET 35  35  35  MET MET A . n 
A 1 36  ALA 36  36  36  ALA ALA A . n 
A 1 37  LYS 37  37  37  LYS LYS A . n 
A 1 38  PRO 38  38  38  PRO PRO A . n 
A 1 39  ASN 39  39  39  ASN ASN A . n 
A 1 40  MET 40  40  40  MET MET A . n 
A 1 41  ILE 41  41  41  ILE ILE A . n 
A 1 42  ILE 42  42  42  ILE ILE A . n 
A 1 43  SER 43  43  43  SER SER A . n 
A 1 44  VAL 44  44  44  VAL VAL A . n 
A 1 45  ASN 45  45  45  ASN ASN A . n 
A 1 46  GLY 46  46  46  GLY GLY A . n 
A 1 47  ASP 47  47  47  ASP ASP A . n 
A 1 48  LEU 48  48  48  LEU LEU A . n 
A 1 49  VAL 49  49  49  VAL VAL A . n 
A 1 50  THR 50  50  50  THR THR A . n 
A 1 51  ILE 51  51  51  ILE ILE A . n 
A 1 52  ARG 52  52  52  ARG ARG A . n 
A 1 53  SER 53  53  53  SER SER A . n 
A 1 54  GLU 54  54  54  GLU GLU A . n 
A 1 55  SER 55  55  55  SER SER A . n 
A 1 56  THR 56  56  56  THR THR A . n 
A 1 57  PHE 57  57  57  PHE PHE A . n 
A 1 58  LYS 58  58  58  LYS LYS A . n 
A 1 59  ASN 59  59  59  ASN ASN A . n 
A 1 60  THR 60  60  60  THR THR A . n 
A 1 61  GLU 61  61  61  GLU GLU A . n 
A 1 62  ILE 62  62  62  ILE ILE A . n 
A 1 63  SER 63  63  63  SER SER A . n 
A 1 64  PHE 64  64  64  PHE PHE A . n 
A 1 65  LYS 65  65  65  LYS LYS A . n 
A 1 66  LEU 66  66  66  LEU LEU A . n 
A 1 67  GLY 67  67  67  GLY GLY A . n 
A 1 68  VAL 68  68  68  VAL VAL A . n 
A 1 69  GLU 69  69  69  GLU GLU A . n 
A 1 70  PHE 70  70  70  PHE PHE A . n 
A 1 71  ASP 71  71  71  ASP ASP A . n 
A 1 72  GLU 72  72  72  GLU GLU A . n 
A 1 73  ILE 73  73  73  ILE ILE A . n 
A 1 74  THR 74  74  74  THR THR A . n 
A 1 75  ALA 75  75  75  ALA ALA A . n 
A 1 76  ASP 76  76  76  ASP ASP A . n 
A 1 77  ASP 77  77  77  ASP ASP A . n 
A 1 78  ARG 78  78  78  ARG ARG A . n 
A 1 79  LYS 79  79  79  LYS LYS A . n 
A 1 80  VAL 80  80  80  VAL VAL A . n 
A 1 81  LYS 81  81  81  LYS LYS A . n 
A 1 82  SER 82  82  82  SER SER A . n 
A 1 83  ILE 83  83  83  ILE ILE A . n 
A 1 84  ILE 84  84  84  ILE ILE A . n 
A 1 85  THR 85  85  85  THR THR A . n 
A 1 86  LEU 86  86  86  LEU LEU A . n 
A 1 87  ASP 87  87  87  ASP ASP A . n 
A 1 88  GLY 88  88  88  GLY GLY A . n 
A 1 89  GLY 89  89  89  GLY GLY A . n 
A 1 90  ALA 90  90  90  ALA ALA A . n 
A 1 91  LEU 91  91  91  LEU LEU A . n 
A 1 92  VAL 92  92  92  VAL VAL A . n 
A 1 93  GLN 93  93  93  GLN GLN A . n 
A 1 94  VAL 94  94  94  VAL VAL A . n 
A 1 95  GLN 95  95  95  GLN GLN A . n 
A 1 96  LYS 96  96  96  LYS LYS A . n 
A 1 97  TRP 97  97  97  TRP TRP A . n 
A 1 98  ASP 98  98  98  ASP ASP A . n 
A 1 99  GLY 99  99  99  GLY GLY A . n 
A 1 100 LYS 100 100 100 LYS LYS A . n 
A 1 101 SER 101 101 101 SER SER A . n 
A 1 102 THR 102 102 102 THR THR A . n 
A 1 103 THR 103 103 103 THR THR A . n 
A 1 104 ILE 104 104 104 ILE ILE A . n 
A 1 105 LYS 105 105 105 LYS LYS A . n 
A 1 106 ARG 106 106 106 ARG ARG A . n 
A 1 107 LYS 107 107 107 LYS LYS A . n 
A 1 108 ARG 108 108 108 ARG ARG A . n 
A 1 109 ASP 109 109 109 ASP ASP A . n 
A 1 110 GLY 110 110 110 GLY GLY A . n 
A 1 111 ASP 111 111 111 ASP ASP A . n 
A 1 112 LYS 112 112 112 LYS LYS A . n 
A 1 113 LEU 113 113 113 LEU LEU A . n 
A 1 114 VAL 114 114 114 VAL VAL A . n 
A 1 115 VAL 115 115 115 VAL VAL A . n 
A 1 116 GLU 116 116 116 GLU GLU A . n 
A 1 117 CYS 117 117 117 CYS CYS A . n 
A 1 118 VAL 118 118 118 VAL VAL A . n 
A 1 119 MET 119 119 119 MET MET A . n 
A 1 120 LYS 120 120 120 LYS LYS A . n 
A 1 121 GLY 121 121 121 GLY GLY A . n 
A 1 122 VAL 122 122 122 VAL VAL A . n 
A 1 123 THR 123 123 123 THR THR A . n 
A 1 124 SER 124 124 124 SER SER A . n 
A 1 125 THR 125 125 125 THR THR A . n 
A 1 126 ARG 126 126 126 ARG ARG A . n 
A 1 127 VAL 127 127 127 VAL VAL A . n 
A 1 128 TYR 128 128 128 TYR TYR A . n 
A 1 129 GLU 129 129 129 GLU GLU A . n 
A 1 130 ARG 130 130 130 ARG ARG A . n 
A 1 131 ALA 131 131 131 ALA ALA A . n 
# 
loop_
_pdbx_nonpoly_scheme.asym_id 
_pdbx_nonpoly_scheme.entity_id 
_pdbx_nonpoly_scheme.mon_id 
_pdbx_nonpoly_scheme.ndb_seq_num 
_pdbx_nonpoly_scheme.pdb_seq_num 
_pdbx_nonpoly_scheme.auth_seq_num 
_pdbx_nonpoly_scheme.pdb_mon_id 
_pdbx_nonpoly_scheme.auth_mon_id 
_pdbx_nonpoly_scheme.pdb_strand_id 
_pdbx_nonpoly_scheme.pdb_ins_code 
B 2 OLA 1  132 132 OLA OLA A . 
C 3 HOH 1  133 133 HOH HOH A . 
C 3 HOH 2  134 134 HOH HOH A . 
C 3 HOH 3  135 135 HOH HOH A . 
C 3 HOH 4  136 136 HOH HOH A . 
C 3 HOH 5  137 137 HOH HOH A . 
C 3 HOH 6  138 138 HOH HOH A . 
C 3 HOH 7  139 139 HOH HOH A . 
C 3 HOH 8  140 140 HOH HOH A . 
C 3 HOH 9  141 141 HOH HOH A . 
C 3 HOH 10 142 142 HOH HOH A . 
C 3 HOH 11 143 143 HOH HOH A . 
C 3 HOH 12 144 144 HOH HOH A . 
C 3 HOH 13 145 145 HOH HOH A . 
C 3 HOH 14 146 146 HOH HOH A . 
C 3 HOH 15 147 147 HOH HOH A . 
C 3 HOH 16 148 148 HOH HOH A . 
C 3 HOH 17 149 149 HOH HOH A . 
C 3 HOH 18 150 150 HOH HOH A . 
C 3 HOH 19 151 151 HOH HOH A . 
C 3 HOH 20 152 152 HOH HOH A . 
C 3 HOH 21 153 153 HOH HOH A . 
C 3 HOH 22 154 154 HOH HOH A . 
C 3 HOH 23 155 155 HOH HOH A . 
C 3 HOH 24 156 156 HOH HOH A . 
C 3 HOH 25 157 157 HOH HOH A . 
C 3 HOH 26 158 158 HOH HOH A . 
C 3 HOH 27 159 159 HOH HOH A . 
C 3 HOH 28 160 160 HOH HOH A . 
C 3 HOH 29 161 161 HOH HOH A . 
C 3 HOH 30 162 162 HOH HOH A . 
C 3 HOH 31 163 163 HOH HOH A . 
C 3 HOH 32 164 164 HOH HOH A . 
C 3 HOH 33 165 165 HOH HOH A . 
C 3 HOH 34 166 166 HOH HOH A . 
C 3 HOH 35 167 167 HOH HOH A . 
C 3 HOH 36 168 168 HOH HOH A . 
C 3 HOH 37 169 169 HOH HOH A . 
C 3 HOH 38 170 170 HOH HOH A . 
C 3 HOH 39 171 171 HOH HOH A . 
C 3 HOH 40 172 172 HOH HOH A . 
C 3 HOH 41 173 173 HOH HOH A . 
C 3 HOH 42 174 174 HOH HOH A . 
C 3 HOH 43 175 175 HOH HOH A . 
C 3 HOH 44 176 176 HOH HOH A . 
C 3 HOH 45 177 177 HOH HOH A . 
C 3 HOH 46 178 178 HOH HOH A . 
C 3 HOH 47 179 179 HOH HOH A . 
C 3 HOH 48 180 180 HOH HOH A . 
C 3 HOH 49 181 181 HOH HOH A . 
C 3 HOH 50 182 182 HOH HOH A . 
C 3 HOH 51 183 183 HOH HOH A . 
C 3 HOH 52 184 184 HOH HOH A . 
C 3 HOH 53 185 185 HOH HOH A . 
C 3 HOH 54 186 186 HOH HOH A . 
C 3 HOH 55 187 187 HOH HOH A . 
C 3 HOH 56 188 188 HOH HOH A . 
C 3 HOH 57 189 189 HOH HOH A . 
C 3 HOH 58 190 190 HOH HOH A . 
C 3 HOH 59 191 191 HOH HOH A . 
C 3 HOH 60 192 192 HOH HOH A . 
C 3 HOH 61 193 193 HOH HOH A . 
C 3 HOH 62 194 194 HOH HOH A . 
C 3 HOH 63 195 195 HOH HOH A . 
C 3 HOH 64 196 196 HOH HOH A . 
C 3 HOH 65 197 197 HOH HOH A . 
C 3 HOH 66 198 198 HOH HOH A . 
C 3 HOH 67 199 199 HOH HOH A . 
C 3 HOH 68 200 200 HOH HOH A . 
C 3 HOH 69 201 201 HOH HOH A . 
C 3 HOH 70 202 202 HOH HOH A . 
C 3 HOH 71 203 203 HOH HOH A . 
C 3 HOH 72 204 204 HOH HOH A . 
C 3 HOH 73 205 205 HOH HOH A . 
C 3 HOH 74 206 206 HOH HOH A . 
C 3 HOH 75 207 207 HOH HOH A . 
C 3 HOH 76 208 208 HOH HOH A . 
C 3 HOH 77 209 209 HOH HOH A . 
C 3 HOH 78 210 210 HOH HOH A . 
C 3 HOH 79 211 211 HOH HOH A . 
C 3 HOH 80 212 212 HOH HOH A . 
C 3 HOH 81 213 213 HOH HOH A . 
C 3 HOH 82 214 214 HOH HOH A . 
C 3 HOH 83 215 215 HOH HOH A . 
C 3 HOH 84 216 216 HOH HOH A . 
C 3 HOH 85 217 217 HOH HOH A . 
C 3 HOH 86 218 218 HOH HOH A . 
C 3 HOH 87 219 219 HOH HOH A . 
C 3 HOH 88 220 220 HOH HOH A . 
C 3 HOH 89 221 221 HOH HOH A . 
C 3 HOH 90 222 222 HOH HOH A . 
C 3 HOH 91 223 223 HOH HOH A . 
C 3 HOH 92 224 224 HOH HOH A . 
# 
loop_
_pdbx_unobs_or_zero_occ_atoms.id 
_pdbx_unobs_or_zero_occ_atoms.PDB_model_num 
_pdbx_unobs_or_zero_occ_atoms.polymer_flag 
_pdbx_unobs_or_zero_occ_atoms.occupancy_flag 
_pdbx_unobs_or_zero_occ_atoms.auth_asym_id 
_pdbx_unobs_or_zero_occ_atoms.auth_comp_id 
_pdbx_unobs_or_zero_occ_atoms.auth_seq_id 
_pdbx_unobs_or_zero_occ_atoms.PDB_ins_code 
_pdbx_unobs_or_zero_occ_atoms.auth_atom_id 
_pdbx_unobs_or_zero_occ_atoms.label_alt_id 
_pdbx_unobs_or_zero_occ_atoms.label_asym_id 
_pdbx_unobs_or_zero_occ_atoms.label_comp_id 
_pdbx_unobs_or_zero_occ_atoms.label_seq_id 
_pdbx_unobs_or_zero_occ_atoms.label_atom_id 
1  1 Y 0 A LYS 21 ? CD ? A LYS 21 CD 
2  1 Y 0 A LYS 21 ? CE ? A LYS 21 CE 
3  1 Y 0 A LYS 21 ? NZ ? A LYS 21 NZ 
4  1 Y 0 A MET 35 ? SD ? A MET 35 SD 
5  1 Y 0 A MET 35 ? CE ? A MET 35 CE 
6  1 Y 0 A LYS 37 ? CG ? A LYS 37 CG 
7  1 Y 0 A LYS 37 ? CD ? A LYS 37 CD 
8  1 Y 0 A LYS 37 ? CE ? A LYS 37 CE 
9  1 Y 0 A LYS 37 ? NZ ? A LYS 37 NZ 
10 1 Y 0 A LYS 79 ? CD ? A LYS 79 CD 
11 1 Y 0 A LYS 79 ? CE ? A LYS 79 CE 
12 1 Y 0 A LYS 79 ? NZ ? A LYS 79 NZ 
# 
loop_
_software.name 
_software.classification 
_software.version 
_software.citation_id 
_software.pdbx_ordinal 
X-PLOR 'model building' . ? 1 
TNT    refinement       . ? 2 
X-PLOR refinement       . ? 3 
X-PLOR phasing          . ? 4 
# 
_cell.entry_id           1LID 
_cell.length_a           120.700 
_cell.length_b           37.930 
_cell.length_c           28.750 
_cell.angle_alpha        90.00 
_cell.angle_beta         92.63 
_cell.angle_gamma        90.00 
_cell.Z_PDB              4 
_cell.pdbx_unique_axis   ? 
# 
_symmetry.entry_id                         1LID 
_symmetry.space_group_name_H-M             'C 1 2 1' 
_symmetry.pdbx_full_space_group_name_H-M   ? 
_symmetry.cell_setting                     ? 
_symmetry.Int_Tables_number                5 
# 
_exptl.entry_id          1LID 
_exptl.method            'X-RAY DIFFRACTION' 
_exptl.crystals_number   ? 
# 
_exptl_crystal.id                    1 
_exptl_crystal.density_meas          ? 
_exptl_crystal.density_Matthews      2.26 
_exptl_crystal.density_percent_sol   45.59 
_exptl_crystal.description           ? 
# 
_diffrn.id                     1 
_diffrn.ambient_temp           ? 
_diffrn.ambient_temp_details   ? 
_diffrn.crystal_id             1 
# 
_diffrn_radiation.diffrn_id                        1 
_diffrn_radiation.wavelength_id                    1 
_diffrn_radiation.pdbx_monochromatic_or_laue_m_l   ? 
_diffrn_radiation.monochromator                    ? 
_diffrn_radiation.pdbx_diffrn_protocol             ? 
_diffrn_radiation.pdbx_scattering_type             x-ray 
# 
_diffrn_radiation_wavelength.id           1 
_diffrn_radiation_wavelength.wavelength   . 
_diffrn_radiation_wavelength.wt           1.0 
# 
_refine.entry_id                                 1LID 
_refine.ls_number_reflns_obs                     16295 
_refine.ls_number_reflns_all                     ? 
_refine.pdbx_ls_sigma_I                          ? 
_refine.pdbx_ls_sigma_F                          ? 
_refine.pdbx_data_cutoff_high_absF               ? 
_refine.pdbx_data_cutoff_low_absF                ? 
_refine.pdbx_data_cutoff_high_rms_absF           ? 
_refine.ls_d_res_low                             8.0 
_refine.ls_d_res_high                            1.6 
_refine.ls_percent_reflns_obs                    ? 
_refine.ls_R_factor_obs                          0.1720000 
_refine.ls_R_factor_all                          ? 
_refine.ls_R_factor_R_work                       0.1720000 
_refine.ls_R_factor_R_free                       ? 
_refine.ls_R_factor_R_free_error                 ? 
_refine.ls_R_factor_R_free_error_details         ? 
_refine.ls_percent_reflns_R_free                 ? 
_refine.ls_number_reflns_R_free                  ? 
_refine.ls_number_parameters                     ? 
_refine.ls_number_restraints                     ? 
_refine.occupancy_min                            ? 
_refine.occupancy_max                            ? 
_refine.B_iso_mean                               ? 
_refine.aniso_B[1][1]                            ? 
_refine.aniso_B[2][2]                            ? 
_refine.aniso_B[3][3]                            ? 
_refine.aniso_B[1][2]                            ? 
_refine.aniso_B[1][3]                            ? 
_refine.aniso_B[2][3]                            ? 
_refine.solvent_model_details                    ? 
_refine.solvent_model_param_ksol                 ? 
_refine.solvent_model_param_bsol                 ? 
_refine.pdbx_ls_cross_valid_method               ? 
_refine.details                                  
;SIDE CHAINS OF LYS 21, MET 35, LYS 37, AND LYS 79 ARE NOT
RELIABLE.
;
_refine.pdbx_starting_model                      ? 
_refine.pdbx_method_to_determine_struct          ? 
_refine.pdbx_isotropic_thermal_model             ? 
_refine.pdbx_stereochemistry_target_values       ? 
_refine.pdbx_stereochem_target_val_spec_case     ? 
_refine.pdbx_R_Free_selection_details            ? 
_refine.pdbx_overall_ESU_R                       ? 
_refine.pdbx_overall_ESU_R_Free                  ? 
_refine.overall_SU_ML                            ? 
_refine.overall_SU_B                             ? 
_refine.pdbx_refine_id                           'X-RAY DIFFRACTION' 
_refine.pdbx_diffrn_id                           1 
_refine.pdbx_TLS_residual_ADP_flag               ? 
_refine.correlation_coeff_Fo_to_Fc               ? 
_refine.correlation_coeff_Fo_to_Fc_free          ? 
_refine.pdbx_solvent_vdw_probe_radii             ? 
_refine.pdbx_solvent_ion_probe_radii             ? 
_refine.pdbx_solvent_shrinkage_radii             ? 
_refine.pdbx_overall_phase_error                 ? 
_refine.overall_SU_R_Cruickshank_DPI             ? 
_refine.pdbx_overall_SU_R_free_Cruickshank_DPI   ? 
_refine.pdbx_overall_SU_R_Blow_DPI               ? 
_refine.pdbx_overall_SU_R_free_Blow_DPI          ? 
# 
_refine_hist.pdbx_refine_id                   'X-RAY DIFFRACTION' 
_refine_hist.cycle_id                         LAST 
_refine_hist.pdbx_number_atoms_protein        1017 
_refine_hist.pdbx_number_atoms_nucleic_acid   0 
_refine_hist.pdbx_number_atoms_ligand         20 
_refine_hist.number_atoms_solvent             92 
_refine_hist.number_atoms_total               1129 
_refine_hist.d_res_high                       1.6 
_refine_hist.d_res_low                        8.0 
# 
loop_
_refine_ls_restr.type 
_refine_ls_restr.dev_ideal 
_refine_ls_restr.dev_ideal_target 
_refine_ls_restr.weight 
_refine_ls_restr.number 
_refine_ls_restr.pdbx_refine_id 
_refine_ls_restr.pdbx_restraint_function 
x_bond_d                0.012 ? ? ? 'X-RAY DIFFRACTION' ? 
x_bond_d_na             ?     ? ? ? 'X-RAY DIFFRACTION' ? 
x_bond_d_prot           ?     ? ? ? 'X-RAY DIFFRACTION' ? 
x_angle_d               ?     ? ? ? 'X-RAY DIFFRACTION' ? 
x_angle_d_na            ?     ? ? ? 'X-RAY DIFFRACTION' ? 
x_angle_d_prot          ?     ? ? ? 'X-RAY DIFFRACTION' ? 
x_angle_deg             2.5   ? ? ? 'X-RAY DIFFRACTION' ? 
x_angle_deg_na          ?     ? ? ? 'X-RAY DIFFRACTION' ? 
x_angle_deg_prot        ?     ? ? ? 'X-RAY DIFFRACTION' ? 
x_dihedral_angle_d      ?     ? ? ? 'X-RAY DIFFRACTION' ? 
x_dihedral_angle_d_na   ?     ? ? ? 'X-RAY DIFFRACTION' ? 
x_dihedral_angle_d_prot ?     ? ? ? 'X-RAY DIFFRACTION' ? 
x_improper_angle_d      ?     ? ? ? 'X-RAY DIFFRACTION' ? 
x_improper_angle_d_na   ?     ? ? ? 'X-RAY DIFFRACTION' ? 
x_improper_angle_d_prot ?     ? ? ? 'X-RAY DIFFRACTION' ? 
x_mcbond_it             ?     ? ? ? 'X-RAY DIFFRACTION' ? 
x_mcangle_it            ?     ? ? ? 'X-RAY DIFFRACTION' ? 
x_scbond_it             ?     ? ? ? 'X-RAY DIFFRACTION' ? 
x_scangle_it            ?     ? ? ? 'X-RAY DIFFRACTION' ? 
# 
_struct.entry_id                  1LID 
_struct.title                     
;THE ADIPOCYTE LIPID-BINDING PROTEIN AT 1.6 ANGSTROMS RESOLUTION: CRYSTAL STRUCTURES OF THE APOPROTEIN AND WITH BOUND SATURATED AND UNSATURATED FATTY ACIDS
;
_struct.pdbx_model_details        ? 
_struct.pdbx_CASP_flag            ? 
_struct.pdbx_model_type_details   ? 
# 
_struct_keywords.entry_id        1LID 
_struct_keywords.pdbx_keywords   'LIPID BINDING PROTEIN' 
_struct_keywords.text            'LIPID-BINDING PROTEIN, LIPID BINDING PROTEIN' 
# 
loop_
_struct_asym.id 
_struct_asym.pdbx_blank_PDB_chainid_flag 
_struct_asym.pdbx_modified 
_struct_asym.entity_id 
_struct_asym.details 
A N N 1 ? 
B N N 2 ? 
C N N 3 ? 
# 
_struct_ref.id                         1 
_struct_ref.db_name                    UNP 
_struct_ref.db_code                    FABPA_MOUSE 
_struct_ref.entity_id                  1 
_struct_ref.pdbx_db_accession          P04117 
_struct_ref.pdbx_align_begin           1 
_struct_ref.pdbx_seq_one_letter_code   
;CDAFVGTWKLVSSENFDDYMKEVGVGFATRKVAGMAKPNMIISVNGDLVTIRSESTFKNTEISFKLGVEFDEITADDRKV
KSIITLDGGALVQVQKWDGKSTTIKRKRDGDKLVVECVMKGVTSTRVYERA
;
_struct_ref.pdbx_db_isoform            ? 
# 
_struct_ref_seq.align_id                      1 
_struct_ref_seq.ref_id                        1 
_struct_ref_seq.pdbx_PDB_id_code              1LID 
_struct_ref_seq.pdbx_strand_id                A 
_struct_ref_seq.seq_align_beg                 1 
_struct_ref_seq.pdbx_seq_align_beg_ins_code   ? 
_struct_ref_seq.seq_align_end                 131 
_struct_ref_seq.pdbx_seq_align_end_ins_code   ? 
_struct_ref_seq.pdbx_db_accession             P04117 
_struct_ref_seq.db_align_beg                  1 
_struct_ref_seq.pdbx_db_align_beg_ins_code    ? 
_struct_ref_seq.db_align_end                  131 
_struct_ref_seq.pdbx_db_align_end_ins_code    ? 
_struct_ref_seq.pdbx_auth_seq_align_beg       1 
_struct_ref_seq.pdbx_auth_seq_align_end       131 
# 
_pdbx_struct_assembly.id                   1 
_pdbx_struct_assembly.details              author_defined_assembly 
_pdbx_struct_assembly.method_details       ? 
_pdbx_struct_assembly.oligomeric_details   dimeric 
_pdbx_struct_assembly.oligomeric_count     2 
# 
_pdbx_struct_assembly_gen.assembly_id       1 
_pdbx_struct_assembly_gen.oper_expression   1,2 
_pdbx_struct_assembly_gen.asym_id_list      A,B,C 
# 
loop_
_pdbx_struct_oper_list.id 
_pdbx_struct_oper_list.type 
_pdbx_struct_oper_list.name 
_pdbx_struct_oper_list.symmetry_operation 
_pdbx_struct_oper_list.matrix[1][1] 
_pdbx_struct_oper_list.matrix[1][2] 
_pdbx_struct_oper_list.matrix[1][3] 
_pdbx_struct_oper_list.vector[1] 
_pdbx_struct_oper_list.matrix[2][1] 
_pdbx_struct_oper_list.matrix[2][2] 
_pdbx_struct_oper_list.matrix[2][3] 
_pdbx_struct_oper_list.vector[2] 
_pdbx_struct_oper_list.matrix[3][1] 
_pdbx_struct_oper_list.matrix[3][2] 
_pdbx_struct_oper_list.matrix[3][3] 
_pdbx_struct_oper_list.vector[3] 
1 'identity operation'         1_555 x,y,z     1.0000000000 0.0000000000 0.0000000000 0.0000000000   0.0000000000 1.0000000000  0.0000000000 0.0000000000  0.0000000000 0.0000000000 1.0000000000  0.0000000000  
2 'crystal symmetry operation' 2_455 -x-1,y,-z 0.3527091826 0.8998611571 0.2566050087 -13.2346905891 0.8998611571 -0.4013864085 0.1707010517 10.1043872785 0.2566050087 0.1707010517 -0.9513227741 34.3334758136 
# 
_struct_biol.id   1 
# 
loop_
_struct_conf.conf_type_id 
_struct_conf.id 
_struct_conf.pdbx_PDB_helix_id 
_struct_conf.beg_label_comp_id 
_struct_conf.beg_label_asym_id 
_struct_conf.beg_label_seq_id 
_struct_conf.pdbx_beg_PDB_ins_code 
_struct_conf.end_label_comp_id 
_struct_conf.end_label_asym_id 
_struct_conf.end_label_seq_id 
_struct_conf.pdbx_end_PDB_ins_code 
_struct_conf.beg_auth_comp_id 
_struct_conf.beg_auth_asym_id 
_struct_conf.beg_auth_seq_id 
_struct_conf.end_auth_comp_id 
_struct_conf.end_auth_asym_id 
_struct_conf.end_auth_seq_id 
_struct_conf.pdbx_PDB_helix_class 
_struct_conf.details 
_struct_conf.pdbx_PDB_helix_length 
HELX_P HELX_P1 H1 PHE A 16 ? VAL A 23 ? PHE A 16 VAL A 23 1 ? 8 
HELX_P HELX_P2 H2 PHE A 27 ? MET A 35 ? PHE A 27 MET A 35 1 ? 9 
# 
_struct_conf_type.id          HELX_P 
_struct_conf_type.criteria    ? 
_struct_conf_type.reference   ? 
# 
_struct_sheet.id               S1 
_struct_sheet.type             ? 
_struct_sheet.number_strands   11 
_struct_sheet.details          ? 
# 
loop_
_struct_sheet_order.sheet_id 
_struct_sheet_order.range_id_1 
_struct_sheet_order.range_id_2 
_struct_sheet_order.offset 
_struct_sheet_order.sense 
S1 1  2  ? parallel 
S1 2  3  ? parallel 
S1 3  4  ? parallel 
S1 4  5  ? parallel 
S1 5  6  ? parallel 
S1 6  7  ? parallel 
S1 7  8  ? parallel 
S1 8  9  ? parallel 
S1 9  10 ? parallel 
S1 10 11 ? parallel 
# 
loop_
_struct_sheet_range.sheet_id 
_struct_sheet_range.id 
_struct_sheet_range.beg_label_comp_id 
_struct_sheet_range.beg_label_asym_id 
_struct_sheet_range.beg_label_seq_id 
_struct_sheet_range.pdbx_beg_PDB_ins_code 
_struct_sheet_range.end_label_comp_id 
_struct_sheet_range.end_label_asym_id 
_struct_sheet_range.end_label_seq_id 
_struct_sheet_range.pdbx_end_PDB_ins_code 
_struct_sheet_range.beg_auth_comp_id 
_struct_sheet_range.beg_auth_asym_id 
_struct_sheet_range.beg_auth_seq_id 
_struct_sheet_range.end_auth_comp_id 
_struct_sheet_range.end_auth_asym_id 
_struct_sheet_range.end_auth_seq_id 
S1 1  GLY A 6   ? GLU A 14  ? GLY A 6   GLU A 14  
S1 2  ASN A 39  ? ASN A 45  ? ASN A 39  ASN A 45  
S1 3  LEU A 48  ? GLU A 54  ? LEU A 48  GLU A 54  
S1 4  ASN A 59  ? PHE A 64  ? ASN A 59  PHE A 64  
S1 5  PHE A 70  ? ILE A 73  ? PHE A 70  ILE A 73  
S1 6  LYS A 79  ? ASP A 87  ? LYS A 79  ASP A 87  
S1 7  ALA A 90  ? TRP A 97  ? ALA A 90  TRP A 97  
S1 8  LYS A 100 ? ASP A 109 ? LYS A 100 ASP A 109 
S1 9  LYS A 112 ? MET A 119 ? LYS A 112 MET A 119 
S1 10 VAL A 122 ? ARG A 130 ? VAL A 122 ARG A 130 
S1 11 GLY A 6   ? GLU A 14  ? GLY A 6   GLU A 14  
# 
_struct_site.id                   AC1 
_struct_site.pdbx_evidence_code   Software 
_struct_site.pdbx_auth_asym_id    A 
_struct_site.pdbx_auth_comp_id    OLA 
_struct_site.pdbx_auth_seq_id     132 
_struct_site.pdbx_auth_ins_code   ? 
_struct_site.pdbx_num_residues    7 
_struct_site.details              'BINDING SITE FOR RESIDUE OLA A 132' 
# 
loop_
_struct_site_gen.id 
_struct_site_gen.site_id 
_struct_site_gen.pdbx_num_res 
_struct_site_gen.label_comp_id 
_struct_site_gen.label_asym_id 
_struct_site_gen.label_seq_id 
_struct_site_gen.pdbx_auth_ins_code 
_struct_site_gen.auth_comp_id 
_struct_site_gen.auth_asym_id 
_struct_site_gen.auth_seq_id 
_struct_site_gen.label_atom_id 
_struct_site_gen.label_alt_id 
_struct_site_gen.symmetry 
_struct_site_gen.details 
1 AC1 7 PHE A 27  ? PHE A 27  . ? 2_454 ? 
2 AC1 7 VAL A 32  ? VAL A 32  . ? 1_555 ? 
3 AC1 7 ASP A 76  ? ASP A 76  . ? 1_555 ? 
4 AC1 7 ARG A 126 ? ARG A 126 . ? 1_555 ? 
5 AC1 7 TYR A 128 ? TYR A 128 . ? 1_555 ? 
6 AC1 7 HOH C .   ? HOH A 184 . ? 1_555 ? 
7 AC1 7 HOH C .   ? HOH A 196 . ? 1_555 ? 
# 
loop_
_pdbx_validate_symm_contact.id 
_pdbx_validate_symm_contact.PDB_model_num 
_pdbx_validate_symm_contact.auth_atom_id_1 
_pdbx_validate_symm_contact.auth_asym_id_1 
_pdbx_validate_symm_contact.auth_comp_id_1 
_pdbx_validate_symm_contact.auth_seq_id_1 
_pdbx_validate_symm_contact.PDB_ins_code_1 
_pdbx_validate_symm_contact.label_alt_id_1 
_pdbx_validate_symm_contact.site_symmetry_1 
_pdbx_validate_symm_contact.auth_atom_id_2 
_pdbx_validate_symm_contact.auth_asym_id_2 
_pdbx_validate_symm_contact.auth_comp_id_2 
_pdbx_validate_symm_contact.auth_seq_id_2 
_pdbx_validate_symm_contact.PDB_ins_code_2 
_pdbx_validate_symm_contact.label_alt_id_2 
_pdbx_validate_symm_contact.site_symmetry_2 
_pdbx_validate_symm_contact.dist 
1 1 OD2 A ASP 17 ? ? 1_555 NZ A LYS 21 ? ? 2_455 1.97 
2 1 CG  A LYS 21 ? ? 1_555 NZ A LYS 21 ? ? 2_455 1.97 
3 1 CE  A MET 35 ? ? 1_555 CZ A PHE 57 ? ? 2_454 2.03 
# 
loop_
_pdbx_validate_rmsd_angle.id 
_pdbx_validate_rmsd_angle.PDB_model_num 
_pdbx_validate_rmsd_angle.auth_atom_id_1 
_pdbx_validate_rmsd_angle.auth_asym_id_1 
_pdbx_validate_rmsd_angle.auth_comp_id_1 
_pdbx_validate_rmsd_angle.auth_seq_id_1 
_pdbx_validate_rmsd_angle.PDB_ins_code_1 
_pdbx_validate_rmsd_angle.label_alt_id_1 
_pdbx_validate_rmsd_angle.auth_atom_id_2 
_pdbx_validate_rmsd_angle.auth_asym_id_2 
_pdbx_validate_rmsd_angle.auth_comp_id_2 
_pdbx_validate_rmsd_angle.auth_seq_id_2 
_pdbx_validate_rmsd_angle.PDB_ins_code_2 
_pdbx_validate_rmsd_angle.label_alt_id_2 
_pdbx_validate_rmsd_angle.auth_atom_id_3 
_pdbx_validate_rmsd_angle.auth_asym_id_3 
_pdbx_validate_rmsd_angle.auth_comp_id_3 
_pdbx_validate_rmsd_angle.auth_seq_id_3 
_pdbx_validate_rmsd_angle.PDB_ins_code_3 
_pdbx_validate_rmsd_angle.label_alt_id_3 
_pdbx_validate_rmsd_angle.angle_value 
_pdbx_validate_rmsd_angle.angle_target_value 
_pdbx_validate_rmsd_angle.angle_deviation 
_pdbx_validate_rmsd_angle.angle_standard_deviation 
_pdbx_validate_rmsd_angle.linker_flag 
1 1 CD1 A TRP 8  ? ? CG  A TRP 8  ? ? CD2 A TRP 8  ? ? 112.86 106.30 6.56  0.80 N 
2 1 CE2 A TRP 8  ? ? CD2 A TRP 8  ? ? CG  A TRP 8  ? ? 101.61 107.30 -5.69 0.80 N 
3 1 CG  A MET 35 ? ? SD  A MET 35 ? ? CE  A MET 35 ? ? 110.01 100.20 9.81  1.60 N 
4 1 CA  A LEU 66 ? ? CB  A LEU 66 ? ? CG  A LEU 66 ? ? 129.26 115.30 13.96 2.30 N 
5 1 NE  A ARG 78 ? ? CZ  A ARG 78 ? ? NH2 A ARG 78 ? ? 115.86 120.30 -4.44 0.50 N 
6 1 CD1 A TRP 97 ? ? CG  A TRP 97 ? ? CD2 A TRP 97 ? ? 112.99 106.30 6.69  0.80 N 
7 1 CE2 A TRP 97 ? ? CD2 A TRP 97 ? ? CG  A TRP 97 ? ? 101.00 107.30 -6.30 0.80 N 
# 
_pdbx_validate_torsion.id              1 
_pdbx_validate_torsion.PDB_model_num   1 
_pdbx_validate_torsion.auth_comp_id    LYS 
_pdbx_validate_torsion.auth_asym_id    A 
_pdbx_validate_torsion.auth_seq_id     37 
_pdbx_validate_torsion.PDB_ins_code    ? 
_pdbx_validate_torsion.label_alt_id    ? 
_pdbx_validate_torsion.phi             -119.37 
_pdbx_validate_torsion.psi             78.80 
# 
loop_
_chem_comp_atom.comp_id 
_chem_comp_atom.atom_id 
_chem_comp_atom.type_symbol 
_chem_comp_atom.pdbx_aromatic_flag 
_chem_comp_atom.pdbx_stereo_config 
_chem_comp_atom.pdbx_ordinal 
ALA N    N N N 1   
ALA CA   C N S 2   
ALA C    C N N 3   
ALA O    O N N 4   
ALA CB   C N N 5   
ALA OXT  O N N 6   
ALA H    H N N 7   
ALA H2   H N N 8   
ALA HA   H N N 9   
ALA HB1  H N N 10  
ALA HB2  H N N 11  
ALA HB3  H N N 12  
ALA HXT  H N N 13  
ARG N    N N N 14  
ARG CA   C N S 15  
ARG C    C N N 16  
ARG O    O N N 17  
ARG CB   C N N 18  
ARG CG   C N N 19  
ARG CD   C N N 20  
ARG NE   N N N 21  
ARG CZ   C N N 22  
ARG NH1  N N N 23  
ARG NH2  N N N 24  
ARG OXT  O N N 25  
ARG H    H N N 26  
ARG H2   H N N 27  
ARG HA   H N N 28  
ARG HB2  H N N 29  
ARG HB3  H N N 30  
ARG HG2  H N N 31  
ARG HG3  H N N 32  
ARG HD2  H N N 33  
ARG HD3  H N N 34  
ARG HE   H N N 35  
ARG HH11 H N N 36  
ARG HH12 H N N 37  
ARG HH21 H N N 38  
ARG HH22 H N N 39  
ARG HXT  H N N 40  
ASN N    N N N 41  
ASN CA   C N S 42  
ASN C    C N N 43  
ASN O    O N N 44  
ASN CB   C N N 45  
ASN CG   C N N 46  
ASN OD1  O N N 47  
ASN ND2  N N N 48  
ASN OXT  O N N 49  
ASN H    H N N 50  
ASN H2   H N N 51  
ASN HA   H N N 52  
ASN HB2  H N N 53  
ASN HB3  H N N 54  
ASN HD21 H N N 55  
ASN HD22 H N N 56  
ASN HXT  H N N 57  
ASP N    N N N 58  
ASP CA   C N S 59  
ASP C    C N N 60  
ASP O    O N N 61  
ASP CB   C N N 62  
ASP CG   C N N 63  
ASP OD1  O N N 64  
ASP OD2  O N N 65  
ASP OXT  O N N 66  
ASP H    H N N 67  
ASP H2   H N N 68  
ASP HA   H N N 69  
ASP HB2  H N N 70  
ASP HB3  H N N 71  
ASP HD2  H N N 72  
ASP HXT  H N N 73  
CYS N    N N N 74  
CYS CA   C N R 75  
CYS C    C N N 76  
CYS O    O N N 77  
CYS CB   C N N 78  
CYS SG   S N N 79  
CYS OXT  O N N 80  
CYS H    H N N 81  
CYS H2   H N N 82  
CYS HA   H N N 83  
CYS HB2  H N N 84  
CYS HB3  H N N 85  
CYS HG   H N N 86  
CYS HXT  H N N 87  
GLN N    N N N 88  
GLN CA   C N S 89  
GLN C    C N N 90  
GLN O    O N N 91  
GLN CB   C N N 92  
GLN CG   C N N 93  
GLN CD   C N N 94  
GLN OE1  O N N 95  
GLN NE2  N N N 96  
GLN OXT  O N N 97  
GLN H    H N N 98  
GLN H2   H N N 99  
GLN HA   H N N 100 
GLN HB2  H N N 101 
GLN HB3  H N N 102 
GLN HG2  H N N 103 
GLN HG3  H N N 104 
GLN HE21 H N N 105 
GLN HE22 H N N 106 
GLN HXT  H N N 107 
GLU N    N N N 108 
GLU CA   C N S 109 
GLU C    C N N 110 
GLU O    O N N 111 
GLU CB   C N N 112 
GLU CG   C N N 113 
GLU CD   C N N 114 
GLU OE1  O N N 115 
GLU OE2  O N N 116 
GLU OXT  O N N 117 
GLU H    H N N 118 
GLU H2   H N N 119 
GLU HA   H N N 120 
GLU HB2  H N N 121 
GLU HB3  H N N 122 
GLU HG2  H N N 123 
GLU HG3  H N N 124 
GLU HE2  H N N 125 
GLU HXT  H N N 126 
GLY N    N N N 127 
GLY CA   C N N 128 
GLY C    C N N 129 
GLY O    O N N 130 
GLY OXT  O N N 131 
GLY H    H N N 132 
GLY H2   H N N 133 
GLY HA2  H N N 134 
GLY HA3  H N N 135 
GLY HXT  H N N 136 
HOH O    O N N 137 
HOH H1   H N N 138 
HOH H2   H N N 139 
ILE N    N N N 140 
ILE CA   C N S 141 
ILE C    C N N 142 
ILE O    O N N 143 
ILE CB   C N S 144 
ILE CG1  C N N 145 
ILE CG2  C N N 146 
ILE CD1  C N N 147 
ILE OXT  O N N 148 
ILE H    H N N 149 
ILE H2   H N N 150 
ILE HA   H N N 151 
ILE HB   H N N 152 
ILE HG12 H N N 153 
ILE HG13 H N N 154 
ILE HG21 H N N 155 
ILE HG22 H N N 156 
ILE HG23 H N N 157 
ILE HD11 H N N 158 
ILE HD12 H N N 159 
ILE HD13 H N N 160 
ILE HXT  H N N 161 
LEU N    N N N 162 
LEU CA   C N S 163 
LEU C    C N N 164 
LEU O    O N N 165 
LEU CB   C N N 166 
LEU CG   C N N 167 
LEU CD1  C N N 168 
LEU CD2  C N N 169 
LEU OXT  O N N 170 
LEU H    H N N 171 
LEU H2   H N N 172 
LEU HA   H N N 173 
LEU HB2  H N N 174 
LEU HB3  H N N 175 
LEU HG   H N N 176 
LEU HD11 H N N 177 
LEU HD12 H N N 178 
LEU HD13 H N N 179 
LEU HD21 H N N 180 
LEU HD22 H N N 181 
LEU HD23 H N N 182 
LEU HXT  H N N 183 
LYS N    N N N 184 
LYS CA   C N S 185 
LYS C    C N N 186 
LYS O    O N N 187 
LYS CB   C N N 188 
LYS CG   C N N 189 
LYS CD   C N N 190 
LYS CE   C N N 191 
LYS NZ   N N N 192 
LYS OXT  O N N 193 
LYS H    H N N 194 
LYS H2   H N N 195 
LYS HA   H N N 196 
LYS HB2  H N N 197 
LYS HB3  H N N 198 
LYS HG2  H N N 199 
LYS HG3  H N N 200 
LYS HD2  H N N 201 
LYS HD3  H N N 202 
LYS HE2  H N N 203 
LYS HE3  H N N 204 
LYS HZ1  H N N 205 
LYS HZ2  H N N 206 
LYS HZ3  H N N 207 
LYS HXT  H N N 208 
MET N    N N N 209 
MET CA   C N S 210 
MET C    C N N 211 
MET O    O N N 212 
MET CB   C N N 213 
MET CG   C N N 214 
MET SD   S N N 215 
MET CE   C N N 216 
MET OXT  O N N 217 
MET H    H N N 218 
MET H2   H N N 219 
MET HA   H N N 220 
MET HB2  H N N 221 
MET HB3  H N N 222 
MET HG2  H N N 223 
MET HG3  H N N 224 
MET HE1  H N N 225 
MET HE2  H N N 226 
MET HE3  H N N 227 
MET HXT  H N N 228 
OLA C1   C N N 229 
OLA O1   O N N 230 
OLA O2   O N N 231 
OLA C2   C N N 232 
OLA C3   C N N 233 
OLA C4   C N N 234 
OLA C5   C N N 235 
OLA C6   C N N 236 
OLA C7   C N N 237 
OLA C8   C N N 238 
OLA C9   C N N 239 
OLA C10  C N N 240 
OLA C11  C N N 241 
OLA C12  C N N 242 
OLA C13  C N N 243 
OLA C14  C N N 244 
OLA C15  C N N 245 
OLA C16  C N N 246 
OLA C17  C N N 247 
OLA C18  C N N 248 
OLA HO2  H N N 249 
OLA H21  H N N 250 
OLA H22  H N N 251 
OLA H31  H N N 252 
OLA H32  H N N 253 
OLA H41  H N N 254 
OLA H42  H N N 255 
OLA H51  H N N 256 
OLA H52  H N N 257 
OLA H61  H N N 258 
OLA H62  H N N 259 
OLA H71  H N N 260 
OLA H72  H N N 261 
OLA H81  H N N 262 
OLA H82  H N N 263 
OLA H9   H N N 264 
OLA H10  H N N 265 
OLA H111 H N N 266 
OLA H112 H N N 267 
OLA H121 H N N 268 
OLA H122 H N N 269 
OLA H131 H N N 270 
OLA H132 H N N 271 
OLA H141 H N N 272 
OLA H142 H N N 273 
OLA H151 H N N 274 
OLA H152 H N N 275 
OLA H161 H N N 276 
OLA H162 H N N 277 
OLA H171 H N N 278 
OLA H172 H N N 279 
OLA H181 H N N 280 
OLA H182 H N N 281 
OLA H183 H N N 282 
PHE N    N N N 283 
PHE CA   C N S 284 
PHE C    C N N 285 
PHE O    O N N 286 
PHE CB   C N N 287 
PHE CG   C Y N 288 
PHE CD1  C Y N 289 
PHE CD2  C Y N 290 
PHE CE1  C Y N 291 
PHE CE2  C Y N 292 
PHE CZ   C Y N 293 
PHE OXT  O N N 294 
PHE H    H N N 295 
PHE H2   H N N 296 
PHE HA   H N N 297 
PHE HB2  H N N 298 
PHE HB3  H N N 299 
PHE HD1  H N N 300 
PHE HD2  H N N 301 
PHE HE1  H N N 302 
PHE HE2  H N N 303 
PHE HZ   H N N 304 
PHE HXT  H N N 305 
PRO N    N N N 306 
PRO CA   C N S 307 
PRO C    C N N 308 
PRO O    O N N 309 
PRO CB   C N N 310 
PRO CG   C N N 311 
PRO CD   C N N 312 
PRO OXT  O N N 313 
PRO H    H N N 314 
PRO HA   H N N 315 
PRO HB2  H N N 316 
PRO HB3  H N N 317 
PRO HG2  H N N 318 
PRO HG3  H N N 319 
PRO HD2  H N N 320 
PRO HD3  H N N 321 
PRO HXT  H N N 322 
SER N    N N N 323 
SER CA   C N S 324 
SER C    C N N 325 
SER O    O N N 326 
SER CB   C N N 327 
SER OG   O N N 328 
SER OXT  O N N 329 
SER H    H N N 330 
SER H2   H N N 331 
SER HA   H N N 332 
SER HB2  H N N 333 
SER HB3  H N N 334 
SER HG   H N N 335 
SER HXT  H N N 336 
THR N    N N N 337 
THR CA   C N S 338 
THR C    C N N 339 
THR O    O N N 340 
THR CB   C N R 341 
THR OG1  O N N 342 
THR CG2  C N N 343 
THR OXT  O N N 344 
THR H    H N N 345 
THR H2   H N N 346 
THR HA   H N N 347 
THR HB   H N N 348 
THR HG1  H N N 349 
THR HG21 H N N 350 
THR HG22 H N N 351 
THR HG23 H N N 352 
THR HXT  H N N 353 
TRP N    N N N 354 
TRP CA   C N S 355 
TRP C    C N N 356 
TRP O    O N N 357 
TRP CB   C N N 358 
TRP CG   C Y N 359 
TRP CD1  C Y N 360 
TRP CD2  C Y N 361 
TRP NE1  N Y N 362 
TRP CE2  C Y N 363 
TRP CE3  C Y N 364 
TRP CZ2  C Y N 365 
TRP CZ3  C Y N 366 
TRP CH2  C Y N 367 
TRP OXT  O N N 368 
TRP H    H N N 369 
TRP H2   H N N 370 
TRP HA   H N N 371 
TRP HB2  H N N 372 
TRP HB3  H N N 373 
TRP HD1  H N N 374 
TRP HE1  H N N 375 
TRP HE3  H N N 376 
TRP HZ2  H N N 377 
TRP HZ3  H N N 378 
TRP HH2  H N N 379 
TRP HXT  H N N 380 
TYR N    N N N 381 
TYR CA   C N S 382 
TYR C    C N N 383 
TYR O    O N N 384 
TYR CB   C N N 385 
TYR CG   C Y N 386 
TYR CD1  C Y N 387 
TYR CD2  C Y N 388 
TYR CE1  C Y N 389 
TYR CE2  C Y N 390 
TYR CZ   C Y N 391 
TYR OH   O N N 392 
TYR OXT  O N N 393 
TYR H    H N N 394 
TYR H2   H N N 395 
TYR HA   H N N 396 
TYR HB2  H N N 397 
TYR HB3  H N N 398 
TYR HD1  H N N 399 
TYR HD2  H N N 400 
TYR HE1  H N N 401 
TYR HE2  H N N 402 
TYR HH   H N N 403 
TYR HXT  H N N 404 
VAL N    N N N 405 
VAL CA   C N S 406 
VAL C    C N N 407 
VAL O    O N N 408 
VAL CB   C N N 409 
VAL CG1  C N N 410 
VAL CG2  C N N 411 
VAL OXT  O N N 412 
VAL H    H N N 413 
VAL H2   H N N 414 
VAL HA   H N N 415 
VAL HB   H N N 416 
VAL HG11 H N N 417 
VAL HG12 H N N 418 
VAL HG13 H N N 419 
VAL HG21 H N N 420 
VAL HG22 H N N 421 
VAL HG23 H N N 422 
VAL HXT  H N N 423 
# 
loop_
_chem_comp_bond.comp_id 
_chem_comp_bond.atom_id_1 
_chem_comp_bond.atom_id_2 
_chem_comp_bond.value_order 
_chem_comp_bond.pdbx_aromatic_flag 
_chem_comp_bond.pdbx_stereo_config 
_chem_comp_bond.pdbx_ordinal 
ALA N   CA   sing N N 1   
ALA N   H    sing N N 2   
ALA N   H2   sing N N 3   
ALA CA  C    sing N N 4   
ALA CA  CB   sing N N 5   
ALA CA  HA   sing N N 6   
ALA C   O    doub N N 7   
ALA C   OXT  sing N N 8   
ALA CB  HB1  sing N N 9   
ALA CB  HB2  sing N N 10  
ALA CB  HB3  sing N N 11  
ALA OXT HXT  sing N N 12  
ARG N   CA   sing N N 13  
ARG N   H    sing N N 14  
ARG N   H2   sing N N 15  
ARG CA  C    sing N N 16  
ARG CA  CB   sing N N 17  
ARG CA  HA   sing N N 18  
ARG C   O    doub N N 19  
ARG C   OXT  sing N N 20  
ARG CB  CG   sing N N 21  
ARG CB  HB2  sing N N 22  
ARG CB  HB3  sing N N 23  
ARG CG  CD   sing N N 24  
ARG CG  HG2  sing N N 25  
ARG CG  HG3  sing N N 26  
ARG CD  NE   sing N N 27  
ARG CD  HD2  sing N N 28  
ARG CD  HD3  sing N N 29  
ARG NE  CZ   sing N N 30  
ARG NE  HE   sing N N 31  
ARG CZ  NH1  sing N N 32  
ARG CZ  NH2  doub N N 33  
ARG NH1 HH11 sing N N 34  
ARG NH1 HH12 sing N N 35  
ARG NH2 HH21 sing N N 36  
ARG NH2 HH22 sing N N 37  
ARG OXT HXT  sing N N 38  
ASN N   CA   sing N N 39  
ASN N   H    sing N N 40  
ASN N   H2   sing N N 41  
ASN CA  C    sing N N 42  
ASN CA  CB   sing N N 43  
ASN CA  HA   sing N N 44  
ASN C   O    doub N N 45  
ASN C   OXT  sing N N 46  
ASN CB  CG   sing N N 47  
ASN CB  HB2  sing N N 48  
ASN CB  HB3  sing N N 49  
ASN CG  OD1  doub N N 50  
ASN CG  ND2  sing N N 51  
ASN ND2 HD21 sing N N 52  
ASN ND2 HD22 sing N N 53  
ASN OXT HXT  sing N N 54  
ASP N   CA   sing N N 55  
ASP N   H    sing N N 56  
ASP N   H2   sing N N 57  
ASP CA  C    sing N N 58  
ASP CA  CB   sing N N 59  
ASP CA  HA   sing N N 60  
ASP C   O    doub N N 61  
ASP C   OXT  sing N N 62  
ASP CB  CG   sing N N 63  
ASP CB  HB2  sing N N 64  
ASP CB  HB3  sing N N 65  
ASP CG  OD1  doub N N 66  
ASP CG  OD2  sing N N 67  
ASP OD2 HD2  sing N N 68  
ASP OXT HXT  sing N N 69  
CYS N   CA   sing N N 70  
CYS N   H    sing N N 71  
CYS N   H2   sing N N 72  
CYS CA  C    sing N N 73  
CYS CA  CB   sing N N 74  
CYS CA  HA   sing N N 75  
CYS C   O    doub N N 76  
CYS C   OXT  sing N N 77  
CYS CB  SG   sing N N 78  
CYS CB  HB2  sing N N 79  
CYS CB  HB3  sing N N 80  
CYS SG  HG   sing N N 81  
CYS OXT HXT  sing N N 82  
GLN N   CA   sing N N 83  
GLN N   H    sing N N 84  
GLN N   H2   sing N N 85  
GLN CA  C    sing N N 86  
GLN CA  CB   sing N N 87  
GLN CA  HA   sing N N 88  
GLN C   O    doub N N 89  
GLN C   OXT  sing N N 90  
GLN CB  CG   sing N N 91  
GLN CB  HB2  sing N N 92  
GLN CB  HB3  sing N N 93  
GLN CG  CD   sing N N 94  
GLN CG  HG2  sing N N 95  
GLN CG  HG3  sing N N 96  
GLN CD  OE1  doub N N 97  
GLN CD  NE2  sing N N 98  
GLN NE2 HE21 sing N N 99  
GLN NE2 HE22 sing N N 100 
GLN OXT HXT  sing N N 101 
GLU N   CA   sing N N 102 
GLU N   H    sing N N 103 
GLU N   H2   sing N N 104 
GLU CA  C    sing N N 105 
GLU CA  CB   sing N N 106 
GLU CA  HA   sing N N 107 
GLU C   O    doub N N 108 
GLU C   OXT  sing N N 109 
GLU CB  CG   sing N N 110 
GLU CB  HB2  sing N N 111 
GLU CB  HB3  sing N N 112 
GLU CG  CD   sing N N 113 
GLU CG  HG2  sing N N 114 
GLU CG  HG3  sing N N 115 
GLU CD  OE1  doub N N 116 
GLU CD  OE2  sing N N 117 
GLU OE2 HE2  sing N N 118 
GLU OXT HXT  sing N N 119 
GLY N   CA   sing N N 120 
GLY N   H    sing N N 121 
GLY N   H2   sing N N 122 
GLY CA  C    sing N N 123 
GLY CA  HA2  sing N N 124 
GLY CA  HA3  sing N N 125 
GLY C   O    doub N N 126 
GLY C   OXT  sing N N 127 
GLY OXT HXT  sing N N 128 
HOH O   H1   sing N N 129 
HOH O   H2   sing N N 130 
ILE N   CA   sing N N 131 
ILE N   H    sing N N 132 
ILE N   H2   sing N N 133 
ILE CA  C    sing N N 134 
ILE CA  CB   sing N N 135 
ILE CA  HA   sing N N 136 
ILE C   O    doub N N 137 
ILE C   OXT  sing N N 138 
ILE CB  CG1  sing N N 139 
ILE CB  CG2  sing N N 140 
ILE CB  HB   sing N N 141 
ILE CG1 CD1  sing N N 142 
ILE CG1 HG12 sing N N 143 
ILE CG1 HG13 sing N N 144 
ILE CG2 HG21 sing N N 145 
ILE CG2 HG22 sing N N 146 
ILE CG2 HG23 sing N N 147 
ILE CD1 HD11 sing N N 148 
ILE CD1 HD12 sing N N 149 
ILE CD1 HD13 sing N N 150 
ILE OXT HXT  sing N N 151 
LEU N   CA   sing N N 152 
LEU N   H    sing N N 153 
LEU N   H2   sing N N 154 
LEU CA  C    sing N N 155 
LEU CA  CB   sing N N 156 
LEU CA  HA   sing N N 157 
LEU C   O    doub N N 158 
LEU C   OXT  sing N N 159 
LEU CB  CG   sing N N 160 
LEU CB  HB2  sing N N 161 
LEU CB  HB3  sing N N 162 
LEU CG  CD1  sing N N 163 
LEU CG  CD2  sing N N 164 
LEU CG  HG   sing N N 165 
LEU CD1 HD11 sing N N 166 
LEU CD1 HD12 sing N N 167 
LEU CD1 HD13 sing N N 168 
LEU CD2 HD21 sing N N 169 
LEU CD2 HD22 sing N N 170 
LEU CD2 HD23 sing N N 171 
LEU OXT HXT  sing N N 172 
LYS N   CA   sing N N 173 
LYS N   H    sing N N 174 
LYS N   H2   sing N N 175 
LYS CA  C    sing N N 176 
LYS CA  CB   sing N N 177 
LYS CA  HA   sing N N 178 
LYS C   O    doub N N 179 
LYS C   OXT  sing N N 180 
LYS CB  CG   sing N N 181 
LYS CB  HB2  sing N N 182 
LYS CB  HB3  sing N N 183 
LYS CG  CD   sing N N 184 
LYS CG  HG2  sing N N 185 
LYS CG  HG3  sing N N 186 
LYS CD  CE   sing N N 187 
LYS CD  HD2  sing N N 188 
LYS CD  HD3  sing N N 189 
LYS CE  NZ   sing N N 190 
LYS CE  HE2  sing N N 191 
LYS CE  HE3  sing N N 192 
LYS NZ  HZ1  sing N N 193 
LYS NZ  HZ2  sing N N 194 
LYS NZ  HZ3  sing N N 195 
LYS OXT HXT  sing N N 196 
MET N   CA   sing N N 197 
MET N   H    sing N N 198 
MET N   H2   sing N N 199 
MET CA  C    sing N N 200 
MET CA  CB   sing N N 201 
MET CA  HA   sing N N 202 
MET C   O    doub N N 203 
MET C   OXT  sing N N 204 
MET CB  CG   sing N N 205 
MET CB  HB2  sing N N 206 
MET CB  HB3  sing N N 207 
MET CG  SD   sing N N 208 
MET CG  HG2  sing N N 209 
MET CG  HG3  sing N N 210 
MET SD  CE   sing N N 211 
MET CE  HE1  sing N N 212 
MET CE  HE2  sing N N 213 
MET CE  HE3  sing N N 214 
MET OXT HXT  sing N N 215 
OLA C1  O1   doub N N 216 
OLA C1  O2   sing N N 217 
OLA C1  C2   sing N N 218 
OLA O2  HO2  sing N N 219 
OLA C2  C3   sing N N 220 
OLA C2  H21  sing N N 221 
OLA C2  H22  sing N N 222 
OLA C3  C4   sing N N 223 
OLA C3  H31  sing N N 224 
OLA C3  H32  sing N N 225 
OLA C4  C5   sing N N 226 
OLA C4  H41  sing N N 227 
OLA C4  H42  sing N N 228 
OLA C5  C6   sing N N 229 
OLA C5  H51  sing N N 230 
OLA C5  H52  sing N N 231 
OLA C6  C7   sing N N 232 
OLA C6  H61  sing N N 233 
OLA C6  H62  sing N N 234 
OLA C7  C8   sing N N 235 
OLA C7  H71  sing N N 236 
OLA C7  H72  sing N N 237 
OLA C8  C9   sing N N 238 
OLA C8  H81  sing N N 239 
OLA C8  H82  sing N N 240 
OLA C9  C10  doub N Z 241 
OLA C9  H9   sing N N 242 
OLA C10 C11  sing N N 243 
OLA C10 H10  sing N N 244 
OLA C11 C12  sing N N 245 
OLA C11 H111 sing N N 246 
OLA C11 H112 sing N N 247 
OLA C12 C13  sing N N 248 
OLA C12 H121 sing N N 249 
OLA C12 H122 sing N N 250 
OLA C13 C14  sing N N 251 
OLA C13 H131 sing N N 252 
OLA C13 H132 sing N N 253 
OLA C14 C15  sing N N 254 
OLA C14 H141 sing N N 255 
OLA C14 H142 sing N N 256 
OLA C15 C16  sing N N 257 
OLA C15 H151 sing N N 258 
OLA C15 H152 sing N N 259 
OLA C16 C17  sing N N 260 
OLA C16 H161 sing N N 261 
OLA C16 H162 sing N N 262 
OLA C17 C18  sing N N 263 
OLA C17 H171 sing N N 264 
OLA C17 H172 sing N N 265 
OLA C18 H181 sing N N 266 
OLA C18 H182 sing N N 267 
OLA C18 H183 sing N N 268 
PHE N   CA   sing N N 269 
PHE N   H    sing N N 270 
PHE N   H2   sing N N 271 
PHE CA  C    sing N N 272 
PHE CA  CB   sing N N 273 
PHE CA  HA   sing N N 274 
PHE C   O    doub N N 275 
PHE C   OXT  sing N N 276 
PHE CB  CG   sing N N 277 
PHE CB  HB2  sing N N 278 
PHE CB  HB3  sing N N 279 
PHE CG  CD1  doub Y N 280 
PHE CG  CD2  sing Y N 281 
PHE CD1 CE1  sing Y N 282 
PHE CD1 HD1  sing N N 283 
PHE CD2 CE2  doub Y N 284 
PHE CD2 HD2  sing N N 285 
PHE CE1 CZ   doub Y N 286 
PHE CE1 HE1  sing N N 287 
PHE CE2 CZ   sing Y N 288 
PHE CE2 HE2  sing N N 289 
PHE CZ  HZ   sing N N 290 
PHE OXT HXT  sing N N 291 
PRO N   CA   sing N N 292 
PRO N   CD   sing N N 293 
PRO N   H    sing N N 294 
PRO CA  C    sing N N 295 
PRO CA  CB   sing N N 296 
PRO CA  HA   sing N N 297 
PRO C   O    doub N N 298 
PRO C   OXT  sing N N 299 
PRO CB  CG   sing N N 300 
PRO CB  HB2  sing N N 301 
PRO CB  HB3  sing N N 302 
PRO CG  CD   sing N N 303 
PRO CG  HG2  sing N N 304 
PRO CG  HG3  sing N N 305 
PRO CD  HD2  sing N N 306 
PRO CD  HD3  sing N N 307 
PRO OXT HXT  sing N N 308 
SER N   CA   sing N N 309 
SER N   H    sing N N 310 
SER N   H2   sing N N 311 
SER CA  C    sing N N 312 
SER CA  CB   sing N N 313 
SER CA  HA   sing N N 314 
SER C   O    doub N N 315 
SER C   OXT  sing N N 316 
SER CB  OG   sing N N 317 
SER CB  HB2  sing N N 318 
SER CB  HB3  sing N N 319 
SER OG  HG   sing N N 320 
SER OXT HXT  sing N N 321 
THR N   CA   sing N N 322 
THR N   H    sing N N 323 
THR N   H2   sing N N 324 
THR CA  C    sing N N 325 
THR CA  CB   sing N N 326 
THR CA  HA   sing N N 327 
THR C   O    doub N N 328 
THR C   OXT  sing N N 329 
THR CB  OG1  sing N N 330 
THR CB  CG2  sing N N 331 
THR CB  HB   sing N N 332 
THR OG1 HG1  sing N N 333 
THR CG2 HG21 sing N N 334 
THR CG2 HG22 sing N N 335 
THR CG2 HG23 sing N N 336 
THR OXT HXT  sing N N 337 
TRP N   CA   sing N N 338 
TRP N   H    sing N N 339 
TRP N   H2   sing N N 340 
TRP CA  C    sing N N 341 
TRP CA  CB   sing N N 342 
TRP CA  HA   sing N N 343 
TRP C   O    doub N N 344 
TRP C   OXT  sing N N 345 
TRP CB  CG   sing N N 346 
TRP CB  HB2  sing N N 347 
TRP CB  HB3  sing N N 348 
TRP CG  CD1  doub Y N 349 
TRP CG  CD2  sing Y N 350 
TRP CD1 NE1  sing Y N 351 
TRP CD1 HD1  sing N N 352 
TRP CD2 CE2  doub Y N 353 
TRP CD2 CE3  sing Y N 354 
TRP NE1 CE2  sing Y N 355 
TRP NE1 HE1  sing N N 356 
TRP CE2 CZ2  sing Y N 357 
TRP CE3 CZ3  doub Y N 358 
TRP CE3 HE3  sing N N 359 
TRP CZ2 CH2  doub Y N 360 
TRP CZ2 HZ2  sing N N 361 
TRP CZ3 CH2  sing Y N 362 
TRP CZ3 HZ3  sing N N 363 
TRP CH2 HH2  sing N N 364 
TRP OXT HXT  sing N N 365 
TYR N   CA   sing N N 366 
TYR N   H    sing N N 367 
TYR N   H2   sing N N 368 
TYR CA  C    sing N N 369 
TYR CA  CB   sing N N 370 
TYR CA  HA   sing N N 371 
TYR C   O    doub N N 372 
TYR C   OXT  sing N N 373 
TYR CB  CG   sing N N 374 
TYR CB  HB2  sing N N 375 
TYR CB  HB3  sing N N 376 
TYR CG  CD1  doub Y N 377 
TYR CG  CD2  sing Y N 378 
TYR CD1 CE1  sing Y N 379 
TYR CD1 HD1  sing N N 380 
TYR CD2 CE2  doub Y N 381 
TYR CD2 HD2  sing N N 382 
TYR CE1 CZ   doub Y N 383 
TYR CE1 HE1  sing N N 384 
TYR CE2 CZ   sing Y N 385 
TYR CE2 HE2  sing N N 386 
TYR CZ  OH   sing N N 387 
TYR OH  HH   sing N N 388 
TYR OXT HXT  sing N N 389 
VAL N   CA   sing N N 390 
VAL N   H    sing N N 391 
VAL N   H2   sing N N 392 
VAL CA  C    sing N N 393 
VAL CA  CB   sing N N 394 
VAL CA  HA   sing N N 395 
VAL C   O    doub N N 396 
VAL C   OXT  sing N N 397 
VAL CB  CG1  sing N N 398 
VAL CB  CG2  sing N N 399 
VAL CB  HB   sing N N 400 
VAL CG1 HG11 sing N N 401 
VAL CG1 HG12 sing N N 402 
VAL CG1 HG13 sing N N 403 
VAL CG2 HG21 sing N N 404 
VAL CG2 HG22 sing N N 405 
VAL CG2 HG23 sing N N 406 
VAL OXT HXT  sing N N 407 
# 
_atom_sites.entry_id                    1LID 
_atom_sites.fract_transf_matrix[1][1]   0.00132540 
_atom_sites.fract_transf_matrix[1][2]   0.00034025 
_atom_sites.fract_transf_matrix[1][3]   -0.00818009 
_atom_sites.fract_transf_matrix[2][1]   -0.02168196 
_atom_sites.fract_transf_matrix[2][2]   -0.01442346 
_atom_sites.fract_transf_matrix[2][3]   -0.00411300 
_atom_sites.fract_transf_matrix[3][1]   -0.01873521 
_atom_sites.fract_transf_matrix[3][2]   0.02914595 
_atom_sites.fract_transf_matrix[3][3]   -0.00344503 
_atom_sites.fract_transf_vector[1]      -0.352523 
_atom_sites.fract_transf_vector[2]      1.837291 
_atom_sites.fract_transf_vector[3]      -0.212088 
# 
loop_
_atom_type.symbol 
C 
N 
O 
S 
# 
loop_
_atom_site.group_PDB 
_atom_site.id 
_atom_site.type_symbol 
_atom_site.label_atom_id 
_atom_site.label_alt_id 
_atom_site.label_comp_id 
_atom_site.label_asym_id 
_atom_site.label_entity_id 
_atom_site.label_seq_id 
_atom_site.pdbx_PDB_ins_code 
_atom_site.Cartn_x 
_atom_site.Cartn_y 
_atom_site.Cartn_z 
_atom_site.occupancy 
_atom_site.B_iso_or_equiv 
_atom_site.pdbx_formal_charge 
_atom_site.auth_seq_id 
_atom_site.auth_comp_id 
_atom_site.auth_asym_id 
_atom_site.auth_atom_id 
_atom_site.pdbx_PDB_model_num 
ATOM   1    N N   . CYS A 1 1   ? 6.048   2.540   -15.003 1.00 25.62 ? 1   CYS A N   1 
ATOM   2    C CA  . CYS A 1 1   ? 6.069   3.262   -13.726 1.00 23.67 ? 1   CYS A CA  1 
ATOM   3    C C   . CYS A 1 1   ? 7.502   3.473   -13.208 1.00 20.87 ? 1   CYS A C   1 
ATOM   4    O O   . CYS A 1 1   ? 7.838   3.275   -12.038 1.00 18.64 ? 1   CYS A O   1 
ATOM   5    C CB  . CYS A 1 1   ? 5.246   2.461   -12.735 1.00 25.92 ? 1   CYS A CB  1 
ATOM   6    S SG  . CYS A 1 1   ? 4.647   1.020   -13.654 1.00 29.84 ? 1   CYS A SG  1 
ATOM   7    N N   . ASP A 1 2   ? 8.370   3.964   -14.077 1.00 19.12 ? 2   ASP A N   1 
ATOM   8    C CA  . ASP A 1 2   ? 9.779   4.166   -13.796 1.00 19.37 ? 2   ASP A CA  1 
ATOM   9    C C   . ASP A 1 2   ? 10.075  5.089   -12.640 1.00 16.99 ? 2   ASP A C   1 
ATOM   10   O O   . ASP A 1 2   ? 11.039  4.863   -11.926 1.00 16.28 ? 2   ASP A O   1 
ATOM   11   C CB  . ASP A 1 2   ? 10.486  4.735   -15.008 1.00 26.08 ? 2   ASP A CB  1 
ATOM   12   C CG  . ASP A 1 2   ? 10.450  3.827   -16.237 1.00 32.20 ? 2   ASP A CG  1 
ATOM   13   O OD1 . ASP A 1 2   ? 9.403   3.718   -16.890 1.00 33.56 ? 2   ASP A OD1 1 
ATOM   14   O OD2 . ASP A 1 2   ? 11.493  3.248   -16.537 1.00 34.75 ? 2   ASP A OD2 1 
ATOM   15   N N   . ALA A 1 3   ? 9.231   6.100   -12.425 1.00 15.42 ? 3   ALA A N   1 
ATOM   16   C CA  . ALA A 1 3   ? 9.414   7.050   -11.321 1.00 14.43 ? 3   ALA A CA  1 
ATOM   17   C C   . ALA A 1 3   ? 9.214   6.389   -9.948  1.00 13.24 ? 3   ALA A C   1 
ATOM   18   O O   . ALA A 1 3   ? 9.523   6.953   -8.905  1.00 12.49 ? 3   ALA A O   1 
ATOM   19   C CB  . ALA A 1 3   ? 8.393   8.175   -11.461 1.00 14.91 ? 3   ALA A CB  1 
ATOM   20   N N   . PHE A 1 4   ? 8.633   5.186   -9.914  1.00 10.48 ? 4   PHE A N   1 
ATOM   21   C CA  . PHE A 1 4   ? 8.394   4.517   -8.654  1.00 9.07  ? 4   PHE A CA  1 
ATOM   22   C C   . PHE A 1 4   ? 9.479   3.515   -8.307  1.00 9.50  ? 4   PHE A C   1 
ATOM   23   O O   . PHE A 1 4   ? 9.587   3.127   -7.138  1.00 8.29  ? 4   PHE A O   1 
ATOM   24   C CB  . PHE A 1 4   ? 7.031   3.788   -8.693  1.00 8.13  ? 4   PHE A CB  1 
ATOM   25   C CG  . PHE A 1 4   ? 5.867   4.762   -8.740  1.00 11.49 ? 4   PHE A CG  1 
ATOM   26   C CD1 . PHE A 1 4   ? 5.373   5.312   -7.557  1.00 11.21 ? 4   PHE A CD1 1 
ATOM   27   C CD2 . PHE A 1 4   ? 5.313   5.117   -9.965  1.00 11.78 ? 4   PHE A CD2 1 
ATOM   28   C CE1 . PHE A 1 4   ? 4.321   6.205   -7.623  1.00 12.14 ? 4   PHE A CE1 1 
ATOM   29   C CE2 . PHE A 1 4   ? 4.260   6.012   -10.008 1.00 11.94 ? 4   PHE A CE2 1 
ATOM   30   C CZ  . PHE A 1 4   ? 3.765   6.561   -8.844  1.00 9.91  ? 4   PHE A CZ  1 
ATOM   31   N N   . VAL A 1 5   ? 10.289  3.065   -9.262  1.00 7.97  ? 5   VAL A N   1 
ATOM   32   C CA  . VAL A 1 5   ? 11.239  1.997   -9.004  1.00 8.84  ? 5   VAL A CA  1 
ATOM   33   C C   . VAL A 1 5   ? 12.305  2.401   -7.995  1.00 8.87  ? 5   VAL A C   1 
ATOM   34   O O   . VAL A 1 5   ? 12.848  3.505   -8.066  1.00 10.47 ? 5   VAL A O   1 
ATOM   35   C CB  . VAL A 1 5   ? 11.859  1.564   -10.381 1.00 10.13 ? 5   VAL A CB  1 
ATOM   36   C CG1 . VAL A 1 5   ? 13.043  0.619   -10.241 1.00 9.37  ? 5   VAL A CG1 1 
ATOM   37   C CG2 . VAL A 1 5   ? 10.763  0.849   -11.166 1.00 9.75  ? 5   VAL A CG2 1 
ATOM   38   N N   . GLY A 1 6   ? 12.592  1.522   -7.043  1.00 10.00 ? 6   GLY A N   1 
ATOM   39   C CA  . GLY A 1 6   ? 13.587  1.798   -6.025  1.00 9.36  ? 6   GLY A CA  1 
ATOM   40   C C   . GLY A 1 6   ? 13.155  1.255   -4.686  1.00 8.68  ? 6   GLY A C   1 
ATOM   41   O O   . GLY A 1 6   ? 12.144  0.550   -4.582  1.00 9.31  ? 6   GLY A O   1 
ATOM   42   N N   . THR A 1 7   ? 13.985  1.564   -3.689  1.00 9.81  ? 7   THR A N   1 
ATOM   43   C CA  . THR A 1 7   ? 13.729  1.163   -2.320  1.00 9.09  ? 7   THR A CA  1 
ATOM   44   C C   . THR A 1 7   ? 13.439  2.458   -1.573  1.00 9.34  ? 7   THR A C   1 
ATOM   45   O O   . THR A 1 7   ? 14.184  3.438   -1.688  1.00 9.75  ? 7   THR A O   1 
ATOM   46   C CB  . THR A 1 7   ? 14.948  0.475   -1.711  1.00 9.33  ? 7   THR A CB  1 
ATOM   47   O OG1 . THR A 1 7   ? 15.183  -0.719  -2.449  1.00 10.47 ? 7   THR A OG1 1 
ATOM   48   C CG2 . THR A 1 7   ? 14.722  0.106   -0.239  1.00 11.98 ? 7   THR A CG2 1 
ATOM   49   N N   . TRP A 1 8   ? 12.359  2.466   -0.799  1.00 7.10  ? 8   TRP A N   1 
ATOM   50   C CA  . TRP A 1 8   ? 11.823  3.642   -0.119  1.00 8.01  ? 8   TRP A CA  1 
ATOM   51   C C   . TRP A 1 8   ? 11.680  3.337   1.379   1.00 8.99  ? 8   TRP A C   1 
ATOM   52   O O   . TRP A 1 8   ? 11.391  2.189   1.741   1.00 10.46 ? 8   TRP A O   1 
ATOM   53   C CB  . TRP A 1 8   ? 10.442  3.979   -0.742  1.00 8.44  ? 8   TRP A CB  1 
ATOM   54   C CG  . TRP A 1 8   ? 10.461  4.285   -2.237  1.00 8.18  ? 8   TRP A CG  1 
ATOM   55   C CD1 . TRP A 1 8   ? 10.338  3.294   -3.179  1.00 9.41  ? 8   TRP A CD1 1 
ATOM   56   C CD2 . TRP A 1 8   ? 10.609  5.535   -2.792  1.00 8.14  ? 8   TRP A CD2 1 
ATOM   57   N NE1 . TRP A 1 8   ? 10.392  3.919   -4.341  1.00 10.65 ? 8   TRP A NE1 1 
ATOM   58   C CE2 . TRP A 1 8   ? 10.539  5.247   -4.158  1.00 9.03  ? 8   TRP A CE2 1 
ATOM   59   C CE3 . TRP A 1 8   ? 10.744  6.842   -2.337  1.00 7.86  ? 8   TRP A CE3 1 
ATOM   60   C CZ2 . TRP A 1 8   ? 10.634  6.270   -5.103  1.00 9.61  ? 8   TRP A CZ2 1 
ATOM   61   C CZ3 . TRP A 1 8   ? 10.829  7.856   -3.284  1.00 9.97  ? 8   TRP A CZ3 1 
ATOM   62   C CH2 . TRP A 1 8   ? 10.780  7.577   -4.652  1.00 10.10 ? 8   TRP A CH2 1 
ATOM   63   N N   . LYS A 1 9   ? 11.897  4.284   2.288   1.00 8.07  ? 9   LYS A N   1 
ATOM   64   C CA  . LYS A 1 9   ? 11.741  4.018   3.714   1.00 8.44  ? 9   LYS A CA  1 
ATOM   65   C C   . LYS A 1 9   ? 10.759  5.009   4.283   1.00 8.16  ? 9   LYS A C   1 
ATOM   66   O O   . LYS A 1 9   ? 10.716  6.164   3.846   1.00 9.12  ? 9   LYS A O   1 
ATOM   67   C CB  . LYS A 1 9   ? 13.078  4.131   4.435   1.00 10.94 ? 9   LYS A CB  1 
ATOM   68   C CG  . LYS A 1 9   ? 13.836  5.408   4.199   1.00 17.85 ? 9   LYS A CG  1 
ATOM   69   C CD  . LYS A 1 9   ? 15.203  5.212   4.838   1.00 26.96 ? 9   LYS A CD  1 
ATOM   70   C CE  . LYS A 1 9   ? 16.034  6.472   4.692   1.00 32.67 ? 9   LYS A CE  1 
ATOM   71   N NZ  . LYS A 1 9   ? 15.588  7.468   5.653   1.00 39.49 ? 9   LYS A NZ  1 
ATOM   72   N N   . LEU A 1 10  ? 9.933   4.552   5.217   1.00 8.03  ? 10  LEU A N   1 
ATOM   73   C CA  . LEU A 1 10  ? 8.904   5.395   5.806   1.00 9.55  ? 10  LEU A CA  1 
ATOM   74   C C   . LEU A 1 10  ? 9.492   6.549   6.608   1.00 11.11 ? 10  LEU A C   1 
ATOM   75   O O   . LEU A 1 10  ? 10.386  6.370   7.428   1.00 13.28 ? 10  LEU A O   1 
ATOM   76   C CB  . LEU A 1 10  ? 8.003   4.556   6.724   1.00 9.32  ? 10  LEU A CB  1 
ATOM   77   C CG  . LEU A 1 10  ? 6.835   5.291   7.358   1.00 7.24  ? 10  LEU A CG  1 
ATOM   78   C CD1 . LEU A 1 10  ? 5.738   5.586   6.354   1.00 7.98  ? 10  LEU A CD1 1 
ATOM   79   C CD2 . LEU A 1 10  ? 6.350   4.438   8.479   1.00 9.80  ? 10  LEU A CD2 1 
ATOM   80   N N   . VAL A 1 11  ? 8.966   7.735   6.381   1.00 9.85  ? 11  VAL A N   1 
ATOM   81   C CA  . VAL A 1 11  ? 9.425   8.939   7.058   1.00 12.19 ? 11  VAL A CA  1 
ATOM   82   C C   . VAL A 1 11  ? 8.313   9.431   7.973   1.00 13.47 ? 11  VAL A C   1 
ATOM   83   O O   . VAL A 1 11  ? 8.615   9.836   9.091   1.00 16.26 ? 11  VAL A O   1 
ATOM   84   C CB  . VAL A 1 11  ? 9.807   9.992   5.982   1.00 17.07 ? 11  VAL A CB  1 
ATOM   85   C CG1 . VAL A 1 11  ? 9.921   11.434  6.483   1.00 21.76 ? 11  VAL A CG1 1 
ATOM   86   C CG2 . VAL A 1 11  ? 11.168  9.563   5.503   1.00 16.61 ? 11  VAL A CG2 1 
ATOM   87   N N   . SER A 1 12  ? 7.042   9.444   7.589   1.00 10.32 ? 12  SER A N   1 
ATOM   88   C CA  . SER A 1 12  ? 5.985   9.929   8.467   1.00 11.52 ? 12  SER A CA  1 
ATOM   89   C C   . SER A 1 12  ? 4.676   9.248   8.149   1.00 10.94 ? 12  SER A C   1 
ATOM   90   O O   . SER A 1 12  ? 4.491   8.714   7.055   1.00 9.22  ? 12  SER A O   1 
ATOM   91   C CB  . SER A 1 12  ? 5.837   11.466  8.336   1.00 12.26 ? 12  SER A CB  1 
ATOM   92   O OG  . SER A 1 12  ? 5.444   11.890  7.049   1.00 17.04 ? 12  SER A OG  1 
ATOM   93   N N   . SER A 1 13  ? 3.796   9.206   9.149   1.00 10.47 ? 13  SER A N   1 
ATOM   94   C CA  . SER A 1 13  ? 2.498   8.607   8.996   1.00 11.83 ? 13  SER A CA  1 
ATOM   95   C C   . SER A 1 13  ? 1.478   9.492   9.698   1.00 13.79 ? 13  SER A C   1 
ATOM   96   O O   . SER A 1 13  ? 1.752   10.031  10.781  1.00 15.81 ? 13  SER A O   1 
ATOM   97   C CB  . SER A 1 13  ? 2.539   7.188   9.600   1.00 12.15 ? 13  SER A CB  1 
ATOM   98   O OG  . SER A 1 13  ? 1.271   6.538   9.532   1.00 14.97 ? 13  SER A OG  1 
ATOM   99   N N   . GLU A 1 14  ? 0.330   9.693   9.068   1.00 9.57  ? 14  GLU A N   1 
ATOM   100  C CA  . GLU A 1 14  ? -0.756  10.457  9.639   1.00 12.08 ? 14  GLU A CA  1 
ATOM   101  C C   . GLU A 1 14  ? -2.063  9.659   9.545   1.00 11.54 ? 14  GLU A C   1 
ATOM   102  O O   . GLU A 1 14  ? -2.417  9.149   8.479   1.00 9.82  ? 14  GLU A O   1 
ATOM   103  C CB  . GLU A 1 14  ? -0.826  11.758  8.876   1.00 18.22 ? 14  GLU A CB  1 
ATOM   104  C CG  . GLU A 1 14  ? -1.920  12.667  9.335   1.00 28.29 ? 14  GLU A CG  1 
ATOM   105  C CD  . GLU A 1 14  ? -1.921  13.973  8.557   1.00 35.27 ? 14  GLU A CD  1 
ATOM   106  O OE1 . GLU A 1 14  ? -1.207  14.881  8.994   1.00 39.85 ? 14  GLU A OE1 1 
ATOM   107  O OE2 . GLU A 1 14  ? -2.623  14.075  7.537   1.00 36.41 ? 14  GLU A OE2 1 
ATOM   108  N N   . ASN A 1 15  ? -2.768  9.492   10.677  1.00 9.15  ? 15  ASN A N   1 
ATOM   109  C CA  . ASN A 1 15  ? -4.058  8.822   10.808  1.00 8.40  ? 15  ASN A CA  1 
ATOM   110  C C   . ASN A 1 15  ? -4.082  7.363   10.398  1.00 5.91  ? 15  ASN A C   1 
ATOM   111  O O   . ASN A 1 15  ? -5.154  6.805   10.132  1.00 8.24  ? 15  ASN A O   1 
ATOM   112  C CB  . ASN A 1 15  ? -5.160  9.551   10.000  1.00 12.62 ? 15  ASN A CB  1 
ATOM   113  C CG  . ASN A 1 15  ? -5.384  11.015  10.324  1.00 16.80 ? 15  ASN A CG  1 
ATOM   114  O OD1 . ASN A 1 15  ? -5.242  11.488  11.456  1.00 18.26 ? 15  ASN A OD1 1 
ATOM   115  N ND2 . ASN A 1 15  ? -5.716  11.778  9.285   1.00 18.40 ? 15  ASN A ND2 1 
ATOM   116  N N   . PHE A 1 16  ? -2.953  6.651   10.387  1.00 7.45  ? 16  PHE A N   1 
ATOM   117  C CA  . PHE A 1 16  ? -2.956  5.265   9.924   1.00 7.42  ? 16  PHE A CA  1 
ATOM   118  C C   . PHE A 1 16  ? -3.666  4.355   10.924  1.00 7.76  ? 16  PHE A C   1 
ATOM   119  O O   . PHE A 1 16  ? -4.368  3.433   10.487  1.00 8.03  ? 16  PHE A O   1 
ATOM   120  C CB  . PHE A 1 16  ? -1.509  4.821   9.690   1.00 10.49 ? 16  PHE A CB  1 
ATOM   121  C CG  . PHE A 1 16  ? -1.392  3.497   8.945   1.00 10.24 ? 16  PHE A CG  1 
ATOM   122  C CD1 . PHE A 1 16  ? -2.031  3.339   7.722   1.00 13.02 ? 16  PHE A CD1 1 
ATOM   123  C CD2 . PHE A 1 16  ? -0.651  2.470   9.498   1.00 11.58 ? 16  PHE A CD2 1 
ATOM   124  C CE1 . PHE A 1 16  ? -1.936  2.126   7.057   1.00 14.36 ? 16  PHE A CE1 1 
ATOM   125  C CE2 . PHE A 1 16  ? -0.557  1.264   8.831   1.00 13.32 ? 16  PHE A CE2 1 
ATOM   126  C CZ  . PHE A 1 16  ? -1.205  1.094   7.619   1.00 14.56 ? 16  PHE A CZ  1 
ATOM   127  N N   . ASP A 1 17  ? -3.601  4.615   12.250  1.00 7.72  ? 17  ASP A N   1 
ATOM   128  C CA  . ASP A 1 17  ? -4.339  3.767   13.166  1.00 9.23  ? 17  ASP A CA  1 
ATOM   129  C C   . ASP A 1 17  ? -5.831  3.941   12.935  1.00 7.81  ? 17  ASP A C   1 
ATOM   130  O O   . ASP A 1 17  ? -6.553  2.950   12.940  1.00 9.43  ? 17  ASP A O   1 
ATOM   131  C CB  . ASP A 1 17  ? -4.007  4.107   14.623  1.00 13.13 ? 17  ASP A CB  1 
ATOM   132  C CG  . ASP A 1 17  ? -4.566  3.064   15.585  1.00 14.76 ? 17  ASP A CG  1 
ATOM   133  O OD1 . ASP A 1 17  ? -3.901  2.045   15.781  1.00 19.14 ? 17  ASP A OD1 1 
ATOM   134  O OD2 . ASP A 1 17  ? -5.665  3.263   16.122  1.00 22.38 ? 17  ASP A OD2 1 
ATOM   135  N N   . ASP A 1 18  ? -6.294  5.163   12.668  1.00 8.79  ? 18  ASP A N   1 
ATOM   136  C CA  . ASP A 1 18  ? -7.703  5.354   12.363  1.00 10.68 ? 18  ASP A CA  1 
ATOM   137  C C   . ASP A 1 18  ? -8.152  4.632   11.107  1.00 9.15  ? 18  ASP A C   1 
ATOM   138  O O   . ASP A 1 18  ? -9.235  4.028   11.066  1.00 10.34 ? 18  ASP A O   1 
ATOM   139  C CB  . ASP A 1 18  ? -8.010  6.834   12.213  1.00 11.97 ? 18  ASP A CB  1 
ATOM   140  C CG  . ASP A 1 18  ? -7.930  7.575   13.538  1.00 18.21 ? 18  ASP A CG  1 
ATOM   141  O OD1 . ASP A 1 18  ? -8.405  7.070   14.558  1.00 17.43 ? 18  ASP A OD1 1 
ATOM   142  O OD2 . ASP A 1 18  ? -7.383  8.663   13.547  1.00 22.47 ? 18  ASP A OD2 1 
ATOM   143  N N   . TYR A 1 19  ? -7.294  4.644   10.074  1.00 8.44  ? 19  TYR A N   1 
ATOM   144  C CA  . TYR A 1 19  ? -7.599  3.906   8.843   1.00 9.76  ? 19  TYR A CA  1 
ATOM   145  C C   . TYR A 1 19  ? -7.703  2.409   9.156   1.00 8.01  ? 19  TYR A C   1 
ATOM   146  O O   . TYR A 1 19  ? -8.655  1.734   8.728   1.00 9.11  ? 19  TYR A O   1 
ATOM   147  C CB  . TYR A 1 19  ? -6.493  4.170   7.784   1.00 7.70  ? 19  TYR A CB  1 
ATOM   148  C CG  . TYR A 1 19  ? -6.572  3.281   6.535   1.00 8.04  ? 19  TYR A CG  1 
ATOM   149  C CD1 . TYR A 1 19  ? -7.512  3.548   5.557   1.00 7.99  ? 19  TYR A CD1 1 
ATOM   150  C CD2 . TYR A 1 19  ? -5.748  2.154   6.430   1.00 8.58  ? 19  TYR A CD2 1 
ATOM   151  C CE1 . TYR A 1 19  ? -7.601  2.691   4.475   1.00 9.42  ? 19  TYR A CE1 1 
ATOM   152  C CE2 . TYR A 1 19  ? -5.837  1.293   5.346   1.00 7.53  ? 19  TYR A CE2 1 
ATOM   153  C CZ  . TYR A 1 19  ? -6.779  1.575   4.373   1.00 9.24  ? 19  TYR A CZ  1 
ATOM   154  O OH  . TYR A 1 19  ? -6.923  0.729   3.282   1.00 11.39 ? 19  TYR A OH  1 
ATOM   155  N N   . MET A 1 20  ? -6.749  1.850   9.907   1.00 9.23  ? 20  MET A N   1 
ATOM   156  C CA  . MET A 1 20  ? -6.771  0.426   10.245  1.00 9.82  ? 20  MET A CA  1 
ATOM   157  C C   . MET A 1 20  ? -8.003  0.092   11.080  1.00 10.16 ? 20  MET A C   1 
ATOM   158  O O   . MET A 1 20  ? -8.605  -0.971  10.877  1.00 11.30 ? 20  MET A O   1 
ATOM   159  C CB  . MET A 1 20  ? -5.522  0.035   11.021  1.00 9.12  ? 20  MET A CB  1 
ATOM   160  C CG  . MET A 1 20  ? -4.279  -0.014  10.146  1.00 12.35 ? 20  MET A CG  1 
ATOM   161  S SD  . MET A 1 20  ? -2.858  -0.761  11.003  1.00 11.95 ? 20  MET A SD  1 
ATOM   162  C CE  . MET A 1 20  ? -2.402  0.543   12.116  1.00 12.96 ? 20  MET A CE  1 
ATOM   163  N N   . LYS A 1 21  ? -8.433  1.003   11.959  1.00 12.64 ? 21  LYS A N   1 
ATOM   164  C CA  . LYS A 1 21  ? -9.637  0.730   12.747  1.00 14.43 ? 21  LYS A CA  1 
ATOM   165  C C   . LYS A 1 21  ? -10.835 0.608   11.802  1.00 14.55 ? 21  LYS A C   1 
ATOM   166  O O   . LYS A 1 21  ? -11.623 -0.332  11.869  1.00 15.58 ? 21  LYS A O   1 
ATOM   167  C CB  . LYS A 1 21  ? -9.938  1.850   13.737  1.00 16.36 ? 21  LYS A CB  1 
ATOM   168  C CG  . LYS A 1 21  ? -8.995  2.132   14.925  1.00 19.16 ? 21  LYS A CG  1 
ATOM   169  C CD  . LYS A 1 21  ? -9.469  3.293   15.802  0.00 0.00  ? 21  LYS A CD  1 
ATOM   170  C CE  . LYS A 1 21  ? -8.534  3.573   16.981  0.00 0.00  ? 21  LYS A CE  1 
ATOM   171  N NZ  . LYS A 1 21  ? -8.989  4.688   17.823  0.00 0.00  ? 21  LYS A NZ  1 
ATOM   172  N N   . GLU A 1 22  ? -10.936 1.524   10.849  1.00 12.52 ? 22  GLU A N   1 
ATOM   173  C CA  . GLU A 1 22  ? -12.021 1.534   9.893   1.00 14.91 ? 22  GLU A CA  1 
ATOM   174  C C   . GLU A 1 22  ? -12.054 0.278   9.037   1.00 14.28 ? 22  GLU A C   1 
ATOM   175  O O   . GLU A 1 22  ? -13.120 -0.245  8.715   1.00 16.01 ? 22  GLU A O   1 
ATOM   176  C CB  . GLU A 1 22  ? -11.846 2.784   9.058   1.00 17.32 ? 22  GLU A CB  1 
ATOM   177  C CG  . GLU A 1 22  ? -13.130 3.377   8.552   1.00 25.48 ? 22  GLU A CG  1 
ATOM   178  C CD  . GLU A 1 22  ? -14.130 3.698   9.655   1.00 29.48 ? 22  GLU A CD  1 
ATOM   179  O OE1 . GLU A 1 22  ? -13.780 4.348   10.652  1.00 31.14 ? 22  GLU A OE1 1 
ATOM   180  O OE2 . GLU A 1 22  ? -15.272 3.273   9.492   1.00 35.17 ? 22  GLU A OE2 1 
ATOM   181  N N   . VAL A 1 23  ? -10.889 -0.250  8.662   1.00 13.52 ? 23  VAL A N   1 
ATOM   182  C CA  . VAL A 1 23  ? -10.783 -1.489  7.899   1.00 16.69 ? 23  VAL A CA  1 
ATOM   183  C C   . VAL A 1 23  ? -11.149 -2.724  8.736   1.00 18.40 ? 23  VAL A C   1 
ATOM   184  O O   . VAL A 1 23  ? -11.450 -3.800  8.198   1.00 20.47 ? 23  VAL A O   1 
ATOM   185  C CB  . VAL A 1 23  ? -9.326  -1.544  7.358   1.00 18.22 ? 23  VAL A CB  1 
ATOM   186  C CG1 . VAL A 1 23  ? -8.954  -2.892  6.777   1.00 19.87 ? 23  VAL A CG1 1 
ATOM   187  C CG2 . VAL A 1 23  ? -9.225  -0.531  6.217   1.00 15.68 ? 23  VAL A CG2 1 
ATOM   188  N N   . GLY A 1 24  ? -11.073 -2.599  10.060  1.00 17.51 ? 24  GLY A N   1 
ATOM   189  C CA  . GLY A 1 24  ? -11.407 -3.701  10.938  1.00 18.81 ? 24  GLY A CA  1 
ATOM   190  C C   . GLY A 1 24  ? -10.203 -4.458  11.475  1.00 18.65 ? 24  GLY A C   1 
ATOM   191  O O   . GLY A 1 24  ? -10.337 -5.583  11.963  1.00 19.74 ? 24  GLY A O   1 
ATOM   192  N N   . VAL A 1 25  ? -9.012  -3.868  11.466  1.00 15.65 ? 25  VAL A N   1 
ATOM   193  C CA  . VAL A 1 25  ? -7.823  -4.537  11.967  1.00 15.19 ? 25  VAL A CA  1 
ATOM   194  C C   . VAL A 1 25  ? -7.893  -4.549  13.507  1.00 15.25 ? 25  VAL A C   1 
ATOM   195  O O   . VAL A 1 25  ? -8.203  -3.544  14.152  1.00 14.47 ? 25  VAL A O   1 
ATOM   196  C CB  . VAL A 1 25  ? -6.569  -3.771  11.472  1.00 14.48 ? 25  VAL A CB  1 
ATOM   197  C CG1 . VAL A 1 25  ? -5.291  -4.437  11.999  1.00 13.43 ? 25  VAL A CG1 1 
ATOM   198  C CG2 . VAL A 1 25  ? -6.557  -3.735  9.940   1.00 13.36 ? 25  VAL A CG2 1 
ATOM   199  N N   . GLY A 1 26  ? -7.595  -5.705  14.093  1.00 17.44 ? 26  GLY A N   1 
ATOM   200  C CA  . GLY A 1 26  ? -7.586  -5.888  15.541  1.00 18.66 ? 26  GLY A CA  1 
ATOM   201  C C   . GLY A 1 26  ? -6.495  -5.102  16.263  1.00 17.73 ? 26  GLY A C   1 
ATOM   202  O O   . GLY A 1 26  ? -5.456  -4.767  15.694  1.00 19.15 ? 26  GLY A O   1 
ATOM   203  N N   . PHE A 1 27  ? -6.694  -4.903  17.574  1.00 19.61 ? 27  PHE A N   1 
ATOM   204  C CA  . PHE A 1 27  ? -5.811  -4.141  18.453  1.00 20.14 ? 27  PHE A CA  1 
ATOM   205  C C   . PHE A 1 27  ? -4.349  -4.547  18.372  1.00 19.59 ? 27  PHE A C   1 
ATOM   206  O O   . PHE A 1 27  ? -3.505  -3.700  18.087  1.00 18.38 ? 27  PHE A O   1 
ATOM   207  C CB  . PHE A 1 27  ? -6.269  -4.271  19.927  1.00 22.38 ? 27  PHE A CB  1 
ATOM   208  C CG  . PHE A 1 27  ? -5.514  -3.349  20.895  1.00 23.15 ? 27  PHE A CG  1 
ATOM   209  C CD1 . PHE A 1 27  ? -5.706  -1.981  20.858  1.00 22.84 ? 27  PHE A CD1 1 
ATOM   210  C CD2 . PHE A 1 27  ? -4.615  -3.884  21.803  1.00 24.98 ? 27  PHE A CD2 1 
ATOM   211  C CE1 . PHE A 1 27  ? -5.004  -1.159  21.714  1.00 23.26 ? 27  PHE A CE1 1 
ATOM   212  C CE2 . PHE A 1 27  ? -3.919  -3.047  22.662  1.00 25.57 ? 27  PHE A CE2 1 
ATOM   213  C CZ  . PHE A 1 27  ? -4.110  -1.682  22.617  1.00 24.85 ? 27  PHE A CZ  1 
ATOM   214  N N   . ALA A 1 28  ? -4.023  -5.819  18.585  1.00 19.65 ? 28  ALA A N   1 
ATOM   215  C CA  . ALA A 1 28  ? -2.631  -6.230  18.548  1.00 18.46 ? 28  ALA A CA  1 
ATOM   216  C C   . ALA A 1 28  ? -1.973  -6.005  17.208  1.00 16.52 ? 28  ALA A C   1 
ATOM   217  O O   . ALA A 1 28  ? -0.843  -5.515  17.181  1.00 15.53 ? 28  ALA A O   1 
ATOM   218  C CB  . ALA A 1 28  ? -2.498  -7.707  18.884  1.00 20.92 ? 28  ALA A CB  1 
ATOM   219  N N   . THR A 1 29  ? -2.640  -6.317  16.091  1.00 15.47 ? 29  THR A N   1 
ATOM   220  C CA  . THR A 1 29  ? -2.049  -6.066  14.781  1.00 15.61 ? 29  THR A CA  1 
ATOM   221  C C   . THR A 1 29  ? -1.903  -4.576  14.549  1.00 14.23 ? 29  THR A C   1 
ATOM   222  O O   . THR A 1 29  ? -0.876  -4.154  14.009  1.00 14.96 ? 29  THR A O   1 
ATOM   223  C CB  . THR A 1 29  ? -2.918  -6.696  13.684  1.00 18.18 ? 29  THR A CB  1 
ATOM   224  O OG1 . THR A 1 29  ? -3.049  -8.057  14.073  1.00 21.94 ? 29  THR A OG1 1 
ATOM   225  C CG2 . THR A 1 29  ? -2.331  -6.639  12.279  1.00 16.19 ? 29  THR A CG2 1 
ATOM   226  N N   . ARG A 1 30  ? -2.853  -3.740  14.989  1.00 14.81 ? 30  ARG A N   1 
ATOM   227  C CA  . ARG A 1 30  ? -2.674  -2.304  14.831  1.00 13.99 ? 30  ARG A CA  1 
ATOM   228  C C   . ARG A 1 30  ? -1.473  -1.816  15.610  1.00 13.50 ? 30  ARG A C   1 
ATOM   229  O O   . ARG A 1 30  ? -0.701  -0.959  15.141  1.00 13.18 ? 30  ARG A O   1 
ATOM   230  C CB  . ARG A 1 30  ? -3.883  -1.496  15.313  1.00 14.37 ? 30  ARG A CB  1 
ATOM   231  C CG  . ARG A 1 30  ? -5.166  -1.742  14.535  1.00 14.15 ? 30  ARG A CG  1 
ATOM   232  C CD  . ARG A 1 30  ? -6.144  -0.585  14.679  1.00 16.75 ? 30  ARG A CD  1 
ATOM   233  N NE  . ARG A 1 30  ? -6.290  -0.090  16.046  1.00 21.79 ? 30  ARG A NE  1 
ATOM   234  C CZ  . ARG A 1 30  ? -7.163  -0.580  16.922  1.00 22.16 ? 30  ARG A CZ  1 
ATOM   235  N NH1 . ARG A 1 30  ? -7.989  -1.577  16.644  1.00 22.69 ? 30  ARG A NH1 1 
ATOM   236  N NH2 . ARG A 1 30  ? -7.233  -0.029  18.116  1.00 26.13 ? 30  ARG A NH2 1 
ATOM   237  N N   . LYS A 1 31  ? -1.256  -2.396  16.798  1.00 13.18 ? 31  LYS A N   1 
ATOM   238  C CA  . LYS A 1 31  ? -0.120  -1.999  17.608  1.00 15.32 ? 31  LYS A CA  1 
ATOM   239  C C   . LYS A 1 31  ? 1.193   -2.444  16.976  1.00 15.75 ? 31  LYS A C   1 
ATOM   240  O O   . LYS A 1 31  ? 2.119   -1.627  16.937  1.00 14.72 ? 31  LYS A O   1 
ATOM   241  C CB  . LYS A 1 31  ? -0.239  -2.551  19.059  1.00 17.99 ? 31  LYS A CB  1 
ATOM   242  C CG  . LYS A 1 31  ? -1.286  -1.859  19.989  1.00 19.70 ? 31  LYS A CG  1 
ATOM   243  C CD  . LYS A 1 31  ? -1.535  -0.329  19.845  1.00 23.58 ? 31  LYS A CD  1 
ATOM   244  C CE  . LYS A 1 31  ? -2.748  0.037   18.954  1.00 24.23 ? 31  LYS A CE  1 
ATOM   245  N NZ  . LYS A 1 31  ? -2.867  1.462   18.652  1.00 23.98 ? 31  LYS A NZ  1 
ATOM   246  N N   . VAL A 1 32  ? 1.293   -3.650  16.400  1.00 15.42 ? 32  VAL A N   1 
ATOM   247  C CA  . VAL A 1 32  ? 2.498   -4.091  15.692  1.00 17.71 ? 32  VAL A CA  1 
ATOM   248  C C   . VAL A 1 32  ? 2.765   -3.164  14.481  1.00 19.53 ? 32  VAL A C   1 
ATOM   249  O O   . VAL A 1 32  ? 3.884   -2.665  14.272  1.00 17.05 ? 32  VAL A O   1 
ATOM   250  C CB  . VAL A 1 32  ? 2.326   -5.528  15.169  1.00 19.78 ? 32  VAL A CB  1 
ATOM   251  C CG1 . VAL A 1 32  ? 3.644   -5.986  14.612  1.00 23.41 ? 32  VAL A CG1 1 
ATOM   252  C CG2 . VAL A 1 32  ? 1.954   -6.493  16.260  1.00 23.89 ? 32  VAL A CG2 1 
ATOM   253  N N   . ALA A 1 33  ? 1.721   -2.889  13.683  1.00 18.05 ? 33  ALA A N   1 
ATOM   254  C CA  . ALA A 1 33  ? 1.823   -2.027  12.505  1.00 19.51 ? 33  ALA A CA  1 
ATOM   255  C C   . ALA A 1 33  ? 2.284   -0.618  12.827  1.00 20.58 ? 33  ALA A C   1 
ATOM   256  O O   . ALA A 1 33  ? 3.079   -0.040  12.093  1.00 21.50 ? 33  ALA A O   1 
ATOM   257  C CB  . ALA A 1 33  ? 0.480   -1.900  11.803  1.00 20.54 ? 33  ALA A CB  1 
ATOM   258  N N   . GLY A 1 34  ? 1.838   -0.029  13.923  1.00 21.09 ? 34  GLY A N   1 
ATOM   259  C CA  . GLY A 1 34  ? 2.290   1.294   14.315  1.00 23.89 ? 34  GLY A CA  1 
ATOM   260  C C   . GLY A 1 34  ? 3.725   1.281   14.826  1.00 24.75 ? 34  GLY A C   1 
ATOM   261  O O   . GLY A 1 34  ? 4.319   2.333   15.047  1.00 28.28 ? 34  GLY A O   1 
ATOM   262  N N   . MET A 1 35  ? 4.295   0.123   15.132  1.00 24.47 ? 35  MET A N   1 
ATOM   263  C CA  . MET A 1 35  ? 5.682   0.068   15.558  1.00 26.08 ? 35  MET A CA  1 
ATOM   264  C C   . MET A 1 35  ? 6.561   -0.194  14.329  1.00 27.11 ? 35  MET A C   1 
ATOM   265  O O   . MET A 1 35  ? 7.778   0.030   14.370  1.00 28.83 ? 35  MET A O   1 
ATOM   266  C CB  . MET A 1 35  ? 5.917   -1.066  16.598  1.00 23.81 ? 35  MET A CB  1 
ATOM   267  C CG  . MET A 1 35  ? 5.414   -0.873  18.060  1.00 26.38 ? 35  MET A CG  1 
ATOM   268  S SD  . MET A 1 35  ? 5.769   -2.268  19.107  0.00 0.00  ? 35  MET A SD  1 
ATOM   269  C CE  . MET A 1 35  ? 5.162   -1.964  20.753  0.00 0.00  ? 35  MET A CE  1 
ATOM   270  N N   . ALA A 1 36  ? 6.017   -0.673  13.204  1.00 25.72 ? 36  ALA A N   1 
ATOM   271  C CA  . ALA A 1 36  ? 6.853   -0.996  12.055  1.00 26.17 ? 36  ALA A CA  1 
ATOM   272  C C   . ALA A 1 36  ? 7.240   0.239   11.245  1.00 25.90 ? 36  ALA A C   1 
ATOM   273  O O   . ALA A 1 36  ? 6.488   1.223   11.112  1.00 25.49 ? 36  ALA A O   1 
ATOM   274  C CB  . ALA A 1 36  ? 6.105   -1.998  11.173  1.00 25.02 ? 36  ALA A CB  1 
ATOM   275  N N   . LYS A 1 37  ? 8.481   0.272   10.757  1.00 25.97 ? 37  LYS A N   1 
ATOM   276  C CA  . LYS A 1 37  ? 8.914   1.348   9.863   1.00 23.89 ? 37  LYS A CA  1 
ATOM   277  C C   . LYS A 1 37  ? 9.304   0.627   8.568   1.00 20.70 ? 37  LYS A C   1 
ATOM   278  O O   . LYS A 1 37  ? 10.476  0.310   8.344   1.00 20.44 ? 37  LYS A O   1 
ATOM   279  C CB  . LYS A 1 37  ? 10.121  2.071   10.452  1.00 25.87 ? 37  LYS A CB  1 
ATOM   280  C CG  . LYS A 1 37  ? 10.627  3.211   9.566   0.00 0.00  ? 37  LYS A CG  1 
ATOM   281  C CD  . LYS A 1 37  ? 11.838  3.936   10.157  0.00 0.00  ? 37  LYS A CD  1 
ATOM   282  C CE  . LYS A 1 37  ? 12.343  5.076   9.270   0.00 0.00  ? 37  LYS A CE  1 
ATOM   283  N NZ  . LYS A 1 37  ? 13.507  5.772   9.838   0.00 0.00  ? 37  LYS A NZ  1 
ATOM   284  N N   . PRO A 1 38  ? 8.354   0.225   7.713   1.00 19.09 ? 38  PRO A N   1 
ATOM   285  C CA  . PRO A 1 38  ? 8.648   -0.634  6.566   1.00 17.41 ? 38  PRO A CA  1 
ATOM   286  C C   . PRO A 1 38  ? 9.462   0.087   5.507   1.00 16.17 ? 38  PRO A C   1 
ATOM   287  O O   . PRO A 1 38  ? 9.573   1.325   5.460   1.00 15.14 ? 38  PRO A O   1 
ATOM   288  C CB  . PRO A 1 38  ? 7.320   -1.086  6.017   1.00 15.28 ? 38  PRO A CB  1 
ATOM   289  C CG  . PRO A 1 38  ? 6.314   -0.628  7.046   1.00 21.53 ? 38  PRO A CG  1 
ATOM   290  C CD  . PRO A 1 38  ? 6.951   0.591   7.707   1.00 19.65 ? 38  PRO A CD  1 
ATOM   291  N N   . ASN A 1 39  ? 10.092  -0.766  4.725   1.00 14.56 ? 39  ASN A N   1 
ATOM   292  C CA  . ASN A 1 39  ? 10.766  -0.344  3.509   1.00 15.34 ? 39  ASN A CA  1 
ATOM   293  C C   . ASN A 1 39  ? 9.870   -0.849  2.403   1.00 15.35 ? 39  ASN A C   1 
ATOM   294  O O   . ASN A 1 39  ? 9.361   -1.969  2.500   1.00 15.65 ? 39  ASN A O   1 
ATOM   295  C CB  . ASN A 1 39  ? 12.105  -0.994  3.306   1.00 17.26 ? 39  ASN A CB  1 
ATOM   296  C CG  . ASN A 1 39  ? 13.264  -0.282  3.979   1.00 23.78 ? 39  ASN A CG  1 
ATOM   297  O OD1 . ASN A 1 39  ? 14.417  -0.511  3.616   1.00 32.30 ? 39  ASN A OD1 1 
ATOM   298  N ND2 . ASN A 1 39  ? 13.096  0.601   4.947   1.00 25.26 ? 39  ASN A ND2 1 
ATOM   299  N N   . MET A 1 40  ? 9.659   -0.068  1.363   1.00 13.65 ? 40  MET A N   1 
ATOM   300  C CA  . MET A 1 40  ? 8.853   -0.495  0.239   1.00 12.41 ? 40  MET A CA  1 
ATOM   301  C C   . MET A 1 40  ? 9.819   -0.625  -0.943  1.00 13.20 ? 40  MET A C   1 
ATOM   302  O O   . MET A 1 40  ? 10.621  0.287   -1.198  1.00 12.75 ? 40  MET A O   1 
ATOM   303  C CB  . MET A 1 40  ? 7.816   0.550   -0.026  1.00 11.34 ? 40  MET A CB  1 
ATOM   304  C CG  . MET A 1 40  ? 6.732   0.019   -0.955  1.00 15.04 ? 40  MET A CG  1 
ATOM   305  S SD  . MET A 1 40  ? 5.551   1.281   -1.482  1.00 19.42 ? 40  MET A SD  1 
ATOM   306  C CE  . MET A 1 40  ? 5.190   2.204   -0.021  1.00 21.43 ? 40  MET A CE  1 
ATOM   307  N N   . ILE A 1 41  ? 9.830   -1.747  -1.662  1.00 11.29 ? 41  ILE A N   1 
ATOM   308  C CA  . ILE A 1 41  ? 10.691  -1.942  -2.834  1.00 10.88 ? 41  ILE A CA  1 
ATOM   309  C C   . ILE A 1 41  ? 9.792   -2.155  -4.045  1.00 10.87 ? 41  ILE A C   1 
ATOM   310  O O   . ILE A 1 41  ? 8.945   -3.069  -4.012  1.00 9.90  ? 41  ILE A O   1 
ATOM   311  C CB  . ILE A 1 41  ? 11.631  -3.180  -2.633  1.00 14.02 ? 41  ILE A CB  1 
ATOM   312  C CG1 . ILE A 1 41  ? 12.478  -2.982  -1.352  1.00 16.35 ? 41  ILE A CG1 1 
ATOM   313  C CG2 . ILE A 1 41  ? 12.561  -3.340  -3.856  1.00 14.47 ? 41  ILE A CG2 1 
ATOM   314  C CD1 . ILE A 1 41  ? 12.431  -4.166  -0.409  1.00 17.38 ? 41  ILE A CD1 1 
ATOM   315  N N   . ILE A 1 42  ? 9.935   -1.321  -5.080  1.00 6.91  ? 42  ILE A N   1 
ATOM   316  C CA  . ILE A 1 42  ? 9.125   -1.442  -6.280  1.00 6.94  ? 42  ILE A CA  1 
ATOM   317  C C   . ILE A 1 42  ? 10.083  -1.740  -7.430  1.00 9.36  ? 42  ILE A C   1 
ATOM   318  O O   . ILE A 1 42  ? 11.159  -1.126  -7.561  1.00 7.90  ? 42  ILE A O   1 
ATOM   319  C CB  . ILE A 1 42  ? 8.343   -0.131  -6.530  1.00 9.37  ? 42  ILE A CB  1 
ATOM   320  C CG1 . ILE A 1 42  ? 7.407   0.107   -5.325  1.00 10.63 ? 42  ILE A CG1 1 
ATOM   321  C CG2 . ILE A 1 42  ? 7.523   -0.193  -7.832  1.00 8.39  ? 42  ILE A CG2 1 
ATOM   322  C CD1 . ILE A 1 42  ? 6.605   1.431   -5.374  1.00 12.03 ? 42  ILE A CD1 1 
ATOM   323  N N   . SER A 1 43  ? 9.702   -2.731  -8.232  1.00 7.70  ? 43  SER A N   1 
ATOM   324  C CA  . SER A 1 43  ? 10.471  -3.138  -9.399  1.00 8.70  ? 43  SER A CA  1 
ATOM   325  C C   . SER A 1 43  ? 9.539   -3.531  -10.546 1.00 8.26  ? 43  SER A C   1 
ATOM   326  O O   . SER A 1 43  ? 8.348   -3.804  -10.332 1.00 9.75  ? 43  SER A O   1 
ATOM   327  C CB  . SER A 1 43  ? 11.379  -4.297  -9.018  1.00 8.28  ? 43  SER A CB  1 
ATOM   328  O OG  . SER A 1 43  ? 10.709  -5.431  -8.484  1.00 12.50 ? 43  SER A OG  1 
ATOM   329  N N   . VAL A 1 44  ? 10.024  -3.491  -11.788 1.00 10.13 ? 44  VAL A N   1 
ATOM   330  C CA  . VAL A 1 44  ? 9.217   -3.763  -12.976 1.00 9.39  ? 44  VAL A CA  1 
ATOM   331  C C   . VAL A 1 44  ? 10.015  -4.763  -13.782 1.00 9.59  ? 44  VAL A C   1 
ATOM   332  O O   . VAL A 1 44  ? 11.235  -4.629  -13.958 1.00 10.38 ? 44  VAL A O   1 
ATOM   333  C CB  . VAL A 1 44  ? 9.012   -2.525  -13.876 1.00 11.74 ? 44  VAL A CB  1 
ATOM   334  C CG1 . VAL A 1 44  ? 8.045   -2.933  -14.979 1.00 13.77 ? 44  VAL A CG1 1 
ATOM   335  C CG2 . VAL A 1 44  ? 8.405   -1.335  -13.125 1.00 14.65 ? 44  VAL A CG2 1 
ATOM   336  N N   . ASN A 1 45  ? 9.342   -5.770  -14.309 1.00 9.23  ? 45  ASN A N   1 
ATOM   337  C CA  . ASN A 1 45  ? 10.001  -6.739  -15.169 1.00 10.59 ? 45  ASN A CA  1 
ATOM   338  C C   . ASN A 1 45  ? 8.999   -7.080  -16.262 1.00 8.95  ? 45  ASN A C   1 
ATOM   339  O O   . ASN A 1 45  ? 8.023   -7.810  -16.057 1.00 8.36  ? 45  ASN A O   1 
ATOM   340  C CB  . ASN A 1 45  ? 10.374  -7.985  -14.341 1.00 12.09 ? 45  ASN A CB  1 
ATOM   341  C CG  . ASN A 1 45  ? 11.258  -8.989  -15.086 1.00 16.47 ? 45  ASN A CG  1 
ATOM   342  O OD1 . ASN A 1 45  ? 12.114  -9.651  -14.494 1.00 18.84 ? 45  ASN A OD1 1 
ATOM   343  N ND2 . ASN A 1 45  ? 11.101  -9.249  -16.356 1.00 13.69 ? 45  ASN A ND2 1 
ATOM   344  N N   . GLY A 1 46  ? 9.216   -6.534  -17.459 1.00 9.22  ? 46  GLY A N   1 
ATOM   345  C CA  . GLY A 1 46  ? 8.325   -6.734  -18.590 1.00 10.16 ? 46  GLY A CA  1 
ATOM   346  C C   . GLY A 1 46  ? 7.040   -6.026  -18.205 1.00 12.14 ? 46  GLY A C   1 
ATOM   347  O O   . GLY A 1 46  ? 7.105   -4.871  -17.767 1.00 12.23 ? 46  GLY A O   1 
ATOM   348  N N   . ASP A 1 47  ? 5.878   -6.670  -18.245 1.00 12.51 ? 47  ASP A N   1 
ATOM   349  C CA  . ASP A 1 47  ? 4.722   -5.905  -17.807 1.00 16.27 ? 47  ASP A CA  1 
ATOM   350  C C   . ASP A 1 47  ? 4.226   -6.274  -16.405 1.00 15.03 ? 47  ASP A C   1 
ATOM   351  O O   . ASP A 1 47  ? 3.065   -6.041  -16.062 1.00 16.95 ? 47  ASP A O   1 
ATOM   352  C CB  . ASP A 1 47  ? 3.598   -6.045  -18.852 1.00 20.93 ? 47  ASP A CB  1 
ATOM   353  C CG  . ASP A 1 47  ? 3.182   -7.433  -19.260 1.00 26.92 ? 47  ASP A CG  1 
ATOM   354  O OD1 . ASP A 1 47  ? 3.400   -8.393  -18.507 1.00 32.00 ? 47  ASP A OD1 1 
ATOM   355  O OD2 . ASP A 1 47  ? 2.620   -7.535  -20.356 1.00 33.51 ? 47  ASP A OD2 1 
ATOM   356  N N   . LEU A 1 48  ? 5.071   -6.915  -15.597 1.00 10.71 ? 48  LEU A N   1 
ATOM   357  C CA  . LEU A 1 48  ? 4.706   -7.244  -14.219 1.00 10.65 ? 48  LEU A CA  1 
ATOM   358  C C   . LEU A 1 48  ? 5.439   -6.288  -13.299 1.00 9.33  ? 48  LEU A C   1 
ATOM   359  O O   . LEU A 1 48  ? 6.660   -6.112  -13.391 1.00 9.84  ? 48  LEU A O   1 
ATOM   360  C CB  . LEU A 1 48  ? 5.118   -8.669  -13.824 1.00 14.46 ? 48  LEU A CB  1 
ATOM   361  C CG  . LEU A 1 48  ? 4.347   -9.829  -14.443 1.00 19.12 ? 48  LEU A CG  1 
ATOM   362  C CD1 . LEU A 1 48  ? 4.731   -11.110 -13.714 1.00 19.43 ? 48  LEU A CD1 1 
ATOM   363  C CD2 . LEU A 1 48  ? 2.837   -9.616  -14.305 1.00 18.49 ? 48  LEU A CD2 1 
ATOM   364  N N   . VAL A 1 49  ? 4.652   -5.622  -12.458 1.00 8.89  ? 49  VAL A N   1 
ATOM   365  C CA  . VAL A 1 49  ? 5.162   -4.676  -11.485 1.00 6.94  ? 49  VAL A CA  1 
ATOM   366  C C   . VAL A 1 49  ? 5.121   -5.425  -10.145 1.00 8.66  ? 49  VAL A C   1 
ATOM   367  O O   . VAL A 1 49  ? 4.131   -6.120  -9.834  1.00 8.22  ? 49  VAL A O   1 
ATOM   368  C CB  . VAL A 1 49  ? 4.237   -3.450  -11.411 1.00 9.79  ? 49  VAL A CB  1 
ATOM   369  C CG1 . VAL A 1 49  ? 4.855   -2.442  -10.458 1.00 11.44 ? 49  VAL A CG1 1 
ATOM   370  C CG2 . VAL A 1 49  ? 4.033   -2.832  -12.771 1.00 10.77 ? 49  VAL A CG2 1 
ATOM   371  N N   . THR A 1 50  ? 6.150   -5.291  -9.323  1.00 6.86  ? 50  THR A N   1 
ATOM   372  C CA  . THR A 1 50  ? 6.154   -5.922  -8.023  1.00 8.10  ? 50  THR A CA  1 
ATOM   373  C C   . THR A 1 50  ? 6.284   -4.854  -6.955  1.00 8.09  ? 50  THR A C   1 
ATOM   374  O O   . THR A 1 50  ? 7.126   -3.956  -7.075  1.00 8.18  ? 50  THR A O   1 
ATOM   375  C CB  . THR A 1 50  ? 7.311   -6.936  -7.895  1.00 8.29  ? 50  THR A CB  1 
ATOM   376  O OG1 . THR A 1 50  ? 7.057   -7.981  -8.840  1.00 9.60  ? 50  THR A OG1 1 
ATOM   377  C CG2 . THR A 1 50  ? 7.423   -7.564  -6.510  1.00 9.87  ? 50  THR A CG2 1 
ATOM   378  N N   . ILE A 1 51  ? 5.453   -4.951  -5.921  1.00 6.82  ? 51  ILE A N   1 
ATOM   379  C CA  . ILE A 1 51  ? 5.566   -4.054  -4.770  1.00 8.28  ? 51  ILE A CA  1 
ATOM   380  C C   . ILE A 1 51  ? 5.756   -4.953  -3.558  1.00 8.78  ? 51  ILE A C   1 
ATOM   381  O O   . ILE A 1 51  ? 4.923   -5.814  -3.247  1.00 8.72  ? 51  ILE A O   1 
ATOM   382  C CB  . ILE A 1 51  ? 4.287   -3.170  -4.574  1.00 7.66  ? 51  ILE A CB  1 
ATOM   383  C CG1 . ILE A 1 51  ? 4.013   -2.295  -5.777  1.00 8.06  ? 51  ILE A CG1 1 
ATOM   384  C CG2 . ILE A 1 51  ? 4.529   -2.286  -3.341  1.00 7.74  ? 51  ILE A CG2 1 
ATOM   385  C CD1 . ILE A 1 51  ? 2.726   -1.443  -5.704  1.00 9.49  ? 51  ILE A CD1 1 
ATOM   386  N N   . ARG A 1 52  ? 6.908   -4.788  -2.905  1.00 7.69  ? 52  ARG A N   1 
ATOM   387  C CA  . ARG A 1 52  ? 7.234   -5.564  -1.722  1.00 9.10  ? 52  ARG A CA  1 
ATOM   388  C C   . ARG A 1 52  ? 7.323   -4.638  -0.503  1.00 11.17 ? 52  ARG A C   1 
ATOM   389  O O   . ARG A 1 52  ? 7.866   -3.527  -0.614  1.00 10.94 ? 52  ARG A O   1 
ATOM   390  C CB  . ARG A 1 52  ? 8.559   -6.261  -2.001  1.00 13.37 ? 52  ARG A CB  1 
ATOM   391  C CG  . ARG A 1 52  ? 9.143   -6.992  -0.858  1.00 15.43 ? 52  ARG A CG  1 
ATOM   392  C CD  . ARG A 1 52  ? 10.253  -7.834  -1.467  1.00 18.35 ? 52  ARG A CD  1 
ATOM   393  N NE  . ARG A 1 52  ? 10.928  -8.454  -0.353  1.00 18.88 ? 52  ARG A NE  1 
ATOM   394  C CZ  . ARG A 1 52  ? 10.501  -9.568  0.228   1.00 16.91 ? 52  ARG A CZ  1 
ATOM   395  N NH1 . ARG A 1 52  ? 9.477   -10.273 -0.264  1.00 20.95 ? 52  ARG A NH1 1 
ATOM   396  N NH2 . ARG A 1 52  ? 11.175  -10.014 1.269   1.00 20.25 ? 52  ARG A NH2 1 
ATOM   397  N N   . SER A 1 53  ? 6.784   -5.015  0.655   1.00 9.72  ? 53  SER A N   1 
ATOM   398  C CA  . SER A 1 53  ? 6.926   -4.214  1.854   1.00 11.09 ? 53  SER A CA  1 
ATOM   399  C C   . SER A 1 53  ? 7.638   -5.126  2.841   1.00 11.76 ? 53  SER A C   1 
ATOM   400  O O   . SER A 1 53  ? 7.255   -6.292  3.004   1.00 13.18 ? 53  SER A O   1 
ATOM   401  C CB  . SER A 1 53  ? 5.555   -3.817  2.353   1.00 14.03 ? 53  SER A CB  1 
ATOM   402  O OG  . SER A 1 53  ? 5.598   -3.143  3.619   1.00 21.19 ? 53  SER A OG  1 
ATOM   403  N N   . GLU A 1 54  ? 8.710   -4.639  3.459   1.00 8.82  ? 54  GLU A N   1 
ATOM   404  C CA  . GLU A 1 54  ? 9.514   -5.432  4.358   1.00 10.39 ? 54  GLU A CA  1 
ATOM   405  C C   . GLU A 1 54  ? 9.568   -4.826  5.741   1.00 11.38 ? 54  GLU A C   1 
ATOM   406  O O   . GLU A 1 54  ? 9.861   -3.625  5.886   1.00 11.32 ? 54  GLU A O   1 
ATOM   407  C CB  . GLU A 1 54  ? 10.963  -5.549  3.898   1.00 11.79 ? 54  GLU A CB  1 
ATOM   408  C CG  . GLU A 1 54  ? 11.181  -6.144  2.509   1.00 14.67 ? 54  GLU A CG  1 
ATOM   409  C CD  . GLU A 1 54  ? 12.637  -6.498  2.190   1.00 18.14 ? 54  GLU A CD  1 
ATOM   410  O OE1 . GLU A 1 54  ? 13.577  -5.844  2.661   1.00 22.34 ? 54  GLU A OE1 1 
ATOM   411  O OE2 . GLU A 1 54  ? 12.841  -7.448  1.445   1.00 20.34 ? 54  GLU A OE2 1 
ATOM   412  N N   . SER A 1 55  ? 9.287   -5.625  6.755   1.00 10.38 ? 55  SER A N   1 
ATOM   413  C CA  . SER A 1 55  ? 9.440   -5.154  8.104   1.00 13.11 ? 55  SER A CA  1 
ATOM   414  C C   . SER A 1 55  ? 9.872   -6.372  8.935   1.00 15.17 ? 55  SER A C   1 
ATOM   415  O O   . SER A 1 55  ? 9.720   -7.528  8.513   1.00 14.16 ? 55  SER A O   1 
ATOM   416  C CB  . SER A 1 55  ? 8.112   -4.563  8.564   1.00 11.40 ? 55  SER A CB  1 
ATOM   417  O OG  . SER A 1 55  ? 7.173   -5.517  9.058   1.00 17.11 ? 55  SER A OG  1 
ATOM   418  N N   . THR A 1 56  ? 10.308  -6.142  10.173  1.00 18.37 ? 56  THR A N   1 
ATOM   419  C CA  . THR A 1 56  ? 10.799  -7.201  11.059  1.00 21.46 ? 56  THR A CA  1 
ATOM   420  C C   . THR A 1 56  ? 9.776   -8.300  11.292  1.00 22.72 ? 56  THR A C   1 
ATOM   421  O O   . THR A 1 56  ? 10.058  -9.492  11.336  1.00 26.36 ? 56  THR A O   1 
ATOM   422  C CB  . THR A 1 56  ? 11.213  -6.549  12.401  1.00 23.32 ? 56  THR A CB  1 
ATOM   423  O OG1 . THR A 1 56  ? 10.144  -5.711  12.846  1.00 27.46 ? 56  THR A OG1 1 
ATOM   424  C CG2 . THR A 1 56  ? 12.436  -5.669  12.240  1.00 26.42 ? 56  THR A CG2 1 
ATOM   425  N N   . PHE A 1 57  ? 8.545   -7.817  11.409  1.00 21.16 ? 57  PHE A N   1 
ATOM   426  C CA  . PHE A 1 57  ? 7.355   -8.602  11.676  1.00 23.92 ? 57  PHE A CA  1 
ATOM   427  C C   . PHE A 1 57  ? 6.763   -9.392  10.522  1.00 23.00 ? 57  PHE A C   1 
ATOM   428  O O   . PHE A 1 57  ? 6.338   -10.533 10.711  1.00 20.62 ? 57  PHE A O   1 
ATOM   429  C CB  . PHE A 1 57  ? 6.266   -7.681  12.192  1.00 28.51 ? 57  PHE A CB  1 
ATOM   430  C CG  . PHE A 1 57  ? 6.829   -6.732  13.237  1.00 35.04 ? 57  PHE A CG  1 
ATOM   431  C CD1 . PHE A 1 57  ? 7.265   -7.241  14.467  1.00 36.17 ? 57  PHE A CD1 1 
ATOM   432  C CD2 . PHE A 1 57  ? 6.915   -5.375  12.930  1.00 35.71 ? 57  PHE A CD2 1 
ATOM   433  C CE1 . PHE A 1 57  ? 7.788   -6.370  15.405  1.00 37.10 ? 57  PHE A CE1 1 
ATOM   434  C CE2 . PHE A 1 57  ? 7.439   -4.514  13.878  1.00 37.38 ? 57  PHE A CE2 1 
ATOM   435  C CZ  . PHE A 1 57  ? 7.872   -5.013  15.101  1.00 38.31 ? 57  PHE A CZ  1 
ATOM   436  N N   . LYS A 1 58  ? 6.657   -8.774  9.335   1.00 20.69 ? 58  LYS A N   1 
ATOM   437  C CA  . LYS A 1 58  ? 5.959   -9.367  8.203   1.00 19.73 ? 58  LYS A CA  1 
ATOM   438  C C   . LYS A 1 58  ? 6.443   -8.687  6.939   1.00 16.45 ? 58  LYS A C   1 
ATOM   439  O O   . LYS A 1 58  ? 6.640   -7.462  6.918   1.00 15.51 ? 58  LYS A O   1 
ATOM   440  C CB  . LYS A 1 58  ? 4.460   -9.137  8.337   1.00 24.01 ? 58  LYS A CB  1 
ATOM   441  C CG  . LYS A 1 58  ? 3.599   -9.976  7.407   1.00 28.91 ? 58  LYS A CG  1 
ATOM   442  C CD  . LYS A 1 58  ? 2.388   -10.293 8.254   1.00 30.91 ? 58  LYS A CD  1 
ATOM   443  C CE  . LYS A 1 58  ? 1.520   -11.318 7.584   1.00 32.80 ? 58  LYS A CE  1 
ATOM   444  N NZ  . LYS A 1 58  ? 0.645   -11.947 8.554   1.00 34.05 ? 58  LYS A NZ  1 
ATOM   445  N N   . ASN A 1 59  ? 6.653   -9.502  5.920   1.00 12.77 ? 59  ASN A N   1 
ATOM   446  C CA  . ASN A 1 59  ? 6.988   -8.995  4.588   1.00 12.15 ? 59  ASN A CA  1 
ATOM   447  C C   . ASN A 1 59  ? 5.779   -9.277  3.727   1.00 12.70 ? 59  ASN A C   1 
ATOM   448  O O   . ASN A 1 59  ? 5.095   -10.284 3.972   1.00 14.43 ? 59  ASN A O   1 
ATOM   449  C CB  . ASN A 1 59  ? 8.160   -9.725  3.972   1.00 10.94 ? 59  ASN A CB  1 
ATOM   450  C CG  . ASN A 1 59  ? 9.478   -9.529  4.708   1.00 13.21 ? 59  ASN A CG  1 
ATOM   451  O OD1 . ASN A 1 59  ? 9.695   -8.538  5.412   1.00 12.95 ? 59  ASN A OD1 1 
ATOM   452  N ND2 . ASN A 1 59  ? 10.442  -10.439 4.592   1.00 17.83 ? 59  ASN A ND2 1 
ATOM   453  N N   . THR A 1 60  ? 5.404   -8.415  2.783   1.00 10.48 ? 60  THR A N   1 
ATOM   454  C CA  . THR A 1 60  ? 4.332   -8.741  1.860   1.00 10.77 ? 60  THR A CA  1 
ATOM   455  C C   . THR A 1 60  ? 4.884   -8.487  0.472   1.00 10.28 ? 60  THR A C   1 
ATOM   456  O O   . THR A 1 60  ? 5.848   -7.736  0.334   1.00 10.37 ? 60  THR A O   1 
ATOM   457  C CB  . THR A 1 60  ? 3.073   -7.881  2.010   1.00 12.46 ? 60  THR A CB  1 
ATOM   458  O OG1 . THR A 1 60  ? 3.457   -6.508  1.953   1.00 13.05 ? 60  THR A OG1 1 
ATOM   459  C CG2 . THR A 1 60  ? 2.331   -8.227  3.286   1.00 13.75 ? 60  THR A CG2 1 
ATOM   460  N N   . GLU A 1 61  ? 4.343   -9.163  -0.523  1.00 10.23 ? 61  GLU A N   1 
ATOM   461  C CA  . GLU A 1 61  ? 4.780   -8.991  -1.889  1.00 11.25 ? 61  GLU A CA  1 
ATOM   462  C C   . GLU A 1 61  ? 3.588   -9.299  -2.790  1.00 11.41 ? 61  GLU A C   1 
ATOM   463  O O   . GLU A 1 61  ? 2.890   -10.308 -2.608  1.00 13.68 ? 61  GLU A O   1 
ATOM   464  C CB  . GLU A 1 61  ? 5.911   -9.949  -2.179  1.00 12.04 ? 61  GLU A CB  1 
ATOM   465  C CG  . GLU A 1 61  ? 6.466   -9.702  -3.556  1.00 19.93 ? 61  GLU A CG  1 
ATOM   466  C CD  . GLU A 1 61  ? 7.702   -10.529 -3.855  1.00 24.85 ? 61  GLU A CD  1 
ATOM   467  O OE1 . GLU A 1 61  ? 8.683   -10.418 -3.123  1.00 27.94 ? 61  GLU A OE1 1 
ATOM   468  O OE2 . GLU A 1 61  ? 7.700   -11.240 -4.858  1.00 28.58 ? 61  GLU A OE2 1 
ATOM   469  N N   . ILE A 1 62  ? 3.320   -8.378  -3.713  1.00 9.95  ? 62  ILE A N   1 
ATOM   470  C CA  . ILE A 1 62  ? 2.320   -8.561  -4.759  1.00 9.32  ? 62  ILE A CA  1 
ATOM   471  C C   . ILE A 1 62  ? 3.005   -8.266  -6.106  1.00 9.40  ? 62  ILE A C   1 
ATOM   472  O O   . ILE A 1 62  ? 3.843   -7.345  -6.208  1.00 9.43  ? 62  ILE A O   1 
ATOM   473  C CB  . ILE A 1 62  ? 1.076   -7.602  -4.599  1.00 9.64  ? 62  ILE A CB  1 
ATOM   474  C CG1 . ILE A 1 62  ? 1.467   -6.152  -4.327  1.00 10.00 ? 62  ILE A CG1 1 
ATOM   475  C CG2 . ILE A 1 62  ? 0.228   -8.137  -3.451  1.00 12.51 ? 62  ILE A CG2 1 
ATOM   476  C CD1 . ILE A 1 62  ? 0.298   -5.142  -4.440  1.00 13.52 ? 62  ILE A CD1 1 
ATOM   477  N N   . SER A 1 63  ? 2.670   -9.058  -7.133  1.00 8.35  ? 63  SER A N   1 
ATOM   478  C CA  . SER A 1 63  ? 3.143   -8.871  -8.500  1.00 8.40  ? 63  SER A CA  1 
ATOM   479  C C   . SER A 1 63  ? 1.883   -8.895  -9.345  1.00 9.68  ? 63  SER A C   1 
ATOM   480  O O   . SER A 1 63  ? 0.992   -9.747  -9.173  1.00 10.34 ? 63  SER A O   1 
ATOM   481  C CB  . SER A 1 63  ? 4.057   -9.999  -8.999  1.00 10.53 ? 63  SER A CB  1 
ATOM   482  O OG  . SER A 1 63  ? 5.259   -10.024 -8.256  1.00 15.14 ? 63  SER A OG  1 
ATOM   483  N N   . PHE A 1 64  ? 1.792   -7.939  -10.258 1.00 8.04  ? 64  PHE A N   1 
ATOM   484  C CA  . PHE A 1 64  ? 0.562   -7.728  -11.002 1.00 9.11  ? 64  PHE A CA  1 
ATOM   485  C C   . PHE A 1 64  ? 0.844   -7.042  -12.331 1.00 7.50  ? 64  PHE A C   1 
ATOM   486  O O   . PHE A 1 64  ? 1.868   -6.380  -12.558 1.00 8.76  ? 64  PHE A O   1 
ATOM   487  C CB  . PHE A 1 64  ? -0.431  -6.835  -10.173 1.00 9.67  ? 64  PHE A CB  1 
ATOM   488  C CG  . PHE A 1 64  ? 0.215   -5.524  -9.709  1.00 8.70  ? 64  PHE A CG  1 
ATOM   489  C CD1 . PHE A 1 64  ? 0.925   -5.501  -8.499  1.00 10.81 ? 64  PHE A CD1 1 
ATOM   490  C CD2 . PHE A 1 64  ? 0.167   -4.371  -10.481 1.00 8.86  ? 64  PHE A CD2 1 
ATOM   491  C CE1 . PHE A 1 64  ? 1.568   -4.344  -8.096  1.00 10.58 ? 64  PHE A CE1 1 
ATOM   492  C CE2 . PHE A 1 64  ? 0.819   -3.221  -10.058 1.00 9.80  ? 64  PHE A CE2 1 
ATOM   493  C CZ  . PHE A 1 64  ? 1.522   -3.198  -8.868  1.00 9.77  ? 64  PHE A CZ  1 
ATOM   494  N N   . LYS A 1 65  ? -0.145  -7.213  -13.176 1.00 7.57  ? 65  LYS A N   1 
ATOM   495  C CA  . LYS A 1 65  ? -0.177  -6.475  -14.427 1.00 9.17  ? 65  LYS A CA  1 
ATOM   496  C C   . LYS A 1 65  ? -1.152  -5.317  -14.221 1.00 9.57  ? 65  LYS A C   1 
ATOM   497  O O   . LYS A 1 65  ? -2.231  -5.553  -13.658 1.00 10.19 ? 65  LYS A O   1 
ATOM   498  C CB  . LYS A 1 65  ? -0.681  -7.403  -15.536 1.00 13.01 ? 65  LYS A CB  1 
ATOM   499  C CG  . LYS A 1 65  ? -0.577  -6.781  -16.906 1.00 16.16 ? 65  LYS A CG  1 
ATOM   500  C CD  . LYS A 1 65  ? -0.890  -7.784  -17.980 1.00 22.55 ? 65  LYS A CD  1 
ATOM   501  C CE  . LYS A 1 65  ? -0.753  -7.006  -19.269 1.00 24.82 ? 65  LYS A CE  1 
ATOM   502  N NZ  . LYS A 1 65  ? -1.419  -7.755  -20.305 1.00 35.05 ? 65  LYS A NZ  1 
ATOM   503  N N   . LEU A 1 66  ? -0.853  -4.089  -14.663 1.00 8.40  ? 66  LEU A N   1 
ATOM   504  C CA  . LEU A 1 66  ? -1.734  -2.944  -14.513 1.00 7.65  ? 66  LEU A CA  1 
ATOM   505  C C   . LEU A 1 66  ? -3.029  -3.170  -15.296 1.00 9.95  ? 66  LEU A C   1 
ATOM   506  O O   . LEU A 1 66  ? -3.001  -3.431  -16.509 1.00 10.96 ? 66  LEU A O   1 
ATOM   507  C CB  . LEU A 1 66  ? -1.041  -1.676  -15.027 1.00 9.96  ? 66  LEU A CB  1 
ATOM   508  C CG  . LEU A 1 66  ? -0.164  -0.645  -14.249 1.00 15.29 ? 66  LEU A CG  1 
ATOM   509  C CD1 . LEU A 1 66  ? -0.252  -0.837  -12.757 1.00 13.84 ? 66  LEU A CD1 1 
ATOM   510  C CD2 . LEU A 1 66  ? 1.245   -0.727  -14.776 1.00 16.35 ? 66  LEU A CD2 1 
ATOM   511  N N   . GLY A 1 67  ? -4.140  -3.174  -14.578 1.00 8.61  ? 67  GLY A N   1 
ATOM   512  C CA  . GLY A 1 67  ? -5.443  -3.333  -15.194 1.00 8.90  ? 67  GLY A CA  1 
ATOM   513  C C   . GLY A 1 67  ? -6.045  -4.709  -15.056 1.00 10.33 ? 67  GLY A C   1 
ATOM   514  O O   . GLY A 1 67  ? -7.192  -4.913  -15.467 1.00 13.17 ? 67  GLY A O   1 
ATOM   515  N N   . VAL A 1 68  ? -5.332  -5.680  -14.499 1.00 8.97  ? 68  VAL A N   1 
ATOM   516  C CA  . VAL A 1 68  ? -5.840  -7.053  -14.396 1.00 9.67  ? 68  VAL A CA  1 
ATOM   517  C C   . VAL A 1 68  ? -6.115  -7.342  -12.928 1.00 8.96  ? 68  VAL A C   1 
ATOM   518  O O   . VAL A 1 68  ? -5.198  -7.205  -12.114 1.00 10.60 ? 68  VAL A O   1 
ATOM   519  C CB  . VAL A 1 68  ? -4.787  -8.067  -14.949 1.00 11.06 ? 68  VAL A CB  1 
ATOM   520  C CG1 . VAL A 1 68  ? -5.268  -9.511  -14.816 1.00 13.10 ? 68  VAL A CG1 1 
ATOM   521  C CG2 . VAL A 1 68  ? -4.546  -7.766  -16.429 1.00 12.67 ? 68  VAL A CG2 1 
ATOM   522  N N   . GLU A 1 69  ? -7.340  -7.714  -12.592 1.00 8.00  ? 69  GLU A N   1 
ATOM   523  C CA  . GLU A 1 69  ? -7.720  -8.017  -11.215 1.00 8.73  ? 69  GLU A CA  1 
ATOM   524  C C   . GLU A 1 69  ? -7.014  -9.261  -10.710 1.00 8.76  ? 69  GLU A C   1 
ATOM   525  O O   . GLU A 1 69  ? -6.877  -10.238 -11.461 1.00 10.21 ? 69  GLU A O   1 
ATOM   526  C CB  . GLU A 1 69  ? -9.232  -8.202  -11.147 1.00 9.75  ? 69  GLU A CB  1 
ATOM   527  C CG  . GLU A 1 69  ? -9.720  -8.517  -9.728  1.00 10.00 ? 69  GLU A CG  1 
ATOM   528  C CD  . GLU A 1 69  ? -11.215 -8.707  -9.639  1.00 12.69 ? 69  GLU A CD  1 
ATOM   529  O OE1 . GLU A 1 69  ? -11.699 -9.769  -9.999  1.00 14.62 ? 69  GLU A OE1 1 
ATOM   530  O OE2 . GLU A 1 69  ? -11.891 -7.793  -9.183  1.00 17.62 ? 69  GLU A OE2 1 
ATOM   531  N N   . PHE A 1 70  ? -6.559  -9.290  -9.454  1.00 8.03  ? 70  PHE A N   1 
ATOM   532  C CA  . PHE A 1 70  ? -5.832  -10.446 -8.925  1.00 7.51  ? 70  PHE A CA  1 
ATOM   533  C C   . PHE A 1 70  ? -6.171  -10.650 -7.464  1.00 7.31  ? 70  PHE A C   1 
ATOM   534  O O   . PHE A 1 70  ? -6.726  -9.757  -6.813  1.00 8.36  ? 70  PHE A O   1 
ATOM   535  C CB  . PHE A 1 70  ? -4.293  -10.243 -9.080  1.00 6.71  ? 70  PHE A CB  1 
ATOM   536  C CG  . PHE A 1 70  ? -3.696  -9.051  -8.361  1.00 8.17  ? 70  PHE A CG  1 
ATOM   537  C CD1 . PHE A 1 70  ? -3.880  -7.769  -8.835  1.00 8.09  ? 70  PHE A CD1 1 
ATOM   538  C CD2 . PHE A 1 70  ? -2.987  -9.247  -7.189  1.00 11.44 ? 70  PHE A CD2 1 
ATOM   539  C CE1 . PHE A 1 70  ? -3.371  -6.676  -8.149  1.00 11.27 ? 70  PHE A CE1 1 
ATOM   540  C CE2 . PHE A 1 70  ? -2.478  -8.151  -6.510  1.00 11.23 ? 70  PHE A CE2 1 
ATOM   541  C CZ  . PHE A 1 70  ? -2.667  -6.872  -6.979  1.00 9.90  ? 70  PHE A CZ  1 
ATOM   542  N N   . ASP A 1 71  ? -5.847  -11.825 -6.957  1.00 7.91  ? 71  ASP A N   1 
ATOM   543  C CA  . ASP A 1 71  ? -6.025  -12.123 -5.540  1.00 8.16  ? 71  ASP A CA  1 
ATOM   544  C C   . ASP A 1 71  ? -4.857  -11.646 -4.696  1.00 8.07  ? 71  ASP A C   1 
ATOM   545  O O   . ASP A 1 71  ? -3.692  -11.845 -5.077  1.00 9.23  ? 71  ASP A O   1 
ATOM   546  C CB  . ASP A 1 71  ? -6.141  -13.602 -5.338  1.00 9.53  ? 71  ASP A CB  1 
ATOM   547  C CG  . ASP A 1 71  ? -7.301  -14.132 -6.128  1.00 12.73 ? 71  ASP A CG  1 
ATOM   548  O OD1 . ASP A 1 71  ? -8.426  -13.826 -5.755  1.00 12.30 ? 71  ASP A OD1 1 
ATOM   549  O OD2 . ASP A 1 71  ? -7.051  -14.837 -7.100  1.00 15.25 ? 71  ASP A OD2 1 
ATOM   550  N N   . GLU A 1 72  ? -5.139  -11.051 -3.546  1.00 8.36  ? 72  GLU A N   1 
ATOM   551  C CA  . GLU A 1 72  ? -4.108  -10.561 -2.645  1.00 9.01  ? 72  GLU A CA  1 
ATOM   552  C C   . GLU A 1 72  ? -4.507  -10.927 -1.220  1.00 9.28  ? 72  GLU A C   1 
ATOM   553  O O   . GLU A 1 72  ? -5.686  -10.862 -0.872  1.00 9.92  ? 72  GLU A O   1 
ATOM   554  C CB  . GLU A 1 72  ? -3.987  -9.048  -2.773  1.00 7.91  ? 72  GLU A CB  1 
ATOM   555  C CG  . GLU A 1 72  ? -3.114  -8.414  -1.687  1.00 8.94  ? 72  GLU A CG  1 
ATOM   556  C CD  . GLU A 1 72  ? -3.059  -6.897  -1.713  1.00 11.81 ? 72  GLU A CD  1 
ATOM   557  O OE1 . GLU A 1 72  ? -3.769  -6.236  -2.468  1.00 12.35 ? 72  GLU A OE1 1 
ATOM   558  O OE2 . GLU A 1 72  ? -2.288  -6.338  -0.946  1.00 13.19 ? 72  GLU A OE2 1 
ATOM   559  N N   . ILE A 1 73  ? -3.535  -11.351 -0.407  1.00 10.91 ? 73  ILE A N   1 
ATOM   560  C CA  . ILE A 1 73  ? -3.786  -11.596 1.012   1.00 12.06 ? 73  ILE A CA  1 
ATOM   561  C C   . ILE A 1 73  ? -3.035  -10.474 1.685   1.00 11.50 ? 73  ILE A C   1 
ATOM   562  O O   . ILE A 1 73  ? -1.826  -10.358 1.508   1.00 14.64 ? 73  ILE A O   1 
ATOM   563  C CB  . ILE A 1 73  ? -3.246  -12.960 1.461   1.00 14.93 ? 73  ILE A CB  1 
ATOM   564  C CG1 . ILE A 1 73  ? -4.084  -14.048 0.804   1.00 16.49 ? 73  ILE A CG1 1 
ATOM   565  C CG2 . ILE A 1 73  ? -3.381  -13.105 2.972   1.00 15.12 ? 73  ILE A CG2 1 
ATOM   566  C CD1 . ILE A 1 73  ? -3.462  -15.431 0.940   1.00 21.12 ? 73  ILE A CD1 1 
ATOM   567  N N   . THR A 1 74  ? -3.735  -9.603  2.401   1.00 10.73 ? 74  THR A N   1 
ATOM   568  C CA  . THR A 1 74  ? -3.115  -8.415  2.973   1.00 11.97 ? 74  THR A CA  1 
ATOM   569  C C   . THR A 1 74  ? -2.328  -8.740  4.233   1.00 10.64 ? 74  THR A C   1 
ATOM   570  O O   . THR A 1 74  ? -2.482  -9.822  4.805   1.00 11.19 ? 74  THR A O   1 
ATOM   571  C CB  . THR A 1 74  ? -4.231  -7.372  3.246   1.00 10.82 ? 74  THR A CB  1 
ATOM   572  O OG1 . THR A 1 74  ? -5.127  -7.952  4.197   1.00 11.90 ? 74  THR A OG1 1 
ATOM   573  C CG2 . THR A 1 74  ? -5.057  -7.058  2.012   1.00 10.04 ? 74  THR A CG2 1 
ATOM   574  N N   . ALA A 1 75  ? -1.518  -7.801  4.720   1.00 12.65 ? 75  ALA A N   1 
ATOM   575  C CA  . ALA A 1 75  ? -0.693  -8.002  5.912   1.00 14.82 ? 75  ALA A CA  1 
ATOM   576  C C   . ALA A 1 75  ? -1.493  -8.360  7.177   1.00 14.97 ? 75  ALA A C   1 
ATOM   577  O O   . ALA A 1 75  ? -1.019  -9.035  8.087   1.00 17.88 ? 75  ALA A O   1 
ATOM   578  C CB  . ALA A 1 75  ? 0.105   -6.722  6.133   1.00 13.23 ? 75  ALA A CB  1 
ATOM   579  N N   . ASP A 1 76  ? -2.747  -7.922  7.227   1.00 14.96 ? 76  ASP A N   1 
ATOM   580  C CA  . ASP A 1 76  ? -3.672  -8.202  8.326   1.00 13.66 ? 76  ASP A CA  1 
ATOM   581  C C   . ASP A 1 76  ? -4.585  -9.378  8.033   1.00 17.19 ? 76  ASP A C   1 
ATOM   582  O O   . ASP A 1 76  ? -5.630  -9.573  8.663   1.00 18.81 ? 76  ASP A O   1 
ATOM   583  C CB  . ASP A 1 76  ? -4.504  -6.941  8.604   1.00 14.50 ? 76  ASP A CB  1 
ATOM   584  C CG  . ASP A 1 76  ? -5.367  -6.457  7.443   1.00 13.62 ? 76  ASP A CG  1 
ATOM   585  O OD1 . ASP A 1 76  ? -4.845  -6.204  6.346   1.00 12.56 ? 76  ASP A OD1 1 
ATOM   586  O OD2 . ASP A 1 76  ? -6.567  -6.312  7.642   1.00 15.08 ? 76  ASP A OD2 1 
ATOM   587  N N   . ASP A 1 77  ? -4.197  -10.123 6.999   1.00 17.34 ? 77  ASP A N   1 
ATOM   588  C CA  . ASP A 1 77  ? -4.849  -11.332 6.541   1.00 20.01 ? 77  ASP A CA  1 
ATOM   589  C C   . ASP A 1 77  ? -6.262  -11.327 6.018   1.00 20.54 ? 77  ASP A C   1 
ATOM   590  O O   . ASP A 1 77  ? -7.046  -12.260 6.182   1.00 24.73 ? 77  ASP A O   1 
ATOM   591  C CB  . ASP A 1 77  ? -4.712  -12.396 7.647   1.00 26.40 ? 77  ASP A CB  1 
ATOM   592  C CG  . ASP A 1 77  ? -3.248  -12.833 7.662   1.00 34.37 ? 77  ASP A CG  1 
ATOM   593  O OD1 . ASP A 1 77  ? -2.850  -13.586 6.760   1.00 40.19 ? 77  ASP A OD1 1 
ATOM   594  O OD2 . ASP A 1 77  ? -2.500  -12.384 8.540   1.00 39.53 ? 77  ASP A OD2 1 
ATOM   595  N N   . ARG A 1 78  ? -6.591  -10.267 5.298   1.00 15.51 ? 78  ARG A N   1 
ATOM   596  C CA  . ARG A 1 78  ? -7.833  -10.289 4.561   1.00 14.25 ? 78  ARG A CA  1 
ATOM   597  C C   . ARG A 1 78  ? -7.491  -10.869 3.183   1.00 14.96 ? 78  ARG A C   1 
ATOM   598  O O   . ARG A 1 78  ? -6.394  -10.620 2.662   1.00 13.24 ? 78  ARG A O   1 
ATOM   599  C CB  . ARG A 1 78  ? -8.383  -8.892  4.375   1.00 13.73 ? 78  ARG A CB  1 
ATOM   600  C CG  . ARG A 1 78  ? -8.991  -8.195  5.586   1.00 14.39 ? 78  ARG A CG  1 
ATOM   601  C CD  . ARG A 1 78  ? -9.266  -6.726  5.214   1.00 14.20 ? 78  ARG A CD  1 
ATOM   602  N NE  . ARG A 1 78  ? -8.008  -5.996  5.173   1.00 12.71 ? 78  ARG A NE  1 
ATOM   603  C CZ  . ARG A 1 78  ? -7.673  -5.052  4.313   1.00 12.79 ? 78  ARG A CZ  1 
ATOM   604  N NH1 . ARG A 1 78  ? -8.475  -4.656  3.319   1.00 11.77 ? 78  ARG A NH1 1 
ATOM   605  N NH2 . ARG A 1 78  ? -6.456  -4.522  4.474   1.00 11.59 ? 78  ARG A NH2 1 
ATOM   606  N N   . LYS A 1 79  ? -8.413  -11.625 2.578   1.00 15.14 ? 79  LYS A N   1 
ATOM   607  C CA  . LYS A 1 79  ? -8.272  -12.150 1.222   1.00 14.94 ? 79  LYS A CA  1 
ATOM   608  C C   . LYS A 1 79  ? -9.120  -11.229 0.357   1.00 13.06 ? 79  LYS A C   1 
ATOM   609  O O   . LYS A 1 79  ? -10.343 -11.155 0.516   1.00 13.42 ? 79  LYS A O   1 
ATOM   610  C CB  . LYS A 1 79  ? -8.815  -13.563 1.104   1.00 17.00 ? 79  LYS A CB  1 
ATOM   611  C CG  . LYS A 1 79  ? -7.898  -14.660 1.690   1.00 24.42 ? 79  LYS A CG  1 
ATOM   612  C CD  . LYS A 1 79  ? -8.483  -16.067 1.550   0.00 0.00  ? 79  LYS A CD  1 
ATOM   613  C CE  . LYS A 1 79  ? -7.574  -17.152 2.130   0.00 0.00  ? 79  LYS A CE  1 
ATOM   614  N NZ  . LYS A 1 79  ? -8.137  -18.503 1.995   0.00 0.00  ? 79  LYS A NZ  1 
ATOM   615  N N   . VAL A 1 80  ? -8.481  -10.462 -0.520  1.00 9.43  ? 80  VAL A N   1 
ATOM   616  C CA  . VAL A 1 80  ? -9.176  -9.425  -1.243  1.00 9.07  ? 80  VAL A CA  1 
ATOM   617  C C   . VAL A 1 80  ? -8.938  -9.614  -2.740  1.00 8.42  ? 80  VAL A C   1 
ATOM   618  O O   . VAL A 1 80  ? -8.038  -10.360 -3.155  1.00 10.10 ? 80  VAL A O   1 
ATOM   619  C CB  . VAL A 1 80  ? -8.675  -7.971  -0.817  1.00 9.10  ? 80  VAL A CB  1 
ATOM   620  C CG1 . VAL A 1 80  ? -8.815  -7.767  0.703   1.00 9.82  ? 80  VAL A CG1 1 
ATOM   621  C CG2 . VAL A 1 80  ? -7.204  -7.771  -1.192  1.00 8.71  ? 80  VAL A CG2 1 
ATOM   622  N N   . LYS A 1 81  ? -9.763  -8.944  -3.541  1.00 8.24  ? 81  LYS A N   1 
ATOM   623  C CA  . LYS A 1 81  ? -9.558  -8.848  -4.984  1.00 8.50  ? 81  LYS A CA  1 
ATOM   624  C C   . LYS A 1 81  ? -8.975  -7.468  -5.223  1.00 7.76  ? 81  LYS A C   1 
ATOM   625  O O   . LYS A 1 81  ? -9.551  -6.484  -4.751  1.00 8.89  ? 81  LYS A O   1 
ATOM   626  C CB  . LYS A 1 81  ? -10.868 -8.947  -5.750  1.00 10.24 ? 81  LYS A CB  1 
ATOM   627  C CG  . LYS A 1 81  ? -11.544 -10.306 -5.724  1.00 11.60 ? 81  LYS A CG  1 
ATOM   628  C CD  . LYS A 1 81  ? -10.750 -11.411 -6.371  1.00 10.12 ? 81  LYS A CD  1 
ATOM   629  C CE  . LYS A 1 81  ? -11.619 -12.673 -6.364  1.00 11.18 ? 81  LYS A CE  1 
ATOM   630  N NZ  . LYS A 1 81  ? -10.891 -13.820 -6.890  1.00 8.82  ? 81  LYS A NZ  1 
ATOM   631  N N   . SER A 1 82  ? -7.845  -7.341  -5.892  1.00 8.37  ? 82  SER A N   1 
ATOM   632  C CA  . SER A 1 82  ? -7.222  -6.053  -6.101  1.00 8.24  ? 82  SER A CA  1 
ATOM   633  C C   . SER A 1 82  ? -7.071  -5.721  -7.574  1.00 8.24  ? 82  SER A C   1 
ATOM   634  O O   . SER A 1 82  ? -6.914  -6.653  -8.371  1.00 8.08  ? 82  SER A O   1 
ATOM   635  C CB  . SER A 1 82  ? -5.839  -6.038  -5.467  1.00 9.67  ? 82  SER A CB  1 
ATOM   636  O OG  . SER A 1 82  ? -5.935  -5.967  -4.055  1.00 11.67 ? 82  SER A OG  1 
ATOM   637  N N   . ILE A 1 83  ? -7.123  -4.428  -7.916  1.00 6.28  ? 83  ILE A N   1 
ATOM   638  C CA  . ILE A 1 83  ? -6.824  -3.988  -9.278  1.00 8.33  ? 83  ILE A CA  1 
ATOM   639  C C   . ILE A 1 83  ? -6.051  -2.676  -9.127  1.00 6.98  ? 83  ILE A C   1 
ATOM   640  O O   . ILE A 1 83  ? -6.377  -1.827  -8.283  1.00 8.02  ? 83  ILE A O   1 
ATOM   641  C CB  . ILE A 1 83  ? -8.142  -3.815  -10.099 1.00 10.79 ? 83  ILE A CB  1 
ATOM   642  C CG1 . ILE A 1 83  ? -7.744  -3.565  -11.549 1.00 15.22 ? 83  ILE A CG1 1 
ATOM   643  C CG2 . ILE A 1 83  ? -9.001  -2.684  -9.581  1.00 15.23 ? 83  ILE A CG2 1 
ATOM   644  C CD1 . ILE A 1 83  ? -8.887  -3.877  -12.532 1.00 19.65 ? 83  ILE A CD1 1 
ATOM   645  N N   . ILE A 1 84  ? -4.950  -2.554  -9.862  1.00 7.49  ? 84  ILE A N   1 
ATOM   646  C CA  . ILE A 1 84  ? -4.132  -1.353  -9.818  1.00 7.05  ? 84  ILE A CA  1 
ATOM   647  C C   . ILE A 1 84  ? -4.036  -0.839  -11.268 1.00 8.42  ? 84  ILE A C   1 
ATOM   648  O O   . ILE A 1 84  ? -3.733  -1.603  -12.205 1.00 6.84  ? 84  ILE A O   1 
ATOM   649  C CB  . ILE A 1 84  ? -2.720  -1.705  -9.266  1.00 8.06  ? 84  ILE A CB  1 
ATOM   650  C CG1 . ILE A 1 84  ? -2.838  -2.346  -7.882  1.00 8.62  ? 84  ILE A CG1 1 
ATOM   651  C CG2 . ILE A 1 84  ? -1.869  -0.443  -9.210  1.00 7.49  ? 84  ILE A CG2 1 
ATOM   652  C CD1 . ILE A 1 84  ? -1.543  -2.717  -7.126  1.00 11.34 ? 84  ILE A CD1 1 
ATOM   653  N N   . THR A 1 85  ? -4.311  0.457   -11.431 1.00 8.20  ? 85  THR A N   1 
ATOM   654  C CA  . THR A 1 85  ? -4.206  1.138   -12.729 1.00 8.33  ? 85  THR A CA  1 
ATOM   655  C C   . THR A 1 85  ? -3.226  2.316   -12.602 1.00 9.78  ? 85  THR A C   1 
ATOM   656  O O   . THR A 1 85  ? -2.849  2.748   -11.489 1.00 10.90 ? 85  THR A O   1 
ATOM   657  C CB  . THR A 1 85  ? -5.612  1.640   -13.189 1.00 7.10  ? 85  THR A CB  1 
ATOM   658  O OG1 . THR A 1 85  ? -6.174  2.420   -12.152 1.00 10.18 ? 85  THR A OG1 1 
ATOM   659  C CG2 . THR A 1 85  ? -6.555  0.489   -13.523 1.00 8.61  ? 85  THR A CG2 1 
ATOM   660  N N   . LEU A 1 86  ? -2.778  2.844   -13.738 1.00 9.15  ? 86  LEU A N   1 
ATOM   661  C CA  . LEU A 1 86  ? -1.870  3.986   -13.770 1.00 9.14  ? 86  LEU A CA  1 
ATOM   662  C C   . LEU A 1 86  ? -2.715  5.128   -14.319 1.00 10.25 ? 86  LEU A C   1 
ATOM   663  O O   . LEU A 1 86  ? -3.158  5.094   -15.482 1.00 10.04 ? 86  LEU A O   1 
ATOM   664  C CB  . LEU A 1 86  ? -0.686  3.698   -14.701 1.00 11.95 ? 86  LEU A CB  1 
ATOM   665  C CG  . LEU A 1 86  ? 0.365   4.779   -14.902 1.00 14.48 ? 86  LEU A CG  1 
ATOM   666  C CD1 . LEU A 1 86  ? 1.043   5.134   -13.596 1.00 16.25 ? 86  LEU A CD1 1 
ATOM   667  C CD2 . LEU A 1 86  ? 1.430   4.237   -15.847 1.00 18.27 ? 86  LEU A CD2 1 
ATOM   668  N N   . ASP A 1 87  ? -2.972  6.093   -13.442 1.00 9.92  ? 87  ASP A N   1 
ATOM   669  C CA  . ASP A 1 87  ? -3.844  7.212   -13.737 1.00 12.04 ? 87  ASP A CA  1 
ATOM   670  C C   . ASP A 1 87  ? -3.238  8.508   -13.266 1.00 11.52 ? 87  ASP A C   1 
ATOM   671  O O   . ASP A 1 87  ? -2.964  8.692   -12.081 1.00 10.74 ? 87  ASP A O   1 
ATOM   672  C CB  . ASP A 1 87  ? -5.193  7.051   -13.043 1.00 12.36 ? 87  ASP A CB  1 
ATOM   673  C CG  . ASP A 1 87  ? -5.991  5.874   -13.549 1.00 13.99 ? 87  ASP A CG  1 
ATOM   674  O OD1 . ASP A 1 87  ? -6.174  5.776   -14.756 1.00 18.35 ? 87  ASP A OD1 1 
ATOM   675  O OD2 . ASP A 1 87  ? -6.435  5.077   -12.737 1.00 17.01 ? 87  ASP A OD2 1 
ATOM   676  N N   . GLY A 1 88  ? -2.986  9.412   -14.203 1.00 13.76 ? 88  GLY A N   1 
ATOM   677  C CA  . GLY A 1 88  ? -2.439  10.726  -13.856 1.00 14.05 ? 88  GLY A CA  1 
ATOM   678  C C   . GLY A 1 88  ? -1.068  10.615  -13.211 1.00 12.98 ? 88  GLY A C   1 
ATOM   679  O O   . GLY A 1 88  ? -0.699  11.407  -12.356 1.00 16.50 ? 88  GLY A O   1 
ATOM   680  N N   . GLY A 1 89  ? -0.283  9.627   -13.628 1.00 12.79 ? 89  GLY A N   1 
ATOM   681  C CA  . GLY A 1 89  ? 1.017   9.439   -13.024 1.00 14.73 ? 89  GLY A CA  1 
ATOM   682  C C   . GLY A 1 89  ? 0.986   8.793   -11.639 1.00 13.77 ? 89  GLY A C   1 
ATOM   683  O O   . GLY A 1 89  ? 2.046   8.719   -11.010 1.00 15.57 ? 89  GLY A O   1 
ATOM   684  N N   . ALA A 1 90  ? -0.154  8.320   -11.127 1.00 11.70 ? 90  ALA A N   1 
ATOM   685  C CA  . ALA A 1 90  ? -0.219  7.662   -9.829  1.00 9.50  ? 90  ALA A CA  1 
ATOM   686  C C   . ALA A 1 90  ? -0.688  6.209   -10.003 1.00 10.80 ? 90  ALA A C   1 
ATOM   687  O O   . ALA A 1 90  ? -1.389  5.882   -10.971 1.00 9.51  ? 90  ALA A O   1 
ATOM   688  C CB  . ALA A 1 90  ? -1.206  8.372   -8.961  1.00 8.82  ? 90  ALA A CB  1 
ATOM   689  N N   . LEU A 1 91  ? -0.271  5.305   -9.112  1.00 8.75  ? 91  LEU A N   1 
ATOM   690  C CA  . LEU A 1 91  ? -0.705  3.918   -9.109  1.00 8.43  ? 91  LEU A CA  1 
ATOM   691  C C   . LEU A 1 91  ? -1.933  3.949   -8.203  1.00 8.26  ? 91  LEU A C   1 
ATOM   692  O O   . LEU A 1 91  ? -1.855  4.344   -7.034  1.00 10.17 ? 91  LEU A O   1 
ATOM   693  C CB  . LEU A 1 91  ? 0.400   3.030   -8.528  1.00 8.48  ? 91  LEU A CB  1 
ATOM   694  C CG  . LEU A 1 91  ? 1.640   2.795   -9.383  1.00 11.22 ? 91  LEU A CG  1 
ATOM   695  C CD1 . LEU A 1 91  ? 2.735   2.153   -8.558  1.00 11.23 ? 91  LEU A CD1 1 
ATOM   696  C CD2 . LEU A 1 91  ? 1.279   1.864   -10.541 1.00 14.50 ? 91  LEU A CD2 1 
ATOM   697  N N   . VAL A 1 92  ? -3.101  3.601   -8.726  1.00 8.15  ? 92  VAL A N   1 
ATOM   698  C CA  . VAL A 1 92  ? -4.332  3.636   -7.961  1.00 7.27  ? 92  VAL A CA  1 
ATOM   699  C C   . VAL A 1 92  ? -4.791  2.197   -7.762  1.00 7.84  ? 92  VAL A C   1 
ATOM   700  O O   . VAL A 1 92  ? -5.127  1.486   -8.716  1.00 8.38  ? 92  VAL A O   1 
ATOM   701  C CB  . VAL A 1 92  ? -5.410  4.457   -8.729  1.00 8.95  ? 92  VAL A CB  1 
ATOM   702  C CG1 . VAL A 1 92  ? -6.667  4.498   -7.874  1.00 8.71  ? 92  VAL A CG1 1 
ATOM   703  C CG2 . VAL A 1 92  ? -4.940  5.865   -9.036  1.00 7.74  ? 92  VAL A CG2 1 
ATOM   704  N N   . GLN A 1 93  ? -4.848  1.774   -6.505  1.00 7.35  ? 93  GLN A N   1 
ATOM   705  C CA  . GLN A 1 93  ? -5.197  0.408   -6.125  1.00 7.00  ? 93  GLN A CA  1 
ATOM   706  C C   . GLN A 1 93  ? -6.576  0.371   -5.463  1.00 8.44  ? 93  GLN A C   1 
ATOM   707  O O   . GLN A 1 93  ? -6.845  1.131   -4.523  1.00 8.44  ? 93  GLN A O   1 
ATOM   708  C CB  . GLN A 1 93  ? -4.170  -0.155  -5.137  1.00 7.47  ? 93  GLN A CB  1 
ATOM   709  C CG  . GLN A 1 93  ? -4.555  -1.558  -4.683  1.00 8.02  ? 93  GLN A CG  1 
ATOM   710  C CD  . GLN A 1 93  ? -3.475  -2.265  -3.919  1.00 9.99  ? 93  GLN A CD  1 
ATOM   711  O OE1 . GLN A 1 93  ? -2.515  -1.678  -3.434  1.00 11.59 ? 93  GLN A OE1 1 
ATOM   712  N NE2 . GLN A 1 93  ? -3.603  -3.572  -3.764  1.00 10.99 ? 93  GLN A NE2 1 
ATOM   713  N N   . VAL A 1 94  ? -7.466  -0.508  -5.905  1.00 7.30  ? 94  VAL A N   1 
ATOM   714  C CA  . VAL A 1 94  ? -8.740  -0.685  -5.218  1.00 7.34  ? 94  VAL A CA  1 
ATOM   715  C C   . VAL A 1 94  ? -8.768  -2.122  -4.726  1.00 6.92  ? 94  VAL A C   1 
ATOM   716  O O   . VAL A 1 94  ? -8.481  -3.037  -5.506  1.00 8.48  ? 94  VAL A O   1 
ATOM   717  C CB  . VAL A 1 94  ? -9.919  -0.415  -6.180  1.00 9.42  ? 94  VAL A CB  1 
ATOM   718  C CG1 . VAL A 1 94  ? -11.228 -0.692  -5.439  1.00 11.08 ? 94  VAL A CG1 1 
ATOM   719  C CG2 . VAL A 1 94  ? -9.930  1.053   -6.648  1.00 10.98 ? 94  VAL A CG2 1 
ATOM   720  N N   . GLN A 1 95  ? -9.066  -2.321  -3.441  1.00 6.84  ? 95  GLN A N   1 
ATOM   721  C CA  . GLN A 1 95  ? -9.193  -3.661  -2.879  1.00 7.20  ? 95  GLN A CA  1 
ATOM   722  C C   . GLN A 1 95  ? -10.652 -3.842  -2.511  1.00 9.19  ? 95  GLN A C   1 
ATOM   723  O O   . GLN A 1 95  ? -11.238 -2.967  -1.869  1.00 9.89  ? 95  GLN A O   1 
ATOM   724  C CB  . GLN A 1 95  ? -8.415  -3.841  -1.599  1.00 9.96  ? 95  GLN A CB  1 
ATOM   725  C CG  . GLN A 1 95  ? -6.912  -3.692  -1.739  1.00 10.89 ? 95  GLN A CG  1 
ATOM   726  C CD  . GLN A 1 95  ? -6.216  -3.834  -0.386  1.00 11.93 ? 95  GLN A CD  1 
ATOM   727  O OE1 . GLN A 1 95  ? -6.780  -3.552  0.677   1.00 12.02 ? 95  GLN A OE1 1 
ATOM   728  N NE2 . GLN A 1 95  ? -4.973  -4.301  -0.383  1.00 10.84 ? 95  GLN A NE2 1 
ATOM   729  N N   . LYS A 1 96  ? -11.272 -4.950  -2.884  1.00 10.88 ? 96  LYS A N   1 
ATOM   730  C CA  . LYS A 1 96  ? -12.663 -5.242  -2.570  1.00 10.77 ? 96  LYS A CA  1 
ATOM   731  C C   . LYS A 1 96  ? -12.738 -6.576  -1.825  1.00 11.97 ? 96  LYS A C   1 
ATOM   732  O O   . LYS A 1 96  ? -12.036 -7.535  -2.196  1.00 9.72  ? 96  LYS A O   1 
ATOM   733  C CB  . LYS A 1 96  ? -13.474 -5.380  -3.828  1.00 12.16 ? 96  LYS A CB  1 
ATOM   734  C CG  . LYS A 1 96  ? -13.637 -4.124  -4.637  1.00 16.82 ? 96  LYS A CG  1 
ATOM   735  C CD  . LYS A 1 96  ? -14.182 -4.590  -5.988  1.00 26.23 ? 96  LYS A CD  1 
ATOM   736  C CE  . LYS A 1 96  ? -15.015 -3.498  -6.657  1.00 32.73 ? 96  LYS A CE  1 
ATOM   737  N NZ  . LYS A 1 96  ? -16.346 -3.365  -6.053  1.00 36.64 ? 96  LYS A NZ  1 
ATOM   738  N N   . TRP A 1 97  ? -13.554 -6.675  -0.756  1.00 11.54 ? 97  TRP A N   1 
ATOM   739  C CA  . TRP A 1 97  ? -13.743 -7.935  -0.014  1.00 13.81 ? 97  TRP A CA  1 
ATOM   740  C C   . TRP A 1 97  ? -15.038 -7.786  0.788   1.00 14.89 ? 97  TRP A C   1 
ATOM   741  O O   . TRP A 1 97  ? -15.322 -6.693  1.256   1.00 13.10 ? 97  TRP A O   1 
ATOM   742  C CB  . TRP A 1 97  ? -12.583 -8.233  0.985   1.00 11.58 ? 97  TRP A CB  1 
ATOM   743  C CG  . TRP A 1 97  ? -12.496 -7.329  2.220   1.00 11.29 ? 97  TRP A CG  1 
ATOM   744  C CD1 . TRP A 1 97  ? -12.775 -7.846  3.457   1.00 12.80 ? 97  TRP A CD1 1 
ATOM   745  C CD2 . TRP A 1 97  ? -12.184 -5.978  2.255   1.00 11.95 ? 97  TRP A CD2 1 
ATOM   746  N NE1 . TRP A 1 97  ? -12.656 -6.834  4.273   1.00 11.55 ? 97  TRP A NE1 1 
ATOM   747  C CE2 . TRP A 1 97  ? -12.315 -5.712  3.608   1.00 12.22 ? 97  TRP A CE2 1 
ATOM   748  C CE3 . TRP A 1 97  ? -11.833 -4.960  1.387   1.00 12.63 ? 97  TRP A CE3 1 
ATOM   749  C CZ2 . TRP A 1 97  ? -12.095 -4.439  4.109   1.00 12.42 ? 97  TRP A CZ2 1 
ATOM   750  C CZ3 . TRP A 1 97  ? -11.613 -3.692  1.882   1.00 12.42 ? 97  TRP A CZ3 1 
ATOM   751  C CH2 . TRP A 1 97  ? -11.744 -3.433  3.231   1.00 12.32 ? 97  TRP A CH2 1 
ATOM   752  N N   . ASP A 1 98  ? -15.848 -8.844  0.925   1.00 17.89 ? 98  ASP A N   1 
ATOM   753  C CA  . ASP A 1 98  ? -17.095 -8.851  1.709   1.00 19.54 ? 98  ASP A CA  1 
ATOM   754  C C   . ASP A 1 98  ? -18.017 -7.660  1.466   1.00 18.67 ? 98  ASP A C   1 
ATOM   755  O O   . ASP A 1 98  ? -18.607 -7.084  2.380   1.00 19.08 ? 98  ASP A O   1 
ATOM   756  C CB  . ASP A 1 98  ? -16.783 -8.901  3.221   1.00 25.34 ? 98  ASP A CB  1 
ATOM   757  C CG  . ASP A 1 98  ? -15.715 -9.866  3.731   1.00 33.62 ? 98  ASP A CG  1 
ATOM   758  O OD1 . ASP A 1 98  ? -15.474 -10.897 3.094   1.00 38.40 ? 98  ASP A OD1 1 
ATOM   759  O OD2 . ASP A 1 98  ? -15.130 -9.574  4.785   1.00 39.20 ? 98  ASP A OD2 1 
ATOM   760  N N   . GLY A 1 99  ? -18.136 -7.224  0.225   1.00 15.10 ? 99  GLY A N   1 
ATOM   761  C CA  . GLY A 1 99  ? -18.969 -6.082  -0.083  1.00 17.18 ? 99  GLY A CA  1 
ATOM   762  C C   . GLY A 1 99  ? -18.350 -4.733  0.313   1.00 18.91 ? 99  GLY A C   1 
ATOM   763  O O   . GLY A 1 99  ? -19.000 -3.693  0.202   1.00 20.79 ? 99  GLY A O   1 
ATOM   764  N N   . LYS A 1 100 ? -17.089 -4.684  0.731   1.00 16.77 ? 100 LYS A N   1 
ATOM   765  C CA  . LYS A 1 100 ? -16.399 -3.464  1.129   1.00 15.04 ? 100 LYS A CA  1 
ATOM   766  C C   . LYS A 1 100 ? -15.319 -3.163  0.110   1.00 13.40 ? 100 LYS A C   1 
ATOM   767  O O   . LYS A 1 100 ? -14.957 -4.014  -0.708  1.00 11.09 ? 100 LYS A O   1 
ATOM   768  C CB  . LYS A 1 100 ? -15.728 -3.649  2.453   1.00 16.34 ? 100 LYS A CB  1 
ATOM   769  C CG  . LYS A 1 100 ? -16.756 -3.686  3.553   1.00 23.33 ? 100 LYS A CG  1 
ATOM   770  C CD  . LYS A 1 100 ? -16.165 -4.196  4.854   1.00 29.61 ? 100 LYS A CD  1 
ATOM   771  C CE  . LYS A 1 100 ? -15.983 -5.694  4.775   1.00 34.17 ? 100 LYS A CE  1 
ATOM   772  N NZ  . LYS A 1 100 ? -15.468 -6.210  6.030   1.00 41.10 ? 100 LYS A NZ  1 
ATOM   773  N N   . SER A 1 101 ? -14.845 -1.926  0.124   1.00 13.71 ? 101 SER A N   1 
ATOM   774  C CA  . SER A 1 101 ? -13.670 -1.560  -0.661  1.00 13.82 ? 101 SER A CA  1 
ATOM   775  C C   . SER A 1 101 ? -12.898 -0.412  -0.030  1.00 12.07 ? 101 SER A C   1 
ATOM   776  O O   . SER A 1 101 ? -13.441 0.350   0.779   1.00 11.18 ? 101 SER A O   1 
ATOM   777  C CB  . SER A 1 101 ? -14.056 -1.180  -2.108  1.00 15.94 ? 101 SER A CB  1 
ATOM   778  O OG  . SER A 1 101 ? -15.122 -0.267  -2.190  1.00 22.66 ? 101 SER A OG  1 
ATOM   779  N N   . THR A 1 102 ? -11.626 -0.324  -0.374  1.00 9.86  ? 102 THR A N   1 
ATOM   780  C CA  . THR A 1 102 ? -10.733 0.719   0.119   1.00 9.20  ? 102 THR A CA  1 
ATOM   781  C C   . THR A 1 102 ? -9.815  1.038   -1.067  1.00 9.65  ? 102 THR A C   1 
ATOM   782  O O   . THR A 1 102 ? -9.549  0.159   -1.912  1.00 8.78  ? 102 THR A O   1 
ATOM   783  C CB  . THR A 1 102 ? -9.972  0.147   1.359   1.00 10.29 ? 102 THR A CB  1 
ATOM   784  O OG1 . THR A 1 102 ? -9.200  1.220   1.880   1.00 9.89  ? 102 THR A OG1 1 
ATOM   785  C CG2 . THR A 1 102 ? -9.038  -1.058  1.063   1.00 10.76 ? 102 THR A CG2 1 
ATOM   786  N N   . THR A 1 103 ? -9.348  2.286   -1.111  1.00 8.87  ? 103 THR A N   1 
ATOM   787  C CA  . THR A 1 103 ? -8.469  2.758   -2.167  1.00 10.31 ? 103 THR A CA  1 
ATOM   788  C C   . THR A 1 103 ? -7.120  3.149   -1.560  1.00 9.99  ? 103 THR A C   1 
ATOM   789  O O   . THR A 1 103 ? -7.047  3.712   -0.461  1.00 9.92  ? 103 THR A O   1 
ATOM   790  C CB  . THR A 1 103 ? -9.136  3.945   -2.879  1.00 11.38 ? 103 THR A CB  1 
ATOM   791  O OG1 . THR A 1 103 ? -10.375 3.457   -3.416  1.00 16.03 ? 103 THR A OG1 1 
ATOM   792  C CG2 . THR A 1 103 ? -8.283  4.488   -4.020  1.00 13.99 ? 103 THR A CG2 1 
ATOM   793  N N   . ILE A 1 104 ? -6.040  2.703   -2.211  1.00 8.21  ? 104 ILE A N   1 
ATOM   794  C CA  . ILE A 1 104 ? -4.663  3.004   -1.814  1.00 7.40  ? 104 ILE A CA  1 
ATOM   795  C C   . ILE A 1 104 ? -4.031  3.635   -3.048  1.00 9.41  ? 104 ILE A C   1 
ATOM   796  O O   . ILE A 1 104 ? -3.927  2.994   -4.111  1.00 8.63  ? 104 ILE A O   1 
ATOM   797  C CB  . ILE A 1 104 ? -3.888  1.718   -1.426  1.00 7.42  ? 104 ILE A CB  1 
ATOM   798  C CG1 . ILE A 1 104 ? -4.578  1.040   -0.232  1.00 10.09 ? 104 ILE A CG1 1 
ATOM   799  C CG2 . ILE A 1 104 ? -2.453  2.071   -1.025  1.00 6.93  ? 104 ILE A CG2 1 
ATOM   800  C CD1 . ILE A 1 104 ? -4.332  -0.464  -0.122  1.00 15.88 ? 104 ILE A CD1 1 
ATOM   801  N N   . LYS A 1 105 ? -3.635  4.892   -2.941  1.00 6.87  ? 105 LYS A N   1 
ATOM   802  C CA  . LYS A 1 105 ? -3.043  5.610   -4.052  1.00 8.62  ? 105 LYS A CA  1 
ATOM   803  C C   . LYS A 1 105 ? -1.559  5.826   -3.754  1.00 9.26  ? 105 LYS A C   1 
ATOM   804  O O   . LYS A 1 105 ? -1.233  6.232   -2.637  1.00 9.63  ? 105 LYS A O   1 
ATOM   805  C CB  . LYS A 1 105 ? -3.860  6.900   -4.175  1.00 13.83 ? 105 LYS A CB  1 
ATOM   806  C CG  . LYS A 1 105 ? -3.625  7.654   -5.462  1.00 23.39 ? 105 LYS A CG  1 
ATOM   807  C CD  . LYS A 1 105 ? -4.746  8.681   -5.639  1.00 27.70 ? 105 LYS A CD  1 
ATOM   808  C CE  . LYS A 1 105 ? -4.372  9.649   -6.775  1.00 32.70 ? 105 LYS A CE  1 
ATOM   809  N NZ  . LYS A 1 105 ? -5.343  10.724  -6.909  1.00 35.02 ? 105 LYS A NZ  1 
ATOM   810  N N   . ARG A 1 106 ? -0.642  5.517   -4.664  1.00 7.45  ? 106 ARG A N   1 
ATOM   811  C CA  . ARG A 1 106 ? 0.801   5.728   -4.474  1.00 6.61  ? 106 ARG A CA  1 
ATOM   812  C C   . ARG A 1 106 ? 1.168   6.746   -5.539  1.00 8.79  ? 106 ARG A C   1 
ATOM   813  O O   . ARG A 1 106 ? 0.903   6.557   -6.742  1.00 8.05  ? 106 ARG A O   1 
ATOM   814  C CB  . ARG A 1 106 ? 1.590   4.436   -4.704  1.00 8.27  ? 106 ARG A CB  1 
ATOM   815  C CG  . ARG A 1 106 ? 1.253   3.396   -3.622  1.00 10.63 ? 106 ARG A CG  1 
ATOM   816  C CD  . ARG A 1 106 ? 1.835   2.033   -3.936  1.00 10.76 ? 106 ARG A CD  1 
ATOM   817  N NE  . ARG A 1 106 ? 1.668   1.097   -2.835  1.00 12.64 ? 106 ARG A NE  1 
ATOM   818  C CZ  . ARG A 1 106 ? 0.648   0.229   -2.775  1.00 12.25 ? 106 ARG A CZ  1 
ATOM   819  N NH1 . ARG A 1 106 ? -0.275  0.138   -3.717  1.00 12.38 ? 106 ARG A NH1 1 
ATOM   820  N NH2 . ARG A 1 106 ? 0.561   -0.595  -1.741  1.00 17.81 ? 106 ARG A NH2 1 
ATOM   821  N N   . LYS A 1 107 ? 1.730   7.872   -5.115  1.00 7.90  ? 107 LYS A N   1 
ATOM   822  C CA  . LYS A 1 107 ? 2.029   8.976   -6.036  1.00 9.11  ? 107 LYS A CA  1 
ATOM   823  C C   . LYS A 1 107 ? 3.355   9.620   -5.678  1.00 9.59  ? 107 LYS A C   1 
ATOM   824  O O   . LYS A 1 107 ? 3.857   9.449   -4.564  1.00 10.59 ? 107 LYS A O   1 
ATOM   825  C CB  . LYS A 1 107 ? 0.885   10.014  -5.968  1.00 13.78 ? 107 LYS A CB  1 
ATOM   826  C CG  . LYS A 1 107 ? 0.760   10.718  -4.632  1.00 19.15 ? 107 LYS A CG  1 
ATOM   827  C CD  . LYS A 1 107 ? -0.547  11.507  -4.514  1.00 26.26 ? 107 LYS A CD  1 
ATOM   828  C CE  . LYS A 1 107 ? -0.368  12.527  -3.376  1.00 31.34 ? 107 LYS A CE  1 
ATOM   829  N NZ  . LYS A 1 107 ? -1.488  13.446  -3.259  1.00 34.01 ? 107 LYS A NZ  1 
ATOM   830  N N   . ARG A 1 108 ? 3.986   10.303  -6.616  1.00 8.65  ? 108 ARG A N   1 
ATOM   831  C CA  . ARG A 1 108 ? 5.238   10.974  -6.371  1.00 8.31  ? 108 ARG A CA  1 
ATOM   832  C C   . ARG A 1 108 ? 4.846   12.393  -5.972  1.00 8.64  ? 108 ARG A C   1 
ATOM   833  O O   . ARG A 1 108 ? 3.862   12.968  -6.464  1.00 9.63  ? 108 ARG A O   1 
ATOM   834  C CB  . ARG A 1 108 ? 6.083   10.942  -7.673  1.00 7.73  ? 108 ARG A CB  1 
ATOM   835  C CG  . ARG A 1 108 ? 6.720   9.566   -7.952  1.00 6.42  ? 108 ARG A CG  1 
ATOM   836  C CD  . ARG A 1 108 ? 7.663   9.120   -6.818  1.00 8.39  ? 108 ARG A CD  1 
ATOM   837  N NE  . ARG A 1 108 ? 8.618   10.176  -6.457  1.00 8.06  ? 108 ARG A NE  1 
ATOM   838  C CZ  . ARG A 1 108 ? 9.746   10.387  -7.144  1.00 9.41  ? 108 ARG A CZ  1 
ATOM   839  N NH1 . ARG A 1 108 ? 10.076  9.630   -8.194  1.00 8.14  ? 108 ARG A NH1 1 
ATOM   840  N NH2 . ARG A 1 108 ? 10.511  11.450  -6.876  1.00 9.10  ? 108 ARG A NH2 1 
ATOM   841  N N   . ASP A 1 109 ? 5.605   12.970  -5.037  1.00 7.91  ? 109 ASP A N   1 
ATOM   842  C CA  . ASP A 1 109 ? 5.406   14.343  -4.608  1.00 10.90 ? 109 ASP A CA  1 
ATOM   843  C C   . ASP A 1 109 ? 6.815   14.868  -4.376  1.00 10.57 ? 109 ASP A C   1 
ATOM   844  O O   . ASP A 1 109 ? 7.491   14.495  -3.408  1.00 9.55  ? 109 ASP A O   1 
ATOM   845  C CB  . ASP A 1 109 ? 4.594   14.381  -3.307  1.00 14.34 ? 109 ASP A CB  1 
ATOM   846  C CG  . ASP A 1 109 ? 4.238   15.788  -2.792  1.00 20.02 ? 109 ASP A CG  1 
ATOM   847  O OD1 . ASP A 1 109 ? 4.846   16.782  -3.184  1.00 19.43 ? 109 ASP A OD1 1 
ATOM   848  O OD2 . ASP A 1 109 ? 3.334   15.896  -1.970  1.00 26.32 ? 109 ASP A OD2 1 
ATOM   849  N N   . GLY A 1 110 ? 7.325   15.699  -5.291  1.00 9.99  ? 110 GLY A N   1 
ATOM   850  C CA  . GLY A 1 110 ? 8.709   16.150  -5.136  1.00 10.51 ? 110 GLY A CA  1 
ATOM   851  C C   . GLY A 1 110 ? 9.650   14.951  -5.257  1.00 11.79 ? 110 GLY A C   1 
ATOM   852  O O   . GLY A 1 110 ? 9.579   14.161  -6.205  1.00 10.44 ? 110 GLY A O   1 
ATOM   853  N N   . ASP A 1 111 ? 10.528  14.776  -4.280  1.00 10.53 ? 111 ASP A N   1 
ATOM   854  C CA  . ASP A 1 111 ? 11.448  13.646  -4.260  1.00 10.60 ? 111 ASP A CA  1 
ATOM   855  C C   . ASP A 1 111 ? 10.923  12.481  -3.420  1.00 10.42 ? 111 ASP A C   1 
ATOM   856  O O   . ASP A 1 111 ? 11.637  11.501  -3.205  1.00 11.70 ? 111 ASP A O   1 
ATOM   857  C CB  . ASP A 1 111 ? 12.837  14.069  -3.708  1.00 14.26 ? 111 ASP A CB  1 
ATOM   858  C CG  . ASP A 1 111 ? 12.857  14.772  -2.354  1.00 19.23 ? 111 ASP A CG  1 
ATOM   859  O OD1 . ASP A 1 111 ? 11.818  14.950  -1.716  1.00 19.92 ? 111 ASP A OD1 1 
ATOM   860  O OD2 . ASP A 1 111 ? 13.938  15.169  -1.926  1.00 22.89 ? 111 ASP A OD2 1 
ATOM   861  N N   . LYS A 1 112 ? 9.682   12.571  -2.965  1.00 11.12 ? 112 LYS A N   1 
ATOM   862  C CA  . LYS A 1 112 ? 9.058   11.587  -2.085  1.00 11.56 ? 112 LYS A CA  1 
ATOM   863  C C   . LYS A 1 112 ? 8.012   10.735  -2.782  1.00 10.00 ? 112 LYS A C   1 
ATOM   864  O O   . LYS A 1 112 ? 7.546   11.065  -3.882  1.00 8.83  ? 112 LYS A O   1 
ATOM   865  C CB  . LYS A 1 112 ? 8.388   12.313  -0.920  1.00 15.52 ? 112 LYS A CB  1 
ATOM   866  C CG  . LYS A 1 112 ? 9.479   12.753  0.012   1.00 21.37 ? 112 LYS A CG  1 
ATOM   867  C CD  . LYS A 1 112 ? 9.068   13.962  0.794   1.00 25.77 ? 112 LYS A CD  1 
ATOM   868  C CE  . LYS A 1 112 ? 10.167  14.246  1.816   1.00 29.11 ? 112 LYS A CE  1 
ATOM   869  N NZ  . LYS A 1 112 ? 11.378  14.731  1.172   1.00 30.34 ? 112 LYS A NZ  1 
ATOM   870  N N   . LEU A 1 113 ? 7.686   9.612   -2.141  1.00 7.40  ? 113 LEU A N   1 
ATOM   871  C CA  . LEU A 1 113 ? 6.582   8.781   -2.594  1.00 7.29  ? 113 LEU A CA  1 
ATOM   872  C C   . LEU A 1 113 ? 5.561   8.917   -1.460  1.00 8.06  ? 113 LEU A C   1 
ATOM   873  O O   . LEU A 1 113 ? 5.890   8.741   -0.282  1.00 10.22 ? 113 LEU A O   1 
ATOM   874  C CB  . LEU A 1 113 ? 7.038   7.320   -2.761  1.00 8.91  ? 113 LEU A CB  1 
ATOM   875  C CG  . LEU A 1 113 ? 6.050   6.357   -3.478  1.00 12.76 ? 113 LEU A CG  1 
ATOM   876  C CD1 . LEU A 1 113 ? 6.793   5.146   -3.964  1.00 14.99 ? 113 LEU A CD1 1 
ATOM   877  C CD2 . LEU A 1 113 ? 4.992   5.857   -2.551  1.00 15.39 ? 113 LEU A CD2 1 
ATOM   878  N N   . VAL A 1 114 ? 4.316   9.233   -1.785  1.00 7.91  ? 114 VAL A N   1 
ATOM   879  C CA  . VAL A 1 114 ? 3.241   9.432   -0.824  1.00 7.71  ? 114 VAL A CA  1 
ATOM   880  C C   . VAL A 1 114 ? 2.200   8.336   -1.048  1.00 9.08  ? 114 VAL A C   1 
ATOM   881  O O   . VAL A 1 114 ? 1.779   8.080   -2.186  1.00 8.90  ? 114 VAL A O   1 
ATOM   882  C CB  . VAL A 1 114 ? 2.633   10.846  -1.044  1.00 9.41  ? 114 VAL A CB  1 
ATOM   883  C CG1 . VAL A 1 114 ? 1.489   11.061  -0.076  1.00 11.16 ? 114 VAL A CG1 1 
ATOM   884  C CG2 . VAL A 1 114 ? 3.648   11.931  -0.763  1.00 9.49  ? 114 VAL A CG2 1 
ATOM   885  N N   . VAL A 1 115 ? 1.781   7.681   0.032   1.00 7.56  ? 115 VAL A N   1 
ATOM   886  C CA  . VAL A 1 115 ? 0.746   6.667   -0.025  1.00 7.87  ? 115 VAL A CA  1 
ATOM   887  C C   . VAL A 1 115 ? -0.466  7.244   0.682   1.00 9.46  ? 115 VAL A C   1 
ATOM   888  O O   . VAL A 1 115 ? -0.363  7.668   1.848   1.00 10.25 ? 115 VAL A O   1 
ATOM   889  C CB  . VAL A 1 115 ? 1.196   5.376   0.692   1.00 7.87  ? 115 VAL A CB  1 
ATOM   890  C CG1 . VAL A 1 115 ? 0.168   4.263   0.480   1.00 10.91 ? 115 VAL A CG1 1 
ATOM   891  C CG2 . VAL A 1 115 ? 2.495   4.901   0.105   1.00 10.48 ? 115 VAL A CG2 1 
ATOM   892  N N   . GLU A 1 116 ? -1.595  7.311   -0.019  1.00 8.35  ? 116 GLU A N   1 
ATOM   893  C CA  . GLU A 1 116 ? -2.825  7.766   0.576   1.00 8.17  ? 116 GLU A CA  1 
ATOM   894  C C   . GLU A 1 116 ? -3.790  6.597   0.647   1.00 8.91  ? 116 GLU A C   1 
ATOM   895  O O   . GLU A 1 116 ? -4.095  5.958   -0.362  1.00 8.13  ? 116 GLU A O   1 
ATOM   896  C CB  . GLU A 1 116 ? -3.427  8.873   -0.255  1.00 11.61 ? 116 GLU A CB  1 
ATOM   897  C CG  . GLU A 1 116 ? -4.521  9.484   0.607   1.00 22.28 ? 116 GLU A CG  1 
ATOM   898  C CD  . GLU A 1 116 ? -5.317  10.614  -0.014  1.00 30.74 ? 116 GLU A CD  1 
ATOM   899  O OE1 . GLU A 1 116 ? -5.540  10.610  -1.232  1.00 34.34 ? 116 GLU A OE1 1 
ATOM   900  O OE2 . GLU A 1 116 ? -5.743  11.483  0.744   1.00 33.26 ? 116 GLU A OE2 1 
ATOM   901  N N   . CYS A 1 117 ? -4.318  6.291   1.825   1.00 8.49  ? 117 CYS A N   1 
ATOM   902  C CA  . CYS A 1 117 ? -5.234  5.166   2.037   1.00 9.14  ? 117 CYS A CA  1 
ATOM   903  C C   . CYS A 1 117 ? -6.583  5.722   2.471   1.00 10.42 ? 117 CYS A C   1 
ATOM   904  O O   . CYS A 1 117 ? -6.628  6.531   3.413   1.00 11.82 ? 117 CYS A O   1 
ATOM   905  C CB  . CYS A 1 117 ? -4.703  4.242   3.132   1.00 11.64 ? 117 CYS A CB  1 
ATOM   906  S SG  . CYS A 1 117 ? -3.027  3.590   2.921   1.00 14.60 ? 117 CYS A SG  1 
ATOM   907  N N   . VAL A 1 118 ? -7.684  5.323   1.845   1.00 7.71  ? 118 VAL A N   1 
ATOM   908  C CA  . VAL A 1 118 ? -8.989  5.882   2.149   1.00 9.78  ? 118 VAL A CA  1 
ATOM   909  C C   . VAL A 1 118 ? -9.975  4.761   2.435   1.00 11.76 ? 118 VAL A C   1 
ATOM   910  O O   . VAL A 1 118 ? -10.092 3.852   1.608   1.00 10.03 ? 118 VAL A O   1 
ATOM   911  C CB  . VAL A 1 118 ? -9.506  6.698   0.954   1.00 10.71 ? 118 VAL A CB  1 
ATOM   912  C CG1 . VAL A 1 118 ? -10.824 7.354   1.346   1.00 13.53 ? 118 VAL A CG1 1 
ATOM   913  C CG2 . VAL A 1 118 ? -8.480  7.757   0.541   1.00 12.08 ? 118 VAL A CG2 1 
ATOM   914  N N   . MET A 1 119 ? -10.683 4.817   3.559   1.00 10.83 ? 119 MET A N   1 
ATOM   915  C CA  . MET A 1 119 ? -11.716 3.825   3.866   1.00 13.40 ? 119 MET A CA  1 
ATOM   916  C C   . MET A 1 119 ? -12.867 4.627   4.461   1.00 15.39 ? 119 MET A C   1 
ATOM   917  O O   . MET A 1 119 ? -12.692 5.245   5.519   1.00 13.31 ? 119 MET A O   1 
ATOM   918  C CB  . MET A 1 119 ? -11.212 2.812   4.902   1.00 11.95 ? 119 MET A CB  1 
ATOM   919  C CG  . MET A 1 119 ? -12.242 1.823   5.398   1.00 17.30 ? 119 MET A CG  1 
ATOM   920  S SD  . MET A 1 119 ? -12.705 0.717   4.063   1.00 19.73 ? 119 MET A SD  1 
ATOM   921  C CE  . MET A 1 119 ? -13.849 -0.419  4.779   1.00 14.92 ? 119 MET A CE  1 
ATOM   922  N N   . LYS A 1 120 ? -14.000 4.662   3.748   1.00 16.98 ? 120 LYS A N   1 
ATOM   923  C CA  . LYS A 1 120 ? -15.232 5.354   4.162   1.00 21.45 ? 120 LYS A CA  1 
ATOM   924  C C   . LYS A 1 120 ? -15.007 6.742   4.771   1.00 22.50 ? 120 LYS A C   1 
ATOM   925  O O   . LYS A 1 120 ? -15.338 7.036   5.932   1.00 24.83 ? 120 LYS A O   1 
ATOM   926  C CB  . LYS A 1 120 ? -16.003 4.524   5.195   1.00 25.09 ? 120 LYS A CB  1 
ATOM   927  C CG  . LYS A 1 120 ? -16.443 3.118   4.837   1.00 31.32 ? 120 LYS A CG  1 
ATOM   928  C CD  . LYS A 1 120 ? -17.284 2.601   6.012   1.00 37.07 ? 120 LYS A CD  1 
ATOM   929  C CE  . LYS A 1 120 ? -16.930 1.164   6.390   1.00 40.70 ? 120 LYS A CE  1 
ATOM   930  N NZ  . LYS A 1 120 ? -15.725 1.129   7.209   1.00 44.57 ? 120 LYS A NZ  1 
ATOM   931  N N   . GLY A 1 121 ? -14.312 7.590   4.028   1.00 21.14 ? 121 GLY A N   1 
ATOM   932  C CA  . GLY A 1 121 ? -14.112 8.942   4.541   1.00 22.25 ? 121 GLY A CA  1 
ATOM   933  C C   . GLY A 1 121 ? -12.915 9.113   5.473   1.00 21.67 ? 121 GLY A C   1 
ATOM   934  O O   . GLY A 1 121 ? -12.463 10.253  5.606   1.00 25.73 ? 121 GLY A O   1 
ATOM   935  N N   . VAL A 1 122 ? -12.364 8.088   6.139   1.00 17.11 ? 122 VAL A N   1 
ATOM   936  C CA  . VAL A 1 122 ? -11.120 8.224   6.920   1.00 14.66 ? 122 VAL A CA  1 
ATOM   937  C C   . VAL A 1 122 ? -9.940  8.141   5.930   1.00 11.57 ? 122 VAL A C   1 
ATOM   938  O O   . VAL A 1 122 ? -9.839  7.205   5.129   1.00 11.03 ? 122 VAL A O   1 
ATOM   939  C CB  . VAL A 1 122 ? -11.019 7.077   7.992   1.00 16.51 ? 122 VAL A CB  1 
ATOM   940  C CG1 . VAL A 1 122 ? -9.679  7.144   8.705   1.00 14.25 ? 122 VAL A CG1 1 
ATOM   941  C CG2 . VAL A 1 122 ? -12.141 7.225   9.035   1.00 19.29 ? 122 VAL A CG2 1 
ATOM   942  N N   . THR A 1 123 ? -9.032  9.111   5.960   1.00 9.60  ? 123 THR A N   1 
ATOM   943  C CA  . THR A 1 123 ? -7.901  9.146   5.052   1.00 9.98  ? 123 THR A CA  1 
ATOM   944  C C   . THR A 1 123 ? -6.600  9.141   5.854   1.00 11.82 ? 123 THR A C   1 
ATOM   945  O O   . THR A 1 123 ? -6.464  9.909   6.824   1.00 14.39 ? 123 THR A O   1 
ATOM   946  C CB  . THR A 1 123 ? -7.962  10.417  4.159   1.00 10.43 ? 123 THR A CB  1 
ATOM   947  O OG1 . THR A 1 123 ? -8.074  11.570  4.997   1.00 15.39 ? 123 THR A OG1 1 
ATOM   948  C CG2 . THR A 1 123 ? -9.170  10.434  3.265   1.00 10.54 ? 123 THR A CG2 1 
ATOM   949  N N   . SER A 1 124 ? -5.622  8.333   5.459   1.00 9.02  ? 124 SER A N   1 
ATOM   950  C CA  . SER A 1 124 ? -4.341  8.268   6.101   1.00 7.79  ? 124 SER A CA  1 
ATOM   951  C C   . SER A 1 124 ? -3.310  8.601   5.030   1.00 9.97  ? 124 SER A C   1 
ATOM   952  O O   . SER A 1 124 ? -3.486  8.212   3.866   1.00 10.44 ? 124 SER A O   1 
ATOM   953  C CB  . SER A 1 124 ? -4.105  6.865   6.650   1.00 9.80  ? 124 SER A CB  1 
ATOM   954  O OG  . SER A 1 124 ? -2.733  6.685   7.041   1.00 12.38 ? 124 SER A OG  1 
ATOM   955  N N   . THR A 1 125 ? -2.230  9.297   5.390   1.00 7.79  ? 125 THR A N   1 
ATOM   956  C CA  . THR A 1 125 ? -1.159  9.683   4.479   1.00 8.82  ? 125 THR A CA  1 
ATOM   957  C C   . THR A 1 125 ? 0.167   9.183   5.039   1.00 8.88  ? 125 THR A C   1 
ATOM   958  O O   . THR A 1 125 ? 0.503   9.484   6.192   1.00 9.82  ? 125 THR A O   1 
ATOM   959  C CB  . THR A 1 125 ? -1.095  11.251  4.307   1.00 9.37  ? 125 THR A CB  1 
ATOM   960  O OG1 . THR A 1 125 ? -2.389  11.699  3.896   1.00 11.89 ? 125 THR A OG1 1 
ATOM   961  C CG2 . THR A 1 125 ? -0.055  11.680  3.270   1.00 10.38 ? 125 THR A CG2 1 
ATOM   962  N N   . ARG A 1 126 ? 0.942   8.427   4.274   1.00 7.40  ? 126 ARG A N   1 
ATOM   963  C CA  . ARG A 1 126 ? 2.251   7.938   4.687   1.00 8.48  ? 126 ARG A CA  1 
ATOM   964  C C   . ARG A 1 126 ? 3.286   8.409   3.681   1.00 11.11 ? 126 ARG A C   1 
ATOM   965  O O   . ARG A 1 126 ? 3.070   8.244   2.476   1.00 10.20 ? 126 ARG A O   1 
ATOM   966  C CB  . ARG A 1 126 ? 2.218   6.410   4.767   1.00 10.15 ? 126 ARG A CB  1 
ATOM   967  C CG  . ARG A 1 126 ? 1.562   6.141   6.120   1.00 12.94 ? 126 ARG A CG  1 
ATOM   968  C CD  . ARG A 1 126 ? 0.985   4.785   6.230   1.00 13.05 ? 126 ARG A CD  1 
ATOM   969  N NE  . ARG A 1 126 ? 1.973   3.737   6.261   1.00 12.33 ? 126 ARG A NE  1 
ATOM   970  C CZ  . ARG A 1 126 ? 2.526   3.228   7.371   1.00 15.39 ? 126 ARG A CZ  1 
ATOM   971  N NH1 . ARG A 1 126 ? 2.298   3.745   8.586   1.00 13.72 ? 126 ARG A NH1 1 
ATOM   972  N NH2 . ARG A 1 126 ? 3.400   2.224   7.247   1.00 14.53 ? 126 ARG A NH2 1 
ATOM   973  N N   . VAL A 1 127 ? 4.373   9.015   4.145   1.00 8.55  ? 127 VAL A N   1 
ATOM   974  C CA  . VAL A 1 127 ? 5.347   9.608   3.248   1.00 8.12  ? 127 VAL A CA  1 
ATOM   975  C C   . VAL A 1 127 ? 6.607   8.775   3.347   1.00 6.36  ? 127 VAL A C   1 
ATOM   976  O O   . VAL A 1 127 ? 7.060   8.438   4.457   1.00 8.01  ? 127 VAL A O   1 
ATOM   977  C CB  . VAL A 1 127 ? 5.614   11.076  3.678   1.00 10.33 ? 127 VAL A CB  1 
ATOM   978  C CG1 . VAL A 1 127 ? 6.629   11.714  2.721   1.00 13.29 ? 127 VAL A CG1 1 
ATOM   979  C CG2 . VAL A 1 127 ? 4.319   11.887  3.643   1.00 11.19 ? 127 VAL A CG2 1 
ATOM   980  N N   . TYR A 1 128 ? 7.178   8.446   2.198   1.00 6.18  ? 128 TYR A N   1 
ATOM   981  C CA  . TYR A 1 128 ? 8.380   7.658   2.077   1.00 7.52  ? 128 TYR A CA  1 
ATOM   982  C C   . TYR A 1 128 ? 9.457   8.463   1.359   1.00 8.77  ? 128 TYR A C   1 
ATOM   983  O O   . TYR A 1 128 ? 9.129   9.247   0.472   1.00 8.11  ? 128 TYR A O   1 
ATOM   984  C CB  . TYR A 1 128 ? 8.151   6.352   1.252   1.00 8.15  ? 128 TYR A CB  1 
ATOM   985  C CG  . TYR A 1 128 ? 7.379   5.227   1.962   1.00 7.14  ? 128 TYR A CG  1 
ATOM   986  C CD1 . TYR A 1 128 ? 5.995   5.322   2.152   1.00 8.48  ? 128 TYR A CD1 1 
ATOM   987  C CD2 . TYR A 1 128 ? 8.090   4.116   2.427   1.00 6.40  ? 128 TYR A CD2 1 
ATOM   988  C CE1 . TYR A 1 128 ? 5.323   4.310   2.817   1.00 8.84  ? 128 TYR A CE1 1 
ATOM   989  C CE2 . TYR A 1 128 ? 7.417   3.107   3.093   1.00 8.97  ? 128 TYR A CE2 1 
ATOM   990  C CZ  . TYR A 1 128 ? 6.044   3.219   3.280   1.00 8.62  ? 128 TYR A CZ  1 
ATOM   991  O OH  . TYR A 1 128 ? 5.389   2.191   3.927   1.00 12.30 ? 128 TYR A OH  1 
ATOM   992  N N   . GLU A 1 129 ? 10.725  8.274   1.721   1.00 8.60  ? 129 GLU A N   1 
ATOM   993  C CA  . GLU A 1 129 ? 11.809  8.892   0.990   1.00 9.38  ? 129 GLU A CA  1 
ATOM   994  C C   . GLU A 1 129 ? 12.756  7.793   0.518   1.00 8.43  ? 129 GLU A C   1 
ATOM   995  O O   . GLU A 1 129 ? 12.721  6.664   1.002   1.00 8.88  ? 129 GLU A O   1 
ATOM   996  C CB  . GLU A 1 129 ? 12.510  9.881   1.884   1.00 12.04 ? 129 GLU A CB  1 
ATOM   997  C CG  . GLU A 1 129 ? 13.487  9.326   2.912   1.00 19.85 ? 129 GLU A CG  1 
ATOM   998  C CD  . GLU A 1 129 ? 14.104  10.376  3.845   1.00 22.97 ? 129 GLU A CD  1 
ATOM   999  O OE1 . GLU A 1 129 ? 13.703  11.559  3.805   1.00 23.99 ? 129 GLU A OE1 1 
ATOM   1000 O OE2 . GLU A 1 129 ? 14.972  9.969   4.623   1.00 21.69 ? 129 GLU A OE2 1 
ATOM   1001 N N   . ARG A 1 130 ? 13.609  8.032   -0.468  1.00 9.89  ? 130 ARG A N   1 
ATOM   1002 C CA  . ARG A 1 130 ? 14.493  7.005   -1.010  1.00 10.75 ? 130 ARG A CA  1 
ATOM   1003 C C   . ARG A 1 130 ? 15.468  6.545   0.046   1.00 10.10 ? 130 ARG A C   1 
ATOM   1004 O O   . ARG A 1 130 ? 15.991  7.363   0.819   1.00 10.93 ? 130 ARG A O   1 
ATOM   1005 C CB  . ARG A 1 130 ? 15.283  7.536   -2.229  1.00 13.58 ? 130 ARG A CB  1 
ATOM   1006 C CG  . ARG A 1 130 ? 14.334  7.828   -3.403  1.00 14.70 ? 130 ARG A CG  1 
ATOM   1007 C CD  . ARG A 1 130 ? 15.002  7.713   -4.757  1.00 17.73 ? 130 ARG A CD  1 
ATOM   1008 N NE  . ARG A 1 130 ? 14.100  7.993   -5.886  1.00 17.46 ? 130 ARG A NE  1 
ATOM   1009 C CZ  . ARG A 1 130 ? 13.630  7.019   -6.669  1.00 15.15 ? 130 ARG A CZ  1 
ATOM   1010 N NH1 . ARG A 1 130 ? 13.948  5.737   -6.462  1.00 12.40 ? 130 ARG A NH1 1 
ATOM   1011 N NH2 . ARG A 1 130 ? 12.850  7.334   -7.704  1.00 17.15 ? 130 ARG A NH2 1 
ATOM   1012 N N   . ALA A 1 131 ? 15.669  5.242   0.100   1.00 9.03  ? 131 ALA A N   1 
ATOM   1013 C CA  . ALA A 1 131 ? 16.597  4.698   1.060   1.00 12.03 ? 131 ALA A CA  1 
ATOM   1014 C C   . ALA A 1 131 ? 18.025  4.888   0.544   1.00 14.31 ? 131 ALA A C   1 
ATOM   1015 O O   . ALA A 1 131 ? 18.234  4.968   -0.668  1.00 16.90 ? 131 ALA A O   1 
ATOM   1016 C CB  . ALA A 1 131 ? 16.303  3.226   1.265   1.00 11.57 ? 131 ALA A CB  1 
ATOM   1017 O OXT . ALA A 1 131 ? 18.916  5.029   1.372   1.00 18.27 ? 131 ALA A OXT 1 
HETATM 1018 C C1  . OLA B 2 .   ? 1.991   1.288   3.450   1.00 29.75 ? 132 OLA A C1  1 
HETATM 1019 O O1  . OLA B 2 .   ? 2.569   2.175   4.048   1.00 21.52 ? 132 OLA A O1  1 
HETATM 1020 O O2  . OLA B 2 .   ? 2.467   0.830   2.421   1.00 32.15 ? 132 OLA A O2  1 
HETATM 1021 C C2  . OLA B 2 .   ? 0.683   0.726   3.993   1.00 30.83 ? 132 OLA A C2  1 
HETATM 1022 C C3  . OLA B 2 .   ? -0.393  0.647   2.929   1.00 32.87 ? 132 OLA A C3  1 
HETATM 1023 C C4  . OLA B 2 .   ? -1.666  0.018   3.445   1.00 34.28 ? 132 OLA A C4  1 
HETATM 1024 C C5  . OLA B 2 .   ? -1.524  -1.482  3.512   1.00 34.81 ? 132 OLA A C5  1 
HETATM 1025 C C6  . OLA B 2 .   ? -2.924  -2.035  3.654   1.00 32.37 ? 132 OLA A C6  1 
HETATM 1026 C C7  . OLA B 2 .   ? -3.459  -1.984  5.062   1.00 31.42 ? 132 OLA A C7  1 
HETATM 1027 C C8  . OLA B 2 .   ? -2.949  -3.181  5.813   1.00 31.18 ? 132 OLA A C8  1 
HETATM 1028 C C9  . OLA B 2 .   ? -3.484  -3.178  7.143   1.00 31.11 ? 132 OLA A C9  1 
HETATM 1029 C C10 . OLA B 2 .   ? -2.679  -3.311  8.252   1.00 32.37 ? 132 OLA A C10 1 
HETATM 1030 C C11 . OLA B 2 .   ? -1.243  -3.466  8.189   1.00 32.73 ? 132 OLA A C11 1 
HETATM 1031 C C12 . OLA B 2 .   ? -0.808  -4.405  9.304   1.00 37.06 ? 132 OLA A C12 1 
HETATM 1032 C C13 . OLA B 2 .   ? 0.680   -4.725  9.279   1.00 39.60 ? 132 OLA A C13 1 
HETATM 1033 C C14 . OLA B 2 .   ? 0.959   -5.708  10.407  1.00 40.54 ? 132 OLA A C14 1 
HETATM 1034 C C15 . OLA B 2 .   ? 2.319   -6.370  10.214  1.00 41.18 ? 132 OLA A C15 1 
HETATM 1035 C C16 . OLA B 2 .   ? 2.627   -7.347  11.347  1.00 41.34 ? 132 OLA A C16 1 
HETATM 1036 C C17 . OLA B 2 .   ? 1.579   -8.435  11.533  1.00 40.02 ? 132 OLA A C17 1 
HETATM 1037 C C18 . OLA B 2 .   ? 2.023   -9.307  12.712  1.00 39.62 ? 132 OLA A C18 1 
HETATM 1038 O O   . HOH C 3 .   ? 5.736   15.047  0.614   0.60 31.70 ? 133 HOH A O   1 
HETATM 1039 O O   . HOH C 3 .   ? -4.982  10.245  14.333  0.80 44.01 ? 134 HOH A O   1 
HETATM 1040 O O   . HOH C 3 .   ? -4.570  7.347   13.582  0.80 21.99 ? 135 HOH A O   1 
HETATM 1041 O O   . HOH C 3 .   ? -1.070  2.081   15.135  0.80 17.17 ? 136 HOH A O   1 
HETATM 1042 O O   . HOH C 3 .   ? -11.307 5.386   12.614  0.60 11.47 ? 137 HOH A O   1 
HETATM 1043 O O   . HOH C 3 .   ? 1.451   -3.866  -16.264 1.00 16.61 ? 138 HOH A O   1 
HETATM 1044 O O   . HOH C 3 .   ? -9.160  -13.268 -3.004  0.80 19.23 ? 139 HOH A O   1 
HETATM 1045 O O   . HOH C 3 .   ? -4.033  11.892  6.161   1.00 24.39 ? 140 HOH A O   1 
HETATM 1046 O O   . HOH C 3 .   ? -2.495  -4.141  1.141   1.00 31.91 ? 141 HOH A O   1 
HETATM 1047 O O   . HOH C 3 .   ? -1.300  -2.982  -0.980  0.80 24.08 ? 142 HOH A O   1 
HETATM 1048 O O   . HOH C 3 .   ? -10.767 -4.805  -6.878  0.80 19.51 ? 143 HOH A O   1 
HETATM 1049 O O   . HOH C 3 .   ? 6.642   -13.031 9.748   0.80 20.71 ? 144 HOH A O   1 
HETATM 1050 O O   . HOH C 3 .   ? -3.965  -4.858  -11.410 1.00 9.69  ? 145 HOH A O   1 
HETATM 1051 O O   . HOH C 3 .   ? -0.946  8.247   -16.240 1.00 29.34 ? 146 HOH A O   1 
HETATM 1052 O O   . HOH C 3 .   ? 4.807   18.243  -5.448  0.80 35.11 ? 147 HOH A O   1 
HETATM 1053 O O   . HOH C 3 .   ? -2.464  -8.856  -12.293 1.00 11.11 ? 148 HOH A O   1 
HETATM 1054 O O   . HOH C 3 .   ? -16.910 -5.441  -2.607  1.00 26.97 ? 149 HOH A O   1 
HETATM 1055 O O   . HOH C 3 .   ? -12.774 -6.564  7.163   1.00 49.24 ? 150 HOH A O   1 
HETATM 1056 O O   . HOH C 3 .   ? 5.420   -0.338  2.798   1.00 20.37 ? 151 HOH A O   1 
HETATM 1057 O O   . HOH C 3 .   ? 15.550  -0.991  -5.217  0.80 23.85 ? 152 HOH A O   1 
HETATM 1058 O O   . HOH C 3 .   ? 14.514  -10.113 1.825   0.80 34.43 ? 153 HOH A O   1 
HETATM 1059 O O   . HOH C 3 .   ? 4.433   8.241   -12.522 1.00 37.44 ? 154 HOH A O   1 
HETATM 1060 O O   . HOH C 3 .   ? -4.138  12.505  -4.841  1.00 38.57 ? 155 HOH A O   1 
HETATM 1061 O O   . HOH C 3 .   ? -3.282  11.357  -2.390  0.80 23.41 ? 156 HOH A O   1 
HETATM 1062 O O   . HOH C 3 .   ? -1.372  5.791   4.304   0.60 23.19 ? 157 HOH A O   1 
HETATM 1063 O O   . HOH C 3 .   ? 13.513  10.726  -1.436  1.00 15.02 ? 158 HOH A O   1 
HETATM 1064 O O   . HOH C 3 .   ? -1.512  2.016   -5.339  1.00 10.17 ? 159 HOH A O   1 
HETATM 1065 O O   . HOH C 3 .   ? 6.062   4.004   11.852  0.60 38.20 ? 160 HOH A O   1 
HETATM 1066 O O   . HOH C 3 .   ? 0.798   -4.576  -0.502  0.60 27.43 ? 161 HOH A O   1 
HETATM 1067 O O   . HOH C 3 .   ? -1.287  -10.515 10.557  1.00 39.10 ? 162 HOH A O   1 
HETATM 1068 O O   . HOH C 3 .   ? -9.871  3.073   -9.943  0.60 10.98 ? 163 HOH A O   1 
HETATM 1069 O O   . HOH C 3 .   ? 12.659  -2.442  -11.926 0.80 18.14 ? 164 HOH A O   1 
HETATM 1070 O O   . HOH C 3 .   ? 13.846  -1.213  -14.066 0.80 19.98 ? 165 HOH A O   1 
HETATM 1071 O O   . HOH C 3 .   ? 10.535  -7.180  -10.783 0.80 13.75 ? 166 HOH A O   1 
HETATM 1072 O O   . HOH C 3 .   ? 7.974   -7.600  -11.397 1.00 12.44 ? 167 HOH A O   1 
HETATM 1073 O O   . HOH C 3 .   ? 12.956  5.682   -10.052 1.00 29.12 ? 168 HOH A O   1 
HETATM 1074 O O   . HOH C 3 .   ? 14.081  -1.897  -7.344  1.00 19.07 ? 169 HOH A O   1 
HETATM 1075 O O   . HOH C 3 .   ? 15.120  -2.224  -9.896  0.60 21.40 ? 170 HOH A O   1 
HETATM 1076 O O   . HOH C 3 .   ? 10.037  -5.446  -5.749  0.80 14.48 ? 171 HOH A O   1 
HETATM 1077 O O   . HOH C 3 .   ? 17.291  9.009   2.783   1.00 35.11 ? 172 HOH A O   1 
HETATM 1078 O O   . HOH C 3 .   ? 7.814   14.139  -8.175  0.60 28.98 ? 173 HOH A O   1 
HETATM 1079 O O   . HOH C 3 .   ? 1.577   1.113   17.681  0.60 27.03 ? 174 HOH A O   1 
HETATM 1080 O O   . HOH C 3 .   ? 10.230  -0.954  13.488  0.80 42.22 ? 175 HOH A O   1 
HETATM 1081 O O   . HOH C 3 .   ? -1.812  10.424  13.280  0.80 20.64 ? 176 HOH A O   1 
HETATM 1082 O O   . HOH C 3 .   ? 2.393   11.676  6.731   0.80 14.36 ? 177 HOH A O   1 
HETATM 1083 O O   . HOH C 3 .   ? -0.418  7.344   11.950  1.00 17.50 ? 178 HOH A O   1 
HETATM 1084 O O   . HOH C 3 .   ? -0.917  -11.023 -4.391  0.80 28.35 ? 179 HOH A O   1 
HETATM 1085 O O   . HOH C 3 .   ? 3.084   -12.168 3.991   1.00 35.54 ? 180 HOH A O   1 
HETATM 1086 O O   . HOH C 3 .   ? 0.349   -9.729  0.113   1.00 37.47 ? 181 HOH A O   1 
HETATM 1087 O O   . HOH C 3 .   ? -1.190  -10.984 -10.441 0.60 23.74 ? 182 HOH A O   1 
HETATM 1088 O O   . HOH C 3 .   ? -8.490  -11.196 -13.594 0.60 9.97  ? 183 HOH A O   1 
HETATM 1089 O O   . HOH C 3 .   ? 2.721   0.308   -0.255  1.00 29.47 ? 184 HOH A O   1 
HETATM 1090 O O   . HOH C 3 .   ? 5.202   -12.041 -6.107  0.80 27.81 ? 185 HOH A O   1 
HETATM 1091 O O   . HOH C 3 .   ? 6.635   -10.168 -18.417 1.00 35.09 ? 186 HOH A O   1 
HETATM 1092 O O   . HOH C 3 .   ? 5.080   -5.106  5.812   1.00 38.05 ? 187 HOH A O   1 
HETATM 1093 O O   . HOH C 3 .   ? 2.589   -11.241 0.406   0.60 32.28 ? 188 HOH A O   1 
HETATM 1094 O O   . HOH C 3 .   ? -8.571  -7.326  9.191   0.60 26.48 ? 189 HOH A O   1 
HETATM 1095 O O   . HOH C 3 .   ? -6.766  -7.887  11.898  0.80 34.94 ? 190 HOH A O   1 
HETATM 1096 O O   . HOH C 3 .   ? -0.885  -11.723 -1.791  1.00 22.89 ? 191 HOH A O   1 
HETATM 1097 O O   . HOH C 3 .   ? -16.656 -0.162  1.736   0.80 27.37 ? 192 HOH A O   1 
HETATM 1098 O O   . HOH C 3 .   ? -0.122  -7.176  0.449   1.00 18.31 ? 193 HOH A O   1 
HETATM 1099 O O   . HOH C 3 .   ? -14.379 -9.668  -9.239  1.00 47.66 ? 194 HOH A O   1 
HETATM 1100 O O   . HOH C 3 .   ? -12.673 2.555   -2.159  0.80 34.83 ? 195 HOH A O   1 
HETATM 1101 O O   . HOH C 3 .   ? -5.828  -2.072  2.838   0.80 16.44 ? 196 HOH A O   1 
HETATM 1102 O O   . HOH C 3 .   ? 13.350  -5.146  -12.121 0.80 13.67 ? 197 HOH A O   1 
HETATM 1103 O O   . HOH C 3 .   ? 16.201  10.137  0.272   0.80 25.86 ? 198 HOH A O   1 
HETATM 1104 O O   . HOH C 3 .   ? -8.738  5.946   -10.956 1.00 34.04 ? 199 HOH A O   1 
HETATM 1105 O O   . HOH C 3 .   ? -7.674  1.095   -10.141 1.00 14.22 ? 200 HOH A O   1 
HETATM 1106 O O   . HOH C 3 .   ? 10.444  -3.026  11.401  1.00 43.71 ? 201 HOH A O   1 
HETATM 1107 O O   . HOH C 3 .   ? 13.414  10.754  -5.368  1.00 13.34 ? 202 HOH A O   1 
HETATM 1108 O O   . HOH C 3 .   ? 7.686   16.355  -1.022  0.80 32.58 ? 203 HOH A O   1 
HETATM 1109 O O   . HOH C 3 .   ? 12.330  -7.805  6.949   1.00 34.32 ? 204 HOH A O   1 
HETATM 1110 O O   . HOH C 3 .   ? 2.141   -1.754  6.392   1.00 48.18 ? 205 HOH A O   1 
HETATM 1111 O O   . HOH C 3 .   ? 4.027   -3.513  8.041   0.80 47.33 ? 206 HOH A O   1 
HETATM 1112 O O   . HOH C 3 .   ? -0.715  -12.124 5.661   1.00 27.65 ? 207 HOH A O   1 
HETATM 1113 O O   . HOH C 3 .   ? -6.275  13.365  6.760   1.00 20.63 ? 208 HOH A O   1 
HETATM 1114 O O   . HOH C 3 .   ? -5.285  7.193   16.688  0.60 25.09 ? 209 HOH A O   1 
HETATM 1115 O O   . HOH C 3 .   ? 4.936   10.001  11.836  1.00 32.05 ? 210 HOH A O   1 
HETATM 1116 O O   . HOH C 3 .   ? 4.221   1.256   9.812   1.00 28.78 ? 211 HOH A O   1 
HETATM 1117 O O   . HOH C 3 .   ? 3.315   -5.602  -0.783  1.00 17.75 ? 212 HOH A O   1 
HETATM 1118 O O   . HOH C 3 .   ? -1.201  14.001  -11.556 1.00 28.46 ? 213 HOH A O   1 
HETATM 1119 O O   . HOH C 3 .   ? -6.485  6.468   -1.890  0.60 13.80 ? 214 HOH A O   1 
HETATM 1120 O O   . HOH C 3 .   ? 2.876   10.577  -9.197  1.00 18.14 ? 215 HOH A O   1 
HETATM 1121 O O   . HOH C 3 .   ? -0.920  -5.779  2.851   1.00 16.63 ? 216 HOH A O   1 
HETATM 1122 O O   . HOH C 3 .   ? -6.792  13.772  13.238  0.80 39.42 ? 217 HOH A O   1 
HETATM 1123 O O   . HOH C 3 .   ? 0.124   3.845   13.120  0.80 29.17 ? 218 HOH A O   1 
HETATM 1124 O O   . HOH C 3 .   ? 0.846   -11.230 -6.476  0.80 18.96 ? 219 HOH A O   1 
HETATM 1125 O O   . HOH C 3 .   ? -4.612  -13.860 -8.686  1.00 16.03 ? 220 HOH A O   1 
HETATM 1126 O O   . HOH C 3 .   ? -14.196 3.062   1.318   0.80 16.62 ? 221 HOH A O   1 
HETATM 1127 O O   . HOH C 3 .   ? 15.418  4.104   -4.437  1.00 20.88 ? 222 HOH A O   1 
HETATM 1128 O O   . HOH C 3 .   ? 1.599   -4.469  2.983   1.00 26.88 ? 223 HOH A O   1 
HETATM 1129 O O   . HOH C 3 .   ? -11.216 -11.837 3.685   1.00 35.86 ? 224 HOH A O   1 
# 
